data_4B7H
#
_entry.id   4B7H
#
_cell.length_a   151.600
_cell.length_b   151.600
_cell.length_c   156.870
_cell.angle_alpha   90.00
_cell.angle_beta   90.00
_cell.angle_gamma   120.00
#
_symmetry.space_group_name_H-M   'P 63'
#
loop_
_entity.id
_entity.type
_entity.pdbx_description
1 polymer CATALASE
2 non-polymer 'PROTOPORPHYRIN IX CONTAINING FE'
3 non-polymer 'NITRIC OXIDE'
4 non-polymer 'CHLORIDE ION'
5 non-polymer 'NADPH DIHYDRO-NICOTINAMIDE-ADENINE-DINUCLEOTIDE PHOSPHATE'
6 non-polymer 2-[BIS-(2-HYDROXY-ETHYL)-AMINO]-2-HYDROXYMETHYL-PROPANE-1,3-DIOL
7 water water
#
_entity_poly.entity_id   1
_entity_poly.type   'polypeptide(L)'
_entity_poly.pdbx_seq_one_letter_code
;SEKSAADQIVDRGMRPKLSGNTTRHNGAPVPSENISATAGPQGPNVLNDIHLIEKLAHFNRENVPERIPHAKGHGAFGEL
HITEDVSEYTKADLFQPGKVTPLAVRFSTVAGEQGSPDTWRDVHGFALRFYTEEGNYDIVGNNTPTFFLRDGMKFPDFIH
SQKRLNKNGLRDADMQWDFWTRAPESAHQVTYLMGDRGTPKTSRHQDGFGSHTFQWINAEGKPVWVKYHFKTRQGWDCFT
DAEAAKVAGENADYQREDLYNAIENGDFPIWDVKVQIMPFEDAENYRWNPFDLTKTWSQKDYPLIPVGYFILNRNPRNFF
AQIEQIALDPGNIVPGVGLSPDRMLQARIFAYADQQRYRIGANYRDLPVNRPINEVNTYSREGSMQYIFDAEGEPSYSPN
RYDKGAGYLDNGTDSSSNHTSYGQADDIYVNPDPHGTDLVRAAYVKHQDDDDFIQPGILYREVLDEGEKERLADNISNAM
QGISEATEPRVYDYWNNVDENLGARVKELYLQKKA
;
_entity_poly.pdbx_strand_id   A,B,C,D
#
loop_
_chem_comp.id
_chem_comp.type
_chem_comp.name
_chem_comp.formula
BTB non-polymer 2-[BIS-(2-HYDROXY-ETHYL)-AMINO]-2-HYDROXYMETHYL-PROPANE-1,3-DIOL 'C8 H19 N O5'
CL non-polymer 'CHLORIDE ION' 'Cl -1'
HEM non-polymer 'PROTOPORPHYRIN IX CONTAINING FE' 'C34 H32 Fe N4 O4'
NDP non-polymer 'NADPH DIHYDRO-NICOTINAMIDE-ADENINE-DINUCLEOTIDE PHOSPHATE' 'C21 H30 N7 O17 P3'
NO non-polymer 'NITRIC OXIDE' 'N O'
#
# COMPACT_ATOMS: atom_id res chain seq x y z
N SER A 1 -18.20 27.00 27.12
CA SER A 1 -17.98 25.86 26.24
C SER A 1 -18.31 26.20 24.80
N GLU A 2 -19.61 26.22 24.54
CA GLU A 2 -20.24 26.20 23.20
C GLU A 2 -20.34 24.77 22.66
N LYS A 3 -21.55 24.22 22.75
CA LYS A 3 -21.85 22.87 22.27
C LYS A 3 -22.08 22.89 20.76
N SER A 4 -21.89 21.75 20.13
CA SER A 4 -22.20 21.60 18.71
C SER A 4 -22.90 20.29 18.50
N ALA A 5 -23.84 20.24 17.56
CA ALA A 5 -24.47 18.98 17.18
C ALA A 5 -23.44 18.01 16.61
N ALA A 6 -22.29 18.54 16.20
CA ALA A 6 -21.23 17.71 15.64
C ALA A 6 -20.31 17.09 16.70
N ASP A 7 -20.53 17.40 17.98
CA ASP A 7 -19.67 16.90 19.07
C ASP A 7 -19.57 15.38 19.09
N GLN A 8 -20.70 14.70 18.89
CA GLN A 8 -20.76 13.24 18.78
C GLN A 8 -19.72 12.74 17.78
N ILE A 9 -19.73 13.33 16.60
CA ILE A 9 -18.86 12.92 15.52
C ILE A 9 -17.39 13.21 15.83
N VAL A 10 -17.10 14.43 16.26
CA VAL A 10 -15.70 14.83 16.43
C VAL A 10 -15.02 14.21 17.66
N ASP A 11 -15.81 13.66 18.58
CA ASP A 11 -15.22 12.99 19.74
C ASP A 11 -14.87 11.53 19.46
N ARG A 12 -15.36 10.96 18.35
CA ARG A 12 -15.07 9.57 17.99
C ARG A 12 -13.57 9.34 17.80
N GLY A 13 -13.03 8.34 18.49
CA GLY A 13 -11.64 7.96 18.28
C GLY A 13 -10.61 8.69 19.11
N MET A 14 -11.05 9.68 19.89
CA MET A 14 -10.14 10.52 20.65
C MET A 14 -9.78 9.92 22.01
N ARG A 15 -8.49 9.83 22.30
CA ARG A 15 -8.01 9.38 23.60
C ARG A 15 -8.26 10.42 24.69
N PRO A 16 -8.38 9.96 25.95
CA PRO A 16 -8.35 10.93 27.04
C PRO A 16 -6.96 11.57 27.16
N LYS A 17 -6.89 12.71 27.82
CA LYS A 17 -5.61 13.31 28.13
C LYS A 17 -4.83 12.37 29.04
N LEU A 18 -3.54 12.17 28.72
CA LEU A 18 -2.69 11.24 29.44
C LEU A 18 -1.51 12.01 30.04
N SER A 19 -0.99 11.49 31.14
CA SER A 19 0.18 12.08 31.77
C SER A 19 1.04 10.97 32.35
N GLY A 20 2.05 11.35 33.13
CA GLY A 20 2.98 10.38 33.67
C GLY A 20 4.08 10.14 32.68
N ASN A 21 4.27 8.88 32.32
CA ASN A 21 5.30 8.52 31.37
C ASN A 21 4.70 7.94 30.11
N THR A 22 5.46 7.96 29.03
CA THR A 22 5.01 7.39 27.77
C THR A 22 5.08 5.86 27.82
N THR A 23 4.35 5.23 26.88
CA THR A 23 4.37 3.79 26.73
C THR A 23 4.69 3.46 25.28
N ARG A 24 5.26 2.28 25.06
CA ARG A 24 5.33 1.74 23.71
C ARG A 24 3.93 1.40 23.21
N HIS A 25 3.83 0.99 21.96
CA HIS A 25 2.51 0.74 21.39
C HIS A 25 1.87 -0.56 21.88
N ASN A 26 2.64 -1.40 22.57
CA ASN A 26 2.07 -2.56 23.27
C ASN A 26 1.62 -2.19 24.68
N GLY A 27 1.85 -0.95 25.10
CA GLY A 27 1.45 -0.51 26.43
C GLY A 27 2.53 -0.59 27.51
N ALA A 28 3.70 -1.13 27.20
CA ALA A 28 4.78 -1.21 28.18
C ALA A 28 5.47 0.14 28.35
N PRO A 29 5.97 0.43 29.56
CA PRO A 29 6.60 1.74 29.80
C PRO A 29 7.83 2.01 28.94
N VAL A 30 7.96 3.26 28.48
CA VAL A 30 9.12 3.70 27.72
C VAL A 30 10.22 4.13 28.67
N PRO A 31 11.43 3.56 28.54
CA PRO A 31 12.51 4.02 29.42
C PRO A 31 12.95 5.47 29.10
N SER A 32 13.23 5.77 27.84
CA SER A 32 13.68 7.11 27.50
C SER A 32 13.20 7.59 26.13
N GLU A 33 12.84 8.87 26.07
CA GLU A 33 12.57 9.54 24.80
C GLU A 33 13.78 10.31 24.32
N ASN A 34 14.88 10.23 25.08
CA ASN A 34 16.06 11.08 24.87
C ASN A 34 17.33 10.36 24.45
N ILE A 35 17.55 9.16 24.97
CA ILE A 35 18.83 8.48 24.78
C ILE A 35 18.58 7.06 24.30
N SER A 36 19.30 6.66 23.25
CA SER A 36 19.18 5.31 22.70
C SER A 36 20.24 4.38 23.29
N ALA A 37 19.98 3.07 23.23
CA ALA A 37 20.82 2.09 23.91
C ALA A 37 22.02 1.66 23.06
N THR A 38 23.20 1.62 23.68
CA THR A 38 24.43 1.27 22.98
C THR A 38 25.19 0.21 23.74
N ALA A 39 26.08 -0.50 23.04
CA ALA A 39 26.93 -1.52 23.68
C ALA A 39 28.17 -0.82 24.19
N GLY A 40 28.08 -0.25 25.39
CA GLY A 40 29.08 0.66 25.93
C GLY A 40 28.73 2.09 25.50
N PRO A 41 29.12 3.09 26.30
CA PRO A 41 28.76 4.48 25.95
C PRO A 41 29.25 4.92 24.56
N GLN A 42 30.41 4.44 24.14
CA GLN A 42 30.95 4.79 22.83
C GLN A 42 30.83 3.62 21.85
N GLY A 43 30.13 2.57 22.27
CA GLY A 43 29.91 1.43 21.40
C GLY A 43 28.80 1.64 20.38
N PRO A 44 28.57 0.64 19.52
CA PRO A 44 27.53 0.75 18.51
C PRO A 44 26.13 0.73 19.11
N ASN A 45 25.20 1.38 18.41
CA ASN A 45 23.80 1.24 18.75
C ASN A 45 23.37 -0.22 18.61
N VAL A 46 22.62 -0.71 19.60
CA VAL A 46 22.10 -2.07 19.53
C VAL A 46 20.84 -2.14 18.67
N LEU A 47 20.64 -3.29 18.02
CA LEU A 47 19.43 -3.52 17.23
C LEU A 47 18.18 -3.47 18.10
N ASN A 48 18.27 -4.00 19.32
CA ASN A 48 17.09 -4.22 20.14
C ASN A 48 16.73 -3.08 21.09
N ASP A 49 16.94 -1.84 20.66
CA ASP A 49 16.28 -0.72 21.31
C ASP A 49 14.88 -0.68 20.69
N ILE A 50 13.94 -1.37 21.33
CA ILE A 50 12.64 -1.60 20.72
C ILE A 50 11.90 -0.28 20.52
N HIS A 51 11.94 0.58 21.52
CA HIS A 51 11.28 1.88 21.41
C HIS A 51 11.90 2.74 20.31
N LEU A 52 13.24 2.75 20.21
CA LEU A 52 13.88 3.55 19.16
C LEU A 52 13.35 3.15 17.78
N ILE A 53 13.34 1.86 17.50
CA ILE A 53 12.94 1.39 16.19
C ILE A 53 11.43 1.66 15.97
N GLU A 54 10.62 1.47 16.99
CA GLU A 54 9.19 1.69 16.86
C GLU A 54 8.89 3.17 16.59
N LYS A 55 9.58 4.04 17.31
CA LYS A 55 9.45 5.48 17.16
C LYS A 55 9.87 5.95 15.77
N LEU A 56 11.04 5.51 15.31
CA LEU A 56 11.52 5.87 13.99
C LEU A 56 10.65 5.30 12.89
N ALA A 57 10.23 4.04 13.04
CA ALA A 57 9.49 3.36 11.99
C ALA A 57 8.08 3.93 11.82
N HIS A 58 7.53 4.41 12.99
CA HIS A 58 6.18 4.91 12.77
C HIS A 58 6.21 6.34 12.21
N PHE A 59 7.28 7.08 12.64
CA PHE A 59 7.60 8.39 12.07
C PHE A 59 7.77 8.28 10.55
N ASN A 60 8.47 7.24 10.10
CA ASN A 60 8.75 7.02 8.68
C ASN A 60 7.50 6.79 7.86
N ARG A 61 6.40 6.45 8.53
CA ARG A 61 5.15 6.10 7.86
C ARG A 61 4.04 7.12 8.12
N GLU A 62 4.39 8.31 8.59
CA GLU A 62 3.37 9.33 8.88
C GLU A 62 2.66 9.85 7.64
N ASN A 63 3.39 10.00 6.54
CA ASN A 63 2.82 10.61 5.35
C ASN A 63 2.03 9.63 4.52
N VAL A 64 0.99 10.15 3.88
CA VAL A 64 0.11 9.39 3.01
C VAL A 64 -0.05 10.21 1.72
N PRO A 65 -0.51 9.59 0.62
CA PRO A 65 -0.69 10.38 -0.59
C PRO A 65 -1.68 11.53 -0.36
N GLU A 66 -1.30 12.73 -0.79
CA GLU A 66 -2.22 13.86 -0.71
C GLU A 66 -3.28 13.69 -1.80
N ARG A 67 -4.42 14.37 -1.67
CA ARG A 67 -5.43 14.36 -2.72
C ARG A 67 -4.89 14.89 -4.03
N ILE A 68 -5.33 14.30 -5.14
CA ILE A 68 -5.19 14.92 -6.45
C ILE A 68 -6.58 15.06 -7.09
N PRO A 69 -7.03 16.30 -7.35
CA PRO A 69 -6.46 17.58 -6.92
C PRO A 69 -7.00 17.96 -5.54
N HIS A 70 -6.92 19.24 -5.18
CA HIS A 70 -7.44 19.77 -3.90
C HIS A 70 -6.62 19.30 -2.70
N ALA A 71 -5.32 19.10 -2.90
CA ALA A 71 -4.43 18.66 -1.82
C ALA A 71 -4.39 19.59 -0.62
N LYS A 72 -4.39 20.90 -0.85
CA LYS A 72 -4.24 21.90 0.20
C LYS A 72 -5.60 22.37 0.71
N GLY A 73 -5.98 21.97 1.91
CA GLY A 73 -7.26 22.37 2.44
C GLY A 73 -7.35 22.29 3.94
N HIS A 74 -8.53 22.58 4.47
CA HIS A 74 -8.75 22.70 5.90
C HIS A 74 -10.24 22.70 6.11
N GLY A 75 -10.68 22.49 7.35
CA GLY A 75 -12.10 22.37 7.54
C GLY A 75 -12.60 22.54 8.95
N ALA A 76 -13.87 22.19 9.14
CA ALA A 76 -14.55 22.42 10.40
C ALA A 76 -15.82 21.61 10.42
N PHE A 77 -16.54 21.71 11.54
CA PHE A 77 -17.77 20.96 11.73
C PHE A 77 -18.84 21.93 12.19
N GLY A 78 -20.10 21.53 12.07
CA GLY A 78 -21.18 22.44 12.37
C GLY A 78 -22.55 21.82 12.21
N GLU A 79 -23.52 22.64 11.82
CA GLU A 79 -24.94 22.27 11.85
C GLU A 79 -25.68 22.85 10.66
N LEU A 80 -26.53 22.02 10.07
CA LEU A 80 -27.49 22.47 9.06
C LEU A 80 -28.85 22.63 9.73
N HIS A 81 -29.47 23.80 9.55
CA HIS A 81 -30.80 24.08 10.11
C HIS A 81 -31.81 24.38 8.99
N ILE A 82 -32.86 23.57 8.90
CA ILE A 82 -33.91 23.84 7.92
C ILE A 82 -34.92 24.84 8.47
N THR A 83 -35.25 25.86 7.67
CA THR A 83 -36.16 26.92 8.10
C THR A 83 -37.37 27.12 7.16
N GLU A 84 -37.35 26.40 6.04
CA GLU A 84 -38.45 26.47 5.07
C GLU A 84 -39.04 25.08 4.85
N ASP A 85 -40.20 25.01 4.19
CA ASP A 85 -40.80 23.74 3.83
C ASP A 85 -40.57 23.44 2.35
N VAL A 86 -39.64 22.53 2.05
CA VAL A 86 -39.38 22.10 0.67
C VAL A 86 -39.87 20.68 0.42
N SER A 87 -40.74 20.18 1.30
CA SER A 87 -41.24 18.82 1.21
C SER A 87 -42.03 18.53 -0.07
N GLU A 88 -42.57 19.56 -0.72
CA GLU A 88 -43.24 19.33 -1.99
CA GLU A 88 -43.23 19.35 -2.00
C GLU A 88 -42.23 18.91 -3.07
N TYR A 89 -40.96 19.27 -2.88
CA TYR A 89 -39.93 18.98 -3.87
C TYR A 89 -39.02 17.79 -3.57
N THR A 90 -38.74 17.56 -2.29
CA THR A 90 -37.83 16.46 -1.92
C THR A 90 -38.26 15.77 -0.64
N LYS A 91 -38.06 14.46 -0.60
CA LYS A 91 -38.31 13.67 0.59
C LYS A 91 -37.03 13.43 1.38
N ALA A 92 -35.92 14.02 0.93
CA ALA A 92 -34.64 13.78 1.61
C ALA A 92 -34.76 14.18 3.08
N ASP A 93 -34.40 13.25 3.98
CA ASP A 93 -34.66 13.45 5.40
C ASP A 93 -34.08 14.75 5.95
N LEU A 94 -32.84 15.05 5.61
CA LEU A 94 -32.16 16.21 6.18
C LEU A 94 -32.82 17.54 5.77
N PHE A 95 -33.63 17.52 4.71
CA PHE A 95 -34.23 18.76 4.19
C PHE A 95 -35.67 18.96 4.65
N GLN A 96 -36.20 18.05 5.47
CA GLN A 96 -37.57 18.17 5.97
C GLN A 96 -37.70 19.28 7.02
N PRO A 97 -38.93 19.81 7.20
CA PRO A 97 -39.09 20.98 8.09
C PRO A 97 -38.49 20.80 9.48
N GLY A 98 -37.79 21.82 9.94
CA GLY A 98 -37.25 21.83 11.28
C GLY A 98 -36.01 20.98 11.54
N LYS A 99 -35.56 20.19 10.56
CA LYS A 99 -34.45 19.27 10.78
C LYS A 99 -33.15 20.00 11.10
N VAL A 100 -32.40 19.48 12.07
CA VAL A 100 -31.06 19.98 12.39
C VAL A 100 -30.10 18.81 12.21
N THR A 101 -29.08 19.00 11.38
CA THR A 101 -28.18 17.90 11.00
C THR A 101 -26.72 18.29 11.21
N PRO A 102 -25.92 17.41 11.86
CA PRO A 102 -24.49 17.73 11.98
C PRO A 102 -23.81 17.73 10.61
N LEU A 103 -22.76 18.54 10.47
CA LEU A 103 -22.03 18.59 9.22
C LEU A 103 -20.52 18.68 9.41
N ALA A 104 -19.81 18.30 8.36
CA ALA A 104 -18.38 18.58 8.21
C ALA A 104 -18.22 19.41 6.94
N VAL A 105 -17.15 20.19 6.87
CA VAL A 105 -16.81 20.91 5.65
C VAL A 105 -15.32 20.89 5.45
N ARG A 106 -14.87 20.80 4.19
CA ARG A 106 -13.47 21.04 3.85
C ARG A 106 -13.42 22.05 2.72
N PHE A 107 -12.58 23.08 2.92
CA PHE A 107 -12.30 24.07 1.90
C PHE A 107 -10.90 23.81 1.37
N SER A 108 -10.60 24.26 0.16
CA SER A 108 -9.32 23.91 -0.44
C SER A 108 -9.02 24.79 -1.65
N THR A 109 -7.78 24.73 -2.11
CA THR A 109 -7.45 25.16 -3.47
C THR A 109 -7.51 23.91 -4.35
N VAL A 110 -7.03 24.01 -5.59
CA VAL A 110 -7.10 22.88 -6.52
C VAL A 110 -5.73 22.34 -6.96
N ALA A 111 -4.90 23.20 -7.52
CA ALA A 111 -3.66 22.77 -8.19
C ALA A 111 -2.49 22.47 -7.27
N GLY A 112 -2.31 23.30 -6.25
CA GLY A 112 -1.14 23.19 -5.41
C GLY A 112 -1.09 21.96 -4.52
N GLU A 113 0.11 21.59 -4.09
CA GLU A 113 0.32 20.46 -3.19
C GLU A 113 0.11 20.87 -1.74
N GLN A 114 0.37 19.92 -0.85
N GLN A 114 0.18 19.94 -0.81
CA GLN A 114 0.13 20.05 0.58
CA GLN A 114 0.01 20.34 0.59
C GLN A 114 0.68 21.27 1.30
C GLN A 114 1.17 21.30 0.94
N GLY A 115 1.79 21.82 0.82
N GLY A 115 0.94 22.25 1.82
CA GLY A 115 2.45 22.88 1.55
CA GLY A 115 1.97 23.26 2.05
C GLY A 115 2.27 24.24 0.91
C GLY A 115 1.93 24.45 1.10
N SER A 116 1.46 24.26 -0.15
CA SER A 116 1.34 25.41 -1.06
C SER A 116 0.38 26.45 -0.49
N PRO A 117 0.45 27.70 -0.97
CA PRO A 117 -0.37 28.76 -0.35
C PRO A 117 -1.87 28.70 -0.62
N ASP A 118 -2.64 29.03 0.40
CA ASP A 118 -4.10 29.13 0.29
C ASP A 118 -4.52 30.21 -0.70
N THR A 119 -3.67 31.22 -0.93
CA THR A 119 -4.10 32.37 -1.72
C THR A 119 -3.45 32.50 -3.10
N TRP A 120 -2.93 31.38 -3.62
CA TRP A 120 -2.68 31.32 -5.06
C TRP A 120 -4.03 31.52 -5.75
N ARG A 121 -4.05 32.18 -6.91
CA ARG A 121 -5.26 32.25 -7.71
C ARG A 121 -5.69 30.83 -8.07
N ASP A 122 -6.93 30.50 -7.77
CA ASP A 122 -7.44 29.16 -8.01
C ASP A 122 -8.91 29.12 -7.68
N VAL A 123 -9.59 28.10 -8.21
CA VAL A 123 -10.90 27.72 -7.69
C VAL A 123 -10.69 27.28 -6.23
N HIS A 124 -11.70 27.52 -5.38
CA HIS A 124 -11.67 26.93 -4.05
C HIS A 124 -12.76 25.91 -3.85
N GLY A 125 -12.37 24.76 -3.34
CA GLY A 125 -13.30 23.71 -3.00
C GLY A 125 -14.17 24.10 -1.82
N PHE A 126 -15.40 23.60 -1.82
CA PHE A 126 -16.41 23.95 -0.83
C PHE A 126 -17.21 22.64 -0.64
N ALA A 127 -16.68 21.75 0.19
CA ALA A 127 -17.16 20.38 0.25
C ALA A 127 -17.81 20.04 1.58
N LEU A 128 -19.11 19.76 1.53
CA LEU A 128 -19.92 19.54 2.72
C LEU A 128 -20.30 18.09 2.89
N ARG A 129 -20.30 17.62 4.15
CA ARG A 129 -20.93 16.35 4.52
C ARG A 129 -22.03 16.64 5.52
N PHE A 130 -23.21 16.10 5.26
CA PHE A 130 -24.30 16.12 6.23
C PHE A 130 -24.49 14.72 6.78
N TYR A 131 -24.36 14.59 8.10
CA TYR A 131 -24.50 13.29 8.75
C TYR A 131 -25.99 13.04 9.01
N THR A 132 -26.70 12.60 7.97
CA THR A 132 -28.17 12.48 8.05
C THR A 132 -28.60 11.14 8.64
N GLU A 133 -29.88 11.07 9.00
CA GLU A 133 -30.45 9.85 9.57
CA GLU A 133 -30.46 9.86 9.57
C GLU A 133 -30.61 8.75 8.53
N GLU A 134 -30.47 9.11 7.25
CA GLU A 134 -30.54 8.12 6.17
C GLU A 134 -29.19 8.00 5.46
N GLY A 135 -28.13 8.37 6.16
CA GLY A 135 -26.77 8.23 5.66
C GLY A 135 -26.06 9.55 5.47
N ASN A 136 -24.76 9.49 5.17
CA ASN A 136 -23.98 10.69 4.90
C ASN A 136 -24.33 11.20 3.51
N TYR A 137 -24.77 12.46 3.44
CA TYR A 137 -25.04 13.12 2.18
C TYR A 137 -23.98 14.19 1.98
N ASP A 138 -23.12 14.00 0.97
CA ASP A 138 -22.08 14.97 0.71
C ASP A 138 -22.45 15.81 -0.49
N ILE A 139 -22.31 17.13 -0.36
CA ILE A 139 -22.36 18.01 -1.51
C ILE A 139 -20.96 18.58 -1.69
N VAL A 140 -20.24 17.99 -2.63
CA VAL A 140 -18.84 18.32 -2.83
C VAL A 140 -18.81 19.40 -3.90
N GLY A 141 -18.89 20.65 -3.45
CA GLY A 141 -19.01 21.77 -4.35
C GLY A 141 -17.75 22.61 -4.47
N ASN A 142 -17.88 23.74 -5.16
CA ASN A 142 -16.80 24.71 -5.32
C ASN A 142 -17.36 26.11 -5.07
N ASN A 143 -16.48 27.11 -5.03
CA ASN A 143 -16.91 28.50 -4.89
C ASN A 143 -17.30 29.17 -6.22
N THR A 144 -17.65 28.34 -7.22
CA THR A 144 -18.13 28.78 -8.53
C THR A 144 -19.34 27.94 -8.94
N PRO A 145 -20.30 28.58 -9.62
CA PRO A 145 -21.52 27.89 -10.06
C PRO A 145 -21.28 27.03 -11.31
N THR A 146 -20.08 27.08 -11.86
CA THR A 146 -19.78 26.40 -13.12
C THR A 146 -18.39 25.74 -13.03
N PHE A 147 -17.87 25.22 -14.15
CA PHE A 147 -16.53 24.62 -14.15
C PHE A 147 -15.98 24.62 -15.56
N PHE A 148 -14.74 24.14 -15.71
CA PHE A 148 -13.96 24.30 -16.92
C PHE A 148 -14.35 23.37 -18.07
N LEU A 149 -15.05 22.27 -17.77
CA LEU A 149 -15.23 21.20 -18.74
C LEU A 149 -16.62 20.60 -18.65
N ARG A 150 -17.03 19.88 -19.69
CA ARG A 150 -18.33 19.20 -19.69
C ARG A 150 -18.21 17.70 -19.93
N ASP A 151 -16.98 17.17 -19.85
CA ASP A 151 -16.81 15.74 -19.99
C ASP A 151 -15.64 15.28 -19.14
N GLY A 152 -15.88 14.27 -18.31
CA GLY A 152 -14.86 13.76 -17.41
C GLY A 152 -13.64 13.21 -18.11
N MET A 153 -13.79 12.80 -19.37
CA MET A 153 -12.67 12.32 -20.15
C MET A 153 -11.53 13.35 -20.18
N LYS A 154 -11.89 14.63 -20.09
CA LYS A 154 -10.92 15.72 -20.20
C LYS A 154 -10.34 16.18 -18.87
N PHE A 155 -10.87 15.68 -17.76
CA PHE A 155 -10.49 16.19 -16.45
C PHE A 155 -9.00 15.99 -16.11
N PRO A 156 -8.44 14.77 -16.34
CA PRO A 156 -7.01 14.63 -16.05
C PRO A 156 -6.13 15.52 -16.93
N ASP A 157 -6.57 15.83 -18.15
CA ASP A 157 -5.82 16.76 -18.99
C ASP A 157 -5.78 18.15 -18.37
N PHE A 158 -6.93 18.63 -17.92
CA PHE A 158 -6.98 19.93 -17.30
C PHE A 158 -6.11 19.97 -16.04
N ILE A 159 -6.27 18.98 -15.16
CA ILE A 159 -5.51 18.99 -13.91
C ILE A 159 -4.00 18.88 -14.17
N HIS A 160 -3.50 17.87 -15.09
CA HIS A 160 -2.07 17.98 -15.40
C HIS A 160 -1.73 19.37 -15.92
N SER A 161 -2.50 20.02 -16.70
CA SER A 161 -2.08 21.30 -17.26
C SER A 161 -1.93 22.38 -16.19
N GLN A 162 -2.63 22.21 -15.08
CA GLN A 162 -2.55 23.11 -13.93
C GLN A 162 -1.45 22.79 -12.94
N LYS A 163 -0.83 21.61 -13.10
CA LYS A 163 0.21 21.13 -12.20
C LYS A 163 1.59 21.30 -12.85
N ARG A 164 2.51 20.37 -12.66
CA ARG A 164 3.91 20.60 -13.03
C ARG A 164 4.33 19.86 -14.29
N LEU A 165 5.17 20.51 -15.08
CA LEU A 165 5.78 19.88 -16.24
C LEU A 165 6.52 18.61 -15.84
N ASN A 166 6.44 17.58 -16.69
CA ASN A 166 7.09 16.32 -16.35
C ASN A 166 8.61 16.42 -16.26
N LYS A 167 9.22 17.29 -17.05
CA LYS A 167 10.68 17.31 -17.10
C LYS A 167 11.33 17.92 -15.86
N ASN A 168 10.74 18.97 -15.30
CA ASN A 168 11.44 19.79 -14.31
C ASN A 168 10.66 20.15 -13.05
N GLY A 169 9.43 19.65 -12.94
CA GLY A 169 8.64 19.93 -11.76
C GLY A 169 8.22 21.38 -11.58
N LEU A 170 8.16 22.14 -12.67
CA LEU A 170 7.70 23.54 -12.60
C LEU A 170 6.29 23.68 -13.16
N ARG A 171 5.44 24.47 -12.51
CA ARG A 171 4.18 24.89 -13.10
C ARG A 171 4.50 25.80 -14.30
N ASP A 172 3.56 25.97 -15.21
CA ASP A 172 3.90 26.58 -16.48
C ASP A 172 2.72 27.29 -17.13
N ALA A 173 2.89 28.59 -17.34
CA ALA A 173 1.85 29.41 -17.96
C ALA A 173 1.51 28.97 -19.38
N ASP A 174 2.51 28.63 -20.17
CA ASP A 174 2.23 28.22 -21.54
C ASP A 174 1.34 26.99 -21.56
N MET A 175 1.65 26.01 -20.72
CA MET A 175 0.84 24.82 -20.63
C MET A 175 -0.61 25.12 -20.22
N GLN A 176 -0.78 26.01 -19.24
CA GLN A 176 -2.13 26.33 -18.78
C GLN A 176 -2.97 26.95 -19.89
N TRP A 177 -2.38 27.89 -20.61
CA TRP A 177 -3.11 28.60 -21.66
C TRP A 177 -3.22 27.77 -22.94
N ASP A 178 -2.23 26.94 -23.23
CA ASP A 178 -2.32 26.04 -24.37
C ASP A 178 -3.54 25.14 -24.19
N PHE A 179 -3.69 24.56 -22.99
CA PHE A 179 -4.83 23.71 -22.73
C PHE A 179 -6.13 24.50 -22.80
N TRP A 180 -6.20 25.62 -22.08
CA TRP A 180 -7.44 26.39 -22.03
C TRP A 180 -7.92 26.84 -23.40
N THR A 181 -7.02 27.37 -24.23
CA THR A 181 -7.42 27.81 -25.57
C THR A 181 -7.76 26.68 -26.51
N ARG A 182 -7.19 25.49 -26.28
CA ARG A 182 -7.52 24.34 -27.11
C ARG A 182 -8.76 23.61 -26.60
N ALA A 183 -9.20 23.97 -25.39
CA ALA A 183 -10.44 23.46 -24.81
C ALA A 183 -11.33 24.64 -24.48
N PRO A 184 -11.88 25.31 -25.52
CA PRO A 184 -12.59 26.58 -25.34
C PRO A 184 -13.85 26.47 -24.49
N GLU A 185 -14.33 25.26 -24.23
CA GLU A 185 -15.42 25.09 -23.26
C GLU A 185 -15.04 25.66 -21.88
N SER A 186 -13.73 25.83 -21.66
CA SER A 186 -13.18 26.41 -20.42
C SER A 186 -13.48 27.91 -20.23
N ALA A 187 -13.95 28.59 -21.26
CA ALA A 187 -14.04 30.04 -21.22
C ALA A 187 -14.91 30.58 -20.08
N HIS A 188 -16.04 29.93 -19.80
CA HIS A 188 -16.90 30.43 -18.74
C HIS A 188 -16.16 30.46 -17.40
N GLN A 189 -15.60 29.32 -17.02
CA GLN A 189 -14.95 29.25 -15.72
C GLN A 189 -13.64 30.05 -15.68
N VAL A 190 -12.91 30.11 -16.78
CA VAL A 190 -11.68 30.90 -16.77
C VAL A 190 -11.99 32.39 -16.56
N THR A 191 -13.10 32.87 -17.14
CA THR A 191 -13.50 34.25 -16.92
C THR A 191 -13.83 34.49 -15.44
N TYR A 192 -14.52 33.54 -14.82
CA TYR A 192 -14.82 33.62 -13.39
C TYR A 192 -13.54 33.59 -12.55
N LEU A 193 -12.64 32.67 -12.89
CA LEU A 193 -11.39 32.47 -12.18
C LEU A 193 -10.47 33.70 -12.26
N MET A 194 -10.44 34.34 -13.42
CA MET A 194 -9.51 35.43 -13.65
C MET A 194 -10.03 36.77 -13.09
N GLY A 195 -11.27 36.77 -12.62
CA GLY A 195 -11.85 37.96 -12.00
C GLY A 195 -11.53 38.03 -10.52
N ASP A 196 -12.23 38.91 -9.81
CA ASP A 196 -11.96 39.11 -8.39
C ASP A 196 -12.11 37.80 -7.60
N ARG A 197 -13.06 36.97 -8.00
CA ARG A 197 -13.38 35.76 -7.24
C ARG A 197 -12.32 34.66 -7.31
N GLY A 198 -11.33 34.84 -8.18
CA GLY A 198 -10.19 33.94 -8.20
C GLY A 198 -9.35 34.04 -6.93
N THR A 199 -9.51 35.15 -6.20
CA THR A 199 -8.73 35.37 -4.99
C THR A 199 -9.56 35.85 -3.80
N PRO A 200 -10.48 35.00 -3.32
CA PRO A 200 -11.25 35.37 -2.12
C PRO A 200 -10.30 35.47 -0.92
N LYS A 201 -10.56 36.39 0.00
CA LYS A 201 -9.64 36.57 1.13
C LYS A 201 -9.63 35.37 2.07
N THR A 202 -10.80 34.81 2.34
CA THR A 202 -10.93 33.72 3.31
C THR A 202 -11.89 32.66 2.80
N SER A 203 -11.99 31.57 3.54
CA SER A 203 -13.00 30.56 3.26
C SER A 203 -14.40 31.02 3.63
N ARG A 204 -14.50 31.98 4.54
CA ARG A 204 -15.78 32.46 5.05
C ARG A 204 -16.41 33.50 4.13
N HIS A 205 -15.57 34.14 3.32
CA HIS A 205 -16.00 35.25 2.46
C HIS A 205 -16.14 34.85 1.00
N GLN A 206 -16.80 33.72 0.78
CA GLN A 206 -17.09 33.23 -0.58
C GLN A 206 -18.38 32.43 -0.50
N ASP A 207 -19.13 32.41 -1.60
CA ASP A 207 -20.26 31.52 -1.73
C ASP A 207 -19.75 30.10 -2.01
N GLY A 208 -20.64 29.13 -1.82
CA GLY A 208 -20.42 27.79 -2.31
C GLY A 208 -21.53 27.41 -3.27
N PHE A 209 -21.27 26.42 -4.12
CA PHE A 209 -22.27 25.95 -5.09
C PHE A 209 -22.11 24.46 -5.31
N GLY A 210 -23.20 23.75 -5.57
CA GLY A 210 -23.09 22.37 -6.00
C GLY A 210 -22.58 22.28 -7.43
N SER A 211 -22.75 23.39 -8.15
CA SER A 211 -22.38 23.56 -9.57
C SER A 211 -23.23 22.72 -10.53
N HIS A 212 -23.18 21.40 -10.40
CA HIS A 212 -23.99 20.52 -11.25
C HIS A 212 -25.47 20.65 -11.00
N THR A 213 -26.25 20.33 -12.02
CA THR A 213 -27.65 20.00 -11.84
C THR A 213 -27.77 18.65 -11.14
N PHE A 214 -28.51 18.64 -10.05
CA PHE A 214 -28.90 17.41 -9.36
C PHE A 214 -30.40 17.22 -9.50
N GLN A 215 -30.92 16.14 -8.91
CA GLN A 215 -32.35 15.92 -8.94
C GLN A 215 -32.89 15.80 -7.51
N TRP A 216 -34.09 16.34 -7.28
CA TRP A 216 -34.82 16.14 -6.05
C TRP A 216 -36.06 15.33 -6.40
N ILE A 217 -36.37 14.35 -5.56
CA ILE A 217 -37.58 13.54 -5.76
C ILE A 217 -38.40 13.58 -4.47
N ASN A 218 -39.69 13.86 -4.60
CA ASN A 218 -40.57 13.95 -3.43
C ASN A 218 -41.14 12.57 -3.03
N ALA A 219 -41.98 12.56 -2.00
CA ALA A 219 -42.51 11.31 -1.47
C ALA A 219 -43.35 10.56 -2.49
N GLU A 220 -43.95 11.28 -3.43
CA GLU A 220 -44.81 10.68 -4.43
CA GLU A 220 -44.80 10.67 -4.43
C GLU A 220 -44.02 10.21 -5.66
N GLY A 221 -42.71 10.51 -5.66
CA GLY A 221 -41.82 10.05 -6.73
C GLY A 221 -41.65 11.01 -7.89
N LYS A 222 -42.14 12.24 -7.72
CA LYS A 222 -42.03 13.26 -8.76
C LYS A 222 -40.68 13.94 -8.67
N PRO A 223 -39.97 14.05 -9.81
CA PRO A 223 -38.66 14.68 -9.83
C PRO A 223 -38.70 16.15 -10.27
N VAL A 224 -37.78 16.95 -9.73
CA VAL A 224 -37.46 18.27 -10.26
C VAL A 224 -35.93 18.36 -10.35
N TRP A 225 -35.43 19.20 -11.26
CA TRP A 225 -33.99 19.44 -11.33
C TRP A 225 -33.62 20.57 -10.39
N VAL A 226 -32.48 20.46 -9.71
CA VAL A 226 -32.07 21.50 -8.77
C VAL A 226 -30.60 21.87 -8.89
N LYS A 227 -30.27 23.11 -8.50
CA LYS A 227 -28.90 23.54 -8.27
C LYS A 227 -28.80 24.16 -6.88
N TYR A 228 -27.74 23.80 -6.15
CA TYR A 228 -27.51 24.31 -4.82
C TYR A 228 -26.66 25.57 -4.82
N HIS A 229 -27.06 26.52 -4.00
CA HIS A 229 -26.35 27.76 -3.77
C HIS A 229 -26.19 28.00 -2.29
N PHE A 230 -24.97 28.19 -1.83
CA PHE A 230 -24.69 28.47 -0.43
C PHE A 230 -24.19 29.90 -0.33
N LYS A 231 -25.07 30.79 0.15
CA LYS A 231 -24.81 32.23 0.05
C LYS A 231 -24.20 32.76 1.35
N THR A 232 -22.97 33.24 1.26
CA THR A 232 -22.24 33.61 2.46
C THR A 232 -22.85 34.81 3.19
N ARG A 233 -23.07 34.65 4.49
CA ARG A 233 -23.55 35.77 5.29
C ARG A 233 -22.44 36.77 5.61
N GLN A 234 -21.19 36.33 5.43
CA GLN A 234 -20.04 37.19 5.66
C GLN A 234 -19.77 38.09 4.44
N GLY A 235 -20.28 37.66 3.29
CA GLY A 235 -20.16 38.39 2.04
C GLY A 235 -18.89 38.04 1.28
N TRP A 236 -18.95 38.09 -0.05
CA TRP A 236 -17.75 37.98 -0.88
C TRP A 236 -16.78 39.09 -0.50
N ASP A 237 -15.52 38.73 -0.31
CA ASP A 237 -14.48 39.71 -0.04
C ASP A 237 -13.21 39.18 -0.70
N CYS A 238 -12.63 39.96 -1.61
CA CYS A 238 -11.54 39.45 -2.45
C CYS A 238 -10.29 40.31 -2.38
N PHE A 239 -9.13 39.64 -2.42
CA PHE A 239 -7.84 40.30 -2.62
C PHE A 239 -7.75 40.71 -4.08
N THR A 240 -6.91 41.71 -4.37
CA THR A 240 -6.46 41.91 -5.73
C THR A 240 -5.40 40.84 -6.06
N ASP A 241 -5.00 40.76 -7.31
CA ASP A 241 -3.95 39.82 -7.73
C ASP A 241 -2.69 40.06 -6.91
N ALA A 242 -2.29 41.32 -6.78
CA ALA A 242 -1.08 41.67 -6.04
C ALA A 242 -1.18 41.34 -4.55
N GLU A 243 -2.31 41.67 -3.95
CA GLU A 243 -2.52 41.39 -2.53
C GLU A 243 -2.45 39.90 -2.23
N ALA A 244 -3.10 39.10 -3.05
CA ALA A 244 -3.15 37.66 -2.85
C ALA A 244 -1.75 37.05 -2.92
N ALA A 245 -0.94 37.53 -3.86
CA ALA A 245 0.43 37.04 -4.01
C ALA A 245 1.29 37.44 -2.82
N LYS A 246 1.10 38.65 -2.31
CA LYS A 246 1.82 39.07 -1.11
C LYS A 246 1.46 38.19 0.09
N VAL A 247 0.17 37.94 0.29
CA VAL A 247 -0.28 37.08 1.37
C VAL A 247 0.23 35.65 1.22
N ALA A 248 0.32 35.17 -0.01
CA ALA A 248 0.82 33.81 -0.26
C ALA A 248 2.21 33.62 0.35
N GLY A 249 3.03 34.67 0.28
CA GLY A 249 4.36 34.63 0.85
C GLY A 249 4.39 34.85 2.36
N GLU A 250 3.52 35.73 2.85
CA GLU A 250 3.50 36.08 4.27
C GLU A 250 2.91 34.98 5.15
N ASN A 251 1.85 34.35 4.65
CA ASN A 251 1.22 33.26 5.37
C ASN A 251 0.58 32.31 4.39
N ALA A 252 1.29 31.22 4.08
CA ALA A 252 0.79 30.23 3.14
C ALA A 252 -0.49 29.57 3.65
N ASP A 253 -0.75 29.68 4.95
CA ASP A 253 -1.91 29.07 5.56
C ASP A 253 -2.92 30.12 6.02
N TYR A 254 -2.95 31.25 5.31
CA TYR A 254 -3.80 32.37 5.69
C TYR A 254 -5.25 31.98 5.93
N GLN A 255 -5.81 31.17 5.04
CA GLN A 255 -7.22 30.83 5.12
C GLN A 255 -7.48 29.74 6.16
N ARG A 256 -6.57 28.77 6.23
CA ARG A 256 -6.61 27.75 7.28
C ARG A 256 -6.61 28.43 8.65
N GLU A 257 -5.68 29.36 8.84
CA GLU A 257 -5.56 30.04 10.12
C GLU A 257 -6.78 30.92 10.39
N ASP A 258 -7.28 31.60 9.36
CA ASP A 258 -8.45 32.44 9.53
C ASP A 258 -9.66 31.66 10.04
N LEU A 259 -9.91 30.49 9.43
CA LEU A 259 -11.09 29.72 9.82
C LEU A 259 -10.95 29.17 11.24
N TYR A 260 -9.75 28.67 11.58
CA TYR A 260 -9.48 28.18 12.93
C TYR A 260 -9.73 29.28 13.95
N ASN A 261 -9.14 30.45 13.70
CA ASN A 261 -9.27 31.57 14.62
C ASN A 261 -10.71 32.06 14.75
N ALA A 262 -11.43 32.14 13.63
CA ALA A 262 -12.81 32.60 13.66
C ALA A 262 -13.65 31.72 14.58
N ILE A 263 -13.50 30.41 14.42
CA ILE A 263 -14.28 29.49 15.23
C ILE A 263 -13.84 29.50 16.70
N GLU A 264 -12.53 29.58 16.93
CA GLU A 264 -12.02 29.65 18.30
C GLU A 264 -12.55 30.89 19.04
N ASN A 265 -12.74 31.98 18.28
CA ASN A 265 -13.17 33.24 18.85
C ASN A 265 -14.69 33.37 18.92
N GLY A 266 -15.42 32.36 18.46
CA GLY A 266 -16.87 32.38 18.52
C GLY A 266 -17.52 33.13 17.36
N ASP A 267 -16.73 33.51 16.36
CA ASP A 267 -17.26 34.21 15.20
CA ASP A 267 -17.25 34.20 15.19
C ASP A 267 -17.65 33.17 14.13
N PHE A 268 -18.70 32.42 14.42
CA PHE A 268 -19.08 31.29 13.58
C PHE A 268 -19.62 31.74 12.23
N PRO A 269 -18.99 31.31 11.13
CA PRO A 269 -19.48 31.70 9.81
C PRO A 269 -20.75 30.95 9.41
N ILE A 270 -21.63 31.64 8.70
CA ILE A 270 -22.93 31.11 8.31
C ILE A 270 -23.13 31.28 6.81
N TRP A 271 -23.80 30.31 6.19
CA TRP A 271 -24.24 30.41 4.80
C TRP A 271 -25.72 30.11 4.72
N ASP A 272 -26.45 30.89 3.94
CA ASP A 272 -27.84 30.56 3.65
C ASP A 272 -27.93 29.54 2.51
N VAL A 273 -28.66 28.45 2.75
CA VAL A 273 -28.82 27.37 1.78
C VAL A 273 -30.03 27.64 0.90
N LYS A 274 -29.80 27.74 -0.40
CA LYS A 274 -30.88 28.01 -1.35
C LYS A 274 -30.75 27.07 -2.55
N VAL A 275 -31.84 26.90 -3.28
CA VAL A 275 -31.82 26.12 -4.51
C VAL A 275 -32.49 26.85 -5.65
N GLN A 276 -32.04 26.57 -6.86
CA GLN A 276 -32.82 26.83 -8.06
C GLN A 276 -33.57 25.54 -8.35
N ILE A 277 -34.84 25.66 -8.74
CA ILE A 277 -35.66 24.49 -9.04
C ILE A 277 -36.22 24.61 -10.44
N MET A 278 -35.81 23.70 -11.32
CA MET A 278 -36.33 23.65 -12.68
C MET A 278 -37.28 22.47 -12.84
N PRO A 279 -38.56 22.76 -13.14
CA PRO A 279 -39.51 21.65 -13.38
C PRO A 279 -38.96 20.68 -14.42
N PHE A 280 -39.22 19.39 -14.22
CA PHE A 280 -38.71 18.35 -15.11
C PHE A 280 -39.06 18.65 -16.56
N GLU A 281 -40.28 19.13 -16.80
CA GLU A 281 -40.74 19.40 -18.16
C GLU A 281 -40.15 20.67 -18.81
N ASP A 282 -39.48 21.50 -18.00
CA ASP A 282 -38.82 22.71 -18.51
C ASP A 282 -37.50 22.41 -19.20
N ALA A 283 -36.90 21.28 -18.87
CA ALA A 283 -35.52 20.98 -19.29
C ALA A 283 -35.26 21.01 -20.79
N GLU A 284 -36.11 20.38 -21.59
CA GLU A 284 -35.84 20.25 -23.01
CA GLU A 284 -35.87 20.25 -23.03
C GLU A 284 -35.86 21.58 -23.76
N ASN A 285 -36.65 22.54 -23.29
CA ASN A 285 -36.78 23.82 -24.00
C ASN A 285 -36.02 25.00 -23.38
N TYR A 286 -35.20 24.74 -22.35
CA TYR A 286 -34.41 25.84 -21.79
C TYR A 286 -33.44 26.35 -22.84
N ARG A 287 -33.15 27.65 -22.81
CA ARG A 287 -32.28 28.26 -23.83
C ARG A 287 -30.87 27.67 -23.82
N TRP A 288 -30.45 27.15 -22.67
CA TRP A 288 -29.17 26.45 -22.53
C TRP A 288 -29.41 25.00 -22.15
N ASN A 289 -28.48 24.12 -22.50
CA ASN A 289 -28.57 22.75 -22.05
C ASN A 289 -28.48 22.73 -20.52
N PRO A 290 -29.50 22.18 -19.84
CA PRO A 290 -29.55 22.31 -18.38
C PRO A 290 -28.62 21.35 -17.64
N PHE A 291 -27.95 20.48 -18.38
CA PHE A 291 -27.08 19.46 -17.79
C PHE A 291 -25.60 19.68 -18.12
N ASP A 292 -25.32 20.75 -18.86
CA ASP A 292 -23.96 21.13 -19.25
C ASP A 292 -23.38 21.96 -18.12
N LEU A 293 -22.39 21.41 -17.42
CA LEU A 293 -21.77 22.06 -16.28
C LEU A 293 -21.23 23.46 -16.59
N THR A 294 -20.82 23.67 -17.85
CA THR A 294 -20.30 24.97 -18.27
C THR A 294 -21.40 26.02 -18.47
N LYS A 295 -22.66 25.62 -18.26
CA LYS A 295 -23.80 26.52 -18.39
C LYS A 295 -24.50 26.71 -17.05
N THR A 296 -24.53 27.93 -16.55
CA THR A 296 -25.35 28.24 -15.38
C THR A 296 -26.81 28.43 -15.79
N TRP A 297 -27.73 28.22 -14.85
CA TRP A 297 -29.13 28.58 -15.06
C TRP A 297 -29.28 30.02 -14.63
N SER A 298 -29.81 30.87 -15.51
CA SER A 298 -30.00 32.27 -15.14
C SER A 298 -30.93 32.41 -13.92
N GLN A 299 -30.53 33.25 -12.97
CA GLN A 299 -31.33 33.50 -11.78
C GLN A 299 -32.54 34.37 -12.10
N LYS A 300 -32.58 34.91 -13.32
CA LYS A 300 -33.77 35.61 -13.79
C LYS A 300 -34.83 34.60 -14.22
N ASP A 301 -34.39 33.43 -14.67
CA ASP A 301 -35.30 32.38 -15.08
C ASP A 301 -35.67 31.50 -13.88
N TYR A 302 -34.68 31.24 -13.02
CA TYR A 302 -34.86 30.36 -11.87
C TYR A 302 -34.26 31.04 -10.63
N PRO A 303 -35.06 31.85 -9.94
CA PRO A 303 -34.56 32.58 -8.77
C PRO A 303 -34.18 31.64 -7.64
N LEU A 304 -33.40 32.13 -6.68
CA LEU A 304 -33.03 31.31 -5.54
C LEU A 304 -34.21 31.13 -4.59
N ILE A 305 -34.46 29.88 -4.19
CA ILE A 305 -35.53 29.53 -3.25
C ILE A 305 -34.88 29.12 -1.94
N PRO A 306 -35.29 29.75 -0.82
CA PRO A 306 -34.61 29.47 0.46
C PRO A 306 -34.95 28.10 1.06
N VAL A 307 -33.98 27.50 1.75
CA VAL A 307 -34.15 26.19 2.36
C VAL A 307 -33.84 26.29 3.85
N GLY A 308 -32.72 26.92 4.18
CA GLY A 308 -32.26 27.00 5.56
C GLY A 308 -30.89 27.65 5.62
N TYR A 309 -30.12 27.33 6.65
CA TYR A 309 -28.76 27.86 6.75
C TYR A 309 -27.87 26.80 7.38
N PHE A 310 -26.56 26.95 7.21
CA PHE A 310 -25.64 26.14 8.00
C PHE A 310 -24.60 27.04 8.67
N ILE A 311 -24.07 26.57 9.79
CA ILE A 311 -23.16 27.32 10.63
C ILE A 311 -21.97 26.44 10.97
N LEU A 312 -20.78 27.02 10.97
CA LEU A 312 -19.58 26.28 11.35
C LEU A 312 -19.22 26.68 12.77
N ASN A 313 -19.37 25.75 13.71
CA ASN A 313 -19.17 26.07 15.13
C ASN A 313 -18.23 25.15 15.89
N ARG A 314 -17.49 24.31 15.18
CA ARG A 314 -16.58 23.37 15.85
C ARG A 314 -15.34 23.15 15.01
N ASN A 315 -14.17 23.44 15.60
CA ASN A 315 -12.90 23.11 14.95
C ASN A 315 -12.65 21.61 15.10
N PRO A 316 -11.88 21.02 14.16
CA PRO A 316 -11.52 19.62 14.38
C PRO A 316 -10.72 19.43 15.67
N ARG A 317 -10.79 18.22 16.25
CA ARG A 317 -9.94 17.86 17.38
C ARG A 317 -8.53 17.53 16.91
N ASN A 318 -8.42 16.88 15.74
CA ASN A 318 -7.13 16.49 15.19
C ASN A 318 -7.22 16.63 13.68
N PHE A 319 -6.41 17.54 13.12
CA PHE A 319 -6.48 17.94 11.73
C PHE A 319 -6.26 16.76 10.78
N PHE A 320 -5.19 15.99 10.98
CA PHE A 320 -4.90 14.88 10.10
C PHE A 320 -6.01 13.83 10.17
N ALA A 321 -6.39 13.45 11.38
CA ALA A 321 -7.33 12.34 11.54
C ALA A 321 -8.72 12.65 11.00
N GLN A 322 -9.13 13.92 11.09
CA GLN A 322 -10.51 14.31 10.80
C GLN A 322 -10.71 15.13 9.53
N ILE A 323 -9.65 15.78 9.06
CA ILE A 323 -9.71 16.61 7.85
C ILE A 323 -8.90 15.95 6.72
N GLU A 324 -7.63 15.64 6.96
CA GLU A 324 -6.85 15.01 5.90
C GLU A 324 -7.49 13.68 5.49
N GLN A 325 -8.00 12.93 6.46
CA GLN A 325 -8.60 11.61 6.22
C GLN A 325 -10.09 11.62 5.91
N ILE A 326 -10.74 12.78 5.93
CA ILE A 326 -12.14 12.79 5.50
C ILE A 326 -12.19 12.40 4.02
N ALA A 327 -13.25 11.68 3.65
CA ALA A 327 -13.38 11.16 2.30
C ALA A 327 -14.67 11.71 1.72
N LEU A 328 -14.63 12.95 1.25
CA LEU A 328 -15.84 13.60 0.74
C LEU A 328 -16.10 13.12 -0.68
N ASP A 329 -17.34 12.81 -1.01
CA ASP A 329 -17.64 12.05 -2.21
C ASP A 329 -19.04 12.40 -2.72
N PRO A 330 -19.15 12.94 -3.96
CA PRO A 330 -20.48 13.32 -4.47
C PRO A 330 -21.39 12.11 -4.66
N GLY A 331 -20.81 10.91 -4.69
CA GLY A 331 -21.60 9.69 -4.75
C GLY A 331 -22.31 9.35 -3.45
N ASN A 332 -21.96 10.06 -2.39
CA ASN A 332 -22.68 9.93 -1.13
C ASN A 332 -24.01 10.65 -1.20
N ILE A 333 -24.94 10.06 -1.95
CA ILE A 333 -26.30 10.58 -2.02
C ILE A 333 -27.23 9.78 -1.13
N VAL A 334 -28.42 10.32 -0.89
CA VAL A 334 -29.40 9.72 0.02
C VAL A 334 -30.77 9.75 -0.67
N PRO A 335 -31.76 9.00 -0.14
CA PRO A 335 -33.09 9.04 -0.73
C PRO A 335 -33.63 10.46 -0.86
N GLY A 336 -34.29 10.76 -1.97
CA GLY A 336 -34.77 12.10 -2.23
C GLY A 336 -33.82 12.97 -3.04
N VAL A 337 -32.61 12.48 -3.29
CA VAL A 337 -31.63 13.18 -4.11
C VAL A 337 -31.15 12.25 -5.22
N GLY A 338 -31.03 12.78 -6.43
CA GLY A 338 -30.52 12.02 -7.55
C GLY A 338 -29.51 12.80 -8.36
N LEU A 339 -28.99 12.14 -9.40
CA LEU A 339 -27.99 12.73 -10.29
C LEU A 339 -28.67 13.36 -11.51
N SER A 340 -27.95 13.45 -12.62
CA SER A 340 -28.45 14.04 -13.87
C SER A 340 -27.51 13.60 -14.97
N PRO A 341 -27.88 13.82 -16.24
CA PRO A 341 -26.98 13.49 -17.37
C PRO A 341 -25.92 14.55 -17.62
N ASP A 342 -25.31 15.02 -16.54
CA ASP A 342 -24.10 15.83 -16.57
C ASP A 342 -22.93 14.84 -16.55
N ARG A 343 -22.18 14.76 -17.65
CA ARG A 343 -21.13 13.75 -17.77
C ARG A 343 -19.98 13.96 -16.78
N MET A 344 -19.74 15.21 -16.40
CA MET A 344 -18.73 15.48 -15.38
C MET A 344 -19.17 14.85 -14.06
N LEU A 345 -20.40 15.12 -13.67
CA LEU A 345 -20.95 14.55 -12.45
C LEU A 345 -20.88 13.01 -12.49
N GLN A 346 -21.24 12.41 -13.61
CA GLN A 346 -21.25 10.96 -13.69
C GLN A 346 -19.86 10.35 -13.54
N ALA A 347 -18.84 11.01 -14.10
CA ALA A 347 -17.47 10.59 -13.88
C ALA A 347 -17.05 10.74 -12.40
N ARG A 348 -17.44 11.85 -11.78
CA ARG A 348 -17.14 12.08 -10.38
C ARG A 348 -17.72 10.99 -9.47
N ILE A 349 -18.91 10.50 -9.80
CA ILE A 349 -19.56 9.49 -8.96
C ILE A 349 -18.69 8.23 -8.86
N PHE A 350 -17.90 7.96 -9.90
CA PHE A 350 -16.91 6.90 -9.83
C PHE A 350 -15.61 7.32 -9.11
N ALA A 351 -15.10 8.49 -9.47
CA ALA A 351 -13.70 8.84 -9.20
C ALA A 351 -13.30 9.02 -7.74
N TYR A 352 -14.20 9.54 -6.91
CA TYR A 352 -13.78 9.92 -5.55
C TYR A 352 -13.52 8.71 -4.68
N ALA A 353 -14.49 7.79 -4.63
CA ALA A 353 -14.32 6.56 -3.85
C ALA A 353 -13.13 5.78 -4.38
N ASP A 354 -12.94 5.80 -5.71
CA ASP A 354 -11.80 5.12 -6.29
C ASP A 354 -10.49 5.68 -5.73
N GLN A 355 -10.34 7.00 -5.72
CA GLN A 355 -9.12 7.57 -5.18
C GLN A 355 -8.99 7.29 -3.67
N GLN A 356 -10.11 7.37 -2.95
CA GLN A 356 -10.09 7.20 -1.51
C GLN A 356 -9.68 5.80 -1.09
N ARG A 357 -10.10 4.78 -1.86
CA ARG A 357 -9.69 3.42 -1.61
C ARG A 357 -8.15 3.31 -1.65
N TYR A 358 -7.51 4.09 -2.51
CA TYR A 358 -6.04 4.11 -2.60
C TYR A 358 -5.40 5.06 -1.57
N ARG A 359 -5.89 6.30 -1.53
CA ARG A 359 -5.31 7.38 -0.75
C ARG A 359 -5.36 7.07 0.74
N ILE A 360 -6.46 6.49 1.18
CA ILE A 360 -6.69 6.19 2.59
C ILE A 360 -6.57 4.69 2.82
N GLY A 361 -7.40 3.89 2.14
CA GLY A 361 -7.35 2.45 2.26
C GLY A 361 -8.72 1.85 1.98
N ALA A 362 -8.75 0.53 1.76
CA ALA A 362 -9.99 -0.15 1.43
C ALA A 362 -11.09 0.10 2.47
N ASN A 363 -10.68 0.28 3.73
CA ASN A 363 -11.64 0.42 4.80
C ASN A 363 -11.80 1.84 5.32
N TYR A 364 -11.55 2.81 4.45
CA TYR A 364 -11.63 4.22 4.79
C TYR A 364 -12.99 4.61 5.34
N ARG A 365 -14.05 3.90 4.94
CA ARG A 365 -15.40 4.25 5.37
C ARG A 365 -15.60 4.02 6.86
N ASP A 366 -14.72 3.22 7.47
CA ASP A 366 -14.85 2.88 8.88
C ASP A 366 -14.17 3.88 9.80
N LEU A 367 -13.37 4.79 9.25
CA LEU A 367 -12.72 5.79 10.10
C LEU A 367 -13.78 6.68 10.74
N PRO A 368 -13.53 7.12 11.98
CA PRO A 368 -14.51 7.93 12.70
C PRO A 368 -15.21 9.04 11.88
N VAL A 369 -14.47 9.85 11.14
CA VAL A 369 -15.09 10.97 10.45
C VAL A 369 -15.92 10.52 9.24
N ASN A 370 -15.69 9.30 8.76
CA ASN A 370 -16.38 8.81 7.57
C ASN A 370 -17.58 7.91 7.85
N ARG A 371 -17.72 7.45 9.09
CA ARG A 371 -18.88 6.63 9.45
C ARG A 371 -20.14 7.46 9.58
N PRO A 372 -21.27 6.94 9.07
CA PRO A 372 -22.53 7.67 9.28
C PRO A 372 -23.03 7.56 10.72
N ILE A 373 -24.12 8.23 11.04
CA ILE A 373 -24.64 8.13 12.40
C ILE A 373 -25.48 6.86 12.59
N ASN A 374 -26.03 6.34 11.50
CA ASN A 374 -26.76 5.07 11.52
C ASN A 374 -25.86 3.87 11.26
N GLU A 375 -26.30 2.67 11.66
CA GLU A 375 -25.49 1.47 11.45
C GLU A 375 -25.44 1.09 9.98
N VAL A 376 -24.26 0.70 9.52
CA VAL A 376 -24.09 0.22 8.17
C VAL A 376 -24.36 -1.29 8.14
N ASN A 377 -25.26 -1.71 7.25
CA ASN A 377 -25.62 -3.11 7.10
C ASN A 377 -25.12 -3.59 5.74
N THR A 378 -23.97 -4.24 5.72
CA THR A 378 -23.30 -4.54 4.47
C THR A 378 -22.77 -5.96 4.47
N TYR A 379 -22.67 -6.55 3.28
CA TYR A 379 -22.03 -7.85 3.14
C TYR A 379 -20.54 -7.72 2.81
N SER A 380 -20.05 -6.49 2.63
CA SER A 380 -18.61 -6.30 2.45
C SER A 380 -17.87 -6.75 3.71
N ARG A 381 -16.63 -7.19 3.54
CA ARG A 381 -15.87 -7.77 4.65
C ARG A 381 -14.38 -7.63 4.39
N GLU A 382 -13.59 -7.91 5.42
CA GLU A 382 -12.14 -8.01 5.31
C GLU A 382 -11.50 -6.74 4.76
N GLY A 383 -10.42 -6.89 4.00
CA GLY A 383 -9.63 -5.75 3.58
C GLY A 383 -8.66 -5.28 4.65
N SER A 384 -7.64 -4.56 4.22
CA SER A 384 -6.61 -4.03 5.13
CA SER A 384 -6.62 -4.04 5.12
C SER A 384 -7.21 -3.23 6.27
N MET A 385 -6.65 -3.39 7.45
CA MET A 385 -7.01 -2.54 8.59
C MET A 385 -8.52 -2.56 8.87
N GLN A 386 -9.08 -3.76 8.93
CA GLN A 386 -10.50 -3.88 9.25
C GLN A 386 -10.68 -3.67 10.75
N TYR A 387 -11.23 -2.51 11.12
CA TYR A 387 -11.49 -2.16 12.51
CA TYR A 387 -11.49 -2.24 12.54
C TYR A 387 -12.86 -2.75 12.94
N ILE A 388 -13.85 -2.53 12.09
CA ILE A 388 -15.24 -2.85 12.41
C ILE A 388 -15.67 -4.11 11.68
N PHE A 389 -16.35 -5.02 12.38
CA PHE A 389 -16.81 -6.27 11.77
C PHE A 389 -18.21 -6.62 12.21
N ASP A 390 -18.91 -7.42 11.41
CA ASP A 390 -20.28 -7.78 11.72
C ASP A 390 -20.43 -8.67 12.95
N ALA A 391 -21.63 -8.66 13.52
CA ALA A 391 -21.98 -9.55 14.61
C ALA A 391 -21.57 -10.98 14.30
N GLU A 392 -21.08 -11.67 15.32
CA GLU A 392 -20.52 -13.02 15.17
C GLU A 392 -21.42 -13.97 14.40
N GLY A 393 -20.89 -14.53 13.33
CA GLY A 393 -21.58 -15.57 12.58
C GLY A 393 -22.62 -15.10 11.59
N GLU A 394 -22.81 -13.79 11.46
CA GLU A 394 -23.75 -13.27 10.47
C GLU A 394 -23.33 -13.68 9.05
N PRO A 395 -24.29 -13.83 8.15
CA PRO A 395 -23.96 -14.36 6.82
C PRO A 395 -23.18 -13.38 5.97
N SER A 396 -22.38 -13.92 5.05
CA SER A 396 -21.51 -13.12 4.20
C SER A 396 -22.08 -12.94 2.79
N TYR A 397 -23.24 -13.52 2.53
CA TYR A 397 -23.79 -13.58 1.17
C TYR A 397 -25.30 -13.36 1.26
N SER A 398 -25.89 -12.80 0.21
CA SER A 398 -27.34 -12.81 0.08
C SER A 398 -27.67 -13.25 -1.36
N PRO A 399 -28.81 -13.90 -1.56
CA PRO A 399 -29.85 -14.23 -0.56
C PRO A 399 -29.40 -15.34 0.38
N ASN A 400 -29.91 -15.31 1.61
CA ASN A 400 -29.56 -16.31 2.60
C ASN A 400 -30.77 -16.68 3.45
N ARG A 401 -30.61 -17.73 4.27
CA ARG A 401 -31.71 -18.24 5.08
C ARG A 401 -31.89 -17.55 6.43
N TYR A 402 -31.15 -16.46 6.64
CA TYR A 402 -31.14 -15.73 7.90
C TYR A 402 -31.89 -14.39 7.78
N ASP A 403 -31.55 -13.42 8.62
CA ASP A 403 -32.37 -12.21 8.72
C ASP A 403 -31.65 -10.91 8.36
N LYS A 404 -30.36 -11.00 8.04
CA LYS A 404 -29.56 -9.80 7.79
C LYS A 404 -30.15 -8.93 6.66
N GLY A 405 -30.68 -9.57 5.63
CA GLY A 405 -31.47 -8.88 4.62
C GLY A 405 -30.78 -8.61 3.29
N ALA A 406 -31.50 -7.94 2.40
CA ALA A 406 -30.98 -7.58 1.10
C ALA A 406 -31.49 -6.18 0.74
N GLY A 407 -31.57 -5.84 -0.54
CA GLY A 407 -31.98 -4.50 -0.91
C GLY A 407 -33.48 -4.27 -0.72
N TYR A 408 -33.91 -3.03 -0.66
CA TYR A 408 -35.33 -2.74 -0.42
C TYR A 408 -36.24 -3.13 -1.58
N LEU A 409 -35.66 -3.31 -2.77
CA LEU A 409 -36.43 -3.80 -3.93
C LEU A 409 -36.53 -5.33 -3.91
N ASP A 410 -35.59 -5.98 -3.24
CA ASP A 410 -35.53 -7.44 -3.22
C ASP A 410 -36.50 -7.99 -2.19
N ASN A 411 -36.75 -9.30 -2.23
CA ASN A 411 -37.60 -9.92 -1.21
C ASN A 411 -36.83 -10.47 0.00
N GLY A 412 -35.51 -10.46 -0.10
CA GLY A 412 -34.66 -10.91 0.99
C GLY A 412 -34.48 -12.42 1.07
N THR A 413 -35.12 -13.17 0.18
CA THR A 413 -35.09 -14.62 0.26
C THR A 413 -34.59 -15.32 -1.00
N ASP A 414 -34.63 -14.61 -2.14
CA ASP A 414 -34.06 -15.19 -3.37
C ASP A 414 -33.31 -14.15 -4.19
N SER A 415 -32.81 -14.61 -5.35
CA SER A 415 -31.95 -13.82 -6.21
C SER A 415 -32.68 -12.95 -7.23
N SER A 416 -34.01 -12.86 -7.14
CA SER A 416 -34.82 -12.14 -8.12
C SER A 416 -34.68 -12.71 -9.54
N SER A 417 -34.66 -14.04 -9.64
CA SER A 417 -34.71 -14.68 -10.94
C SER A 417 -36.18 -14.76 -11.41
N ASN A 418 -36.49 -15.70 -12.29
CA ASN A 418 -37.84 -15.80 -12.84
C ASN A 418 -38.30 -14.50 -13.50
N HIS A 419 -37.54 -13.93 -14.04
CA HIS A 419 -37.64 -12.67 -14.79
C HIS A 419 -38.31 -11.54 -14.00
N THR A 420 -37.80 -11.30 -12.84
CA THR A 420 -38.19 -10.20 -11.98
C THR A 420 -37.62 -8.88 -12.50
N SER A 421 -38.47 -7.86 -12.59
CA SER A 421 -38.02 -6.51 -12.95
C SER A 421 -38.49 -5.53 -11.89
N TYR A 422 -37.68 -4.50 -11.65
CA TYR A 422 -38.00 -3.46 -10.68
C TYR A 422 -38.37 -2.12 -11.32
N GLY A 423 -38.07 -1.95 -12.61
CA GLY A 423 -38.39 -0.70 -13.27
C GLY A 423 -37.37 0.41 -13.08
N GLN A 424 -37.85 1.65 -13.24
CA GLN A 424 -36.98 2.81 -13.37
C GLN A 424 -36.16 3.03 -12.10
N ALA A 425 -34.85 3.24 -12.30
CA ALA A 425 -33.92 3.41 -11.17
C ALA A 425 -33.92 4.85 -10.69
N ASP A 426 -35.03 5.27 -10.08
CA ASP A 426 -35.20 6.67 -9.66
C ASP A 426 -34.19 7.12 -8.60
N ASP A 427 -33.66 6.16 -7.84
CA ASP A 427 -32.65 6.45 -6.84
C ASP A 427 -31.32 6.89 -7.45
N ILE A 428 -31.11 6.56 -8.72
CA ILE A 428 -29.98 7.11 -9.46
C ILE A 428 -30.42 8.47 -9.99
N TYR A 429 -31.37 8.46 -10.91
CA TYR A 429 -32.19 9.63 -11.24
C TYR A 429 -33.32 9.21 -12.17
N VAL A 430 -34.40 9.97 -12.15
CA VAL A 430 -35.45 9.79 -13.17
C VAL A 430 -34.88 10.42 -14.43
N ASN A 431 -34.58 9.60 -15.43
CA ASN A 431 -33.89 10.11 -16.61
C ASN A 431 -34.81 10.84 -17.57
N PRO A 432 -34.26 11.84 -18.26
CA PRO A 432 -34.97 12.44 -19.40
C PRO A 432 -34.74 11.57 -20.64
N ASP A 433 -35.22 12.03 -21.79
CA ASP A 433 -35.01 11.37 -23.07
C ASP A 433 -33.50 11.25 -23.31
N PRO A 434 -33.01 10.04 -23.64
CA PRO A 434 -31.58 9.90 -23.93
C PRO A 434 -31.21 10.37 -25.34
N HIS A 435 -32.22 10.64 -26.17
CA HIS A 435 -32.01 11.15 -27.54
C HIS A 435 -31.27 10.19 -28.45
N GLY A 436 -31.28 8.91 -28.10
CA GLY A 436 -30.71 7.87 -28.93
C GLY A 436 -30.77 6.50 -28.28
N THR A 437 -30.65 5.45 -29.10
CA THR A 437 -30.73 4.09 -28.62
C THR A 437 -29.39 3.36 -28.62
N ASP A 438 -28.30 4.05 -28.97
CA ASP A 438 -27.00 3.39 -29.15
C ASP A 438 -25.93 3.93 -28.22
N LEU A 439 -24.95 3.09 -27.90
CA LEU A 439 -23.73 3.57 -27.27
C LEU A 439 -23.05 4.48 -28.28
N VAL A 440 -22.79 5.72 -27.89
CA VAL A 440 -22.21 6.72 -28.77
C VAL A 440 -21.20 7.58 -28.06
N ARG A 441 -20.39 8.29 -28.83
CA ARG A 441 -19.63 9.41 -28.31
C ARG A 441 -20.17 10.62 -29.05
N ALA A 442 -20.94 11.44 -28.34
CA ALA A 442 -21.76 12.47 -28.99
C ALA A 442 -21.68 13.80 -28.26
N ALA A 443 -22.00 14.88 -28.98
CA ALA A 443 -22.19 16.18 -28.34
C ALA A 443 -23.38 16.13 -27.38
N TYR A 444 -23.43 17.06 -26.42
CA TYR A 444 -24.65 17.27 -25.65
C TYR A 444 -25.76 17.71 -26.62
N VAL A 445 -27.01 17.46 -26.25
CA VAL A 445 -28.13 17.98 -27.02
C VAL A 445 -27.98 19.50 -27.14
N LYS A 446 -28.12 20.02 -28.36
CA LYS A 446 -27.83 21.42 -28.62
C LYS A 446 -29.05 22.28 -28.39
N HIS A 447 -28.97 23.14 -27.38
CA HIS A 447 -30.03 24.10 -27.12
C HIS A 447 -29.72 25.42 -27.82
N GLN A 448 -30.75 26.26 -27.93
CA GLN A 448 -30.72 27.47 -28.75
C GLN A 448 -29.48 28.34 -28.58
N ASP A 449 -29.09 28.56 -27.32
CA ASP A 449 -28.00 29.49 -27.07
C ASP A 449 -26.70 28.81 -26.60
N ASP A 450 -26.58 27.51 -26.84
CA ASP A 450 -25.37 26.80 -26.43
C ASP A 450 -24.17 27.13 -27.31
N ASP A 451 -23.14 27.69 -26.69
CA ASP A 451 -21.81 27.81 -27.29
C ASP A 451 -20.82 27.92 -26.12
N ASP A 452 -19.54 28.10 -26.41
CA ASP A 452 -18.54 28.14 -25.35
C ASP A 452 -18.31 29.53 -24.75
N PHE A 453 -18.86 30.57 -25.39
CA PHE A 453 -18.48 31.94 -25.04
C PHE A 453 -19.59 32.87 -24.59
N ILE A 454 -20.86 32.54 -24.85
CA ILE A 454 -21.92 33.50 -24.57
C ILE A 454 -22.05 33.83 -23.08
N GLN A 455 -21.98 32.82 -22.22
CA GLN A 455 -22.17 33.07 -20.80
C GLN A 455 -21.07 33.94 -20.15
N PRO A 456 -19.79 33.67 -20.42
CA PRO A 456 -18.81 34.63 -19.87
C PRO A 456 -18.93 35.99 -20.52
N GLY A 457 -19.37 36.04 -21.78
CA GLY A 457 -19.63 37.31 -22.46
C GLY A 457 -20.71 38.11 -21.75
N ILE A 458 -21.79 37.42 -21.36
CA ILE A 458 -22.87 38.00 -20.58
C ILE A 458 -22.38 38.50 -19.22
N LEU A 459 -21.57 37.71 -18.55
CA LEU A 459 -20.97 38.13 -17.28
C LEU A 459 -20.21 39.45 -17.48
N TYR A 460 -19.38 39.51 -18.51
CA TYR A 460 -18.61 40.71 -18.81
C TYR A 460 -19.49 41.91 -19.19
N ARG A 461 -20.46 41.69 -20.08
CA ARG A 461 -21.22 42.79 -20.65
C ARG A 461 -22.40 43.25 -19.80
N GLU A 462 -22.94 42.36 -18.97
CA GLU A 462 -24.19 42.65 -18.26
C GLU A 462 -24.10 42.62 -16.73
N VAL A 463 -23.07 41.99 -16.19
CA VAL A 463 -22.97 41.81 -14.74
C VAL A 463 -21.84 42.60 -14.10
N LEU A 464 -20.62 42.43 -14.59
CA LEU A 464 -19.45 43.05 -13.96
C LEU A 464 -19.53 44.58 -14.01
N ASP A 465 -19.09 45.23 -12.93
CA ASP A 465 -18.95 46.68 -12.96
C ASP A 465 -17.65 47.07 -13.67
N GLU A 466 -17.44 48.36 -13.91
CA GLU A 466 -16.28 48.79 -14.69
C GLU A 466 -14.94 48.42 -14.03
N GLY A 467 -14.89 48.48 -12.70
CA GLY A 467 -13.68 48.10 -11.98
C GLY A 467 -13.39 46.61 -12.11
N GLU A 468 -14.43 45.78 -11.99
CA GLU A 468 -14.29 44.35 -12.19
C GLU A 468 -13.83 44.01 -13.60
N LYS A 469 -14.36 44.73 -14.58
CA LYS A 469 -13.99 44.51 -15.98
C LYS A 469 -12.52 44.83 -16.22
N GLU A 470 -12.05 45.93 -15.64
CA GLU A 470 -10.66 46.33 -15.81
C GLU A 470 -9.72 45.40 -15.05
N ARG A 471 -10.04 45.10 -13.79
CA ARG A 471 -9.21 44.17 -13.02
C ARG A 471 -9.13 42.80 -13.69
N LEU A 472 -10.23 42.35 -14.29
CA LEU A 472 -10.25 41.09 -15.04
C LEU A 472 -9.18 41.09 -16.14
N ALA A 473 -9.14 42.14 -16.95
CA ALA A 473 -8.16 42.23 -18.01
C ALA A 473 -6.74 42.27 -17.46
N ASP A 474 -6.56 42.99 -16.35
CA ASP A 474 -5.26 43.11 -15.72
C ASP A 474 -4.81 41.75 -15.17
N ASN A 475 -5.73 41.03 -14.54
CA ASN A 475 -5.42 39.71 -13.99
C ASN A 475 -5.04 38.73 -15.08
N ILE A 476 -5.82 38.71 -16.16
CA ILE A 476 -5.55 37.82 -17.27
C ILE A 476 -4.16 38.08 -17.84
N SER A 477 -3.85 39.36 -18.09
CA SER A 477 -2.56 39.70 -18.70
C SER A 477 -1.39 39.36 -17.77
N ASN A 478 -1.59 39.43 -16.46
CA ASN A 478 -0.58 38.94 -15.50
C ASN A 478 -0.38 37.44 -15.63
N ALA A 479 -1.49 36.71 -15.70
CA ALA A 479 -1.44 35.25 -15.79
C ALA A 479 -0.85 34.76 -17.11
N MET A 480 -0.86 35.62 -18.14
CA MET A 480 -0.29 35.26 -19.43
C MET A 480 1.23 35.37 -19.48
N GLN A 481 1.83 36.06 -18.51
CA GLN A 481 3.27 36.25 -18.55
CA GLN A 481 3.26 36.26 -18.53
C GLN A 481 4.00 34.91 -18.55
N GLY A 482 4.82 34.69 -19.57
CA GLY A 482 5.54 33.44 -19.70
C GLY A 482 5.05 32.52 -20.81
N ILE A 483 3.90 32.82 -21.40
CA ILE A 483 3.45 32.02 -22.54
C ILE A 483 4.38 32.20 -23.73
N SER A 484 4.40 31.20 -24.59
CA SER A 484 5.24 31.23 -25.79
C SER A 484 4.62 32.12 -26.85
N GLU A 485 5.42 32.47 -27.86
CA GLU A 485 4.91 33.24 -28.99
C GLU A 485 3.81 32.49 -29.74
N ALA A 486 3.91 31.16 -29.79
CA ALA A 486 2.87 30.36 -30.45
C ALA A 486 1.54 30.48 -29.73
N THR A 487 1.59 30.59 -28.42
CA THR A 487 0.37 30.62 -27.61
C THR A 487 -0.30 32.00 -27.59
N GLU A 488 0.48 33.06 -27.75
CA GLU A 488 -0.07 34.41 -27.71
C GLU A 488 -1.34 34.64 -28.57
N PRO A 489 -1.28 34.36 -29.88
CA PRO A 489 -2.49 34.59 -30.69
C PRO A 489 -3.66 33.70 -30.30
N ARG A 490 -3.40 32.49 -29.81
CA ARG A 490 -4.50 31.65 -29.32
C ARG A 490 -5.21 32.33 -28.15
N VAL A 491 -4.43 32.91 -27.24
CA VAL A 491 -5.02 33.59 -26.09
C VAL A 491 -5.75 34.88 -26.52
N TYR A 492 -5.17 35.61 -27.47
CA TYR A 492 -5.85 36.80 -27.98
C TYR A 492 -7.23 36.44 -28.54
N ASP A 493 -7.29 35.38 -29.35
CA ASP A 493 -8.53 34.97 -29.98
C ASP A 493 -9.56 34.51 -28.95
N TYR A 494 -9.10 33.75 -27.96
CA TYR A 494 -9.95 33.23 -26.91
C TYR A 494 -10.66 34.37 -26.19
N TRP A 495 -9.91 35.39 -25.78
CA TRP A 495 -10.54 36.51 -25.08
C TRP A 495 -11.41 37.37 -25.99
N ASN A 496 -11.01 37.53 -27.24
CA ASN A 496 -11.88 38.22 -28.21
C ASN A 496 -13.21 37.51 -28.35
N ASN A 497 -13.19 36.18 -28.31
CA ASN A 497 -14.42 35.40 -28.45
C ASN A 497 -15.35 35.57 -27.25
N VAL A 498 -14.79 35.76 -26.06
CA VAL A 498 -15.62 36.11 -24.91
C VAL A 498 -16.27 37.48 -25.14
N ASP A 499 -15.44 38.47 -25.46
CA ASP A 499 -15.91 39.83 -25.74
C ASP A 499 -14.78 40.61 -26.40
N GLU A 500 -15.10 41.31 -27.49
CA GLU A 500 -14.07 41.99 -28.26
C GLU A 500 -13.40 43.12 -27.47
N ASN A 501 -14.16 43.78 -26.59
CA ASN A 501 -13.56 44.85 -25.80
C ASN A 501 -12.67 44.29 -24.70
N LEU A 502 -13.09 43.20 -24.08
CA LEU A 502 -12.23 42.51 -23.12
C LEU A 502 -10.95 42.03 -23.81
N GLY A 503 -11.10 41.39 -24.97
CA GLY A 503 -9.95 40.89 -25.69
C GLY A 503 -8.96 41.98 -26.04
N ALA A 504 -9.46 43.14 -26.46
CA ALA A 504 -8.58 44.23 -26.85
C ALA A 504 -7.81 44.73 -25.64
N ARG A 505 -8.50 44.82 -24.50
CA ARG A 505 -7.85 45.32 -23.29
C ARG A 505 -6.81 44.33 -22.77
N VAL A 506 -7.12 43.04 -22.84
CA VAL A 506 -6.18 42.01 -22.44
C VAL A 506 -4.89 42.10 -23.25
N LYS A 507 -5.01 42.22 -24.57
CA LYS A 507 -3.82 42.29 -25.41
C LYS A 507 -3.03 43.58 -25.13
N GLU A 508 -3.72 44.70 -24.97
CA GLU A 508 -3.09 45.97 -24.61
C GLU A 508 -2.23 45.83 -23.36
N LEU A 509 -2.83 45.31 -22.29
CA LEU A 509 -2.14 45.22 -21.02
C LEU A 509 -1.02 44.20 -21.08
N TYR A 510 -1.27 43.08 -21.76
CA TYR A 510 -0.25 42.06 -21.92
C TYR A 510 1.01 42.61 -22.59
N LEU A 511 0.83 43.35 -23.67
CA LEU A 511 1.97 43.90 -24.40
C LEU A 511 2.69 45.00 -23.61
N GLN A 512 1.95 45.75 -22.79
CA GLN A 512 2.57 46.76 -21.93
C GLN A 512 3.55 46.10 -20.96
N LYS A 513 3.17 44.93 -20.46
CA LYS A 513 3.93 44.23 -19.43
C LYS A 513 5.04 43.36 -19.99
N LYS A 514 4.87 42.91 -21.22
CA LYS A 514 5.85 42.05 -21.87
C LYS A 514 7.03 42.89 -22.34
N ALA A 515 6.71 44.03 -22.93
CA ALA A 515 7.67 44.83 -23.68
C ALA A 515 7.12 46.24 -23.93
N GLU B 2 -20.73 -19.33 30.64
CA GLU B 2 -19.84 -19.43 29.49
C GLU B 2 -19.23 -18.08 29.16
N LYS B 3 -18.83 -17.35 30.19
CA LYS B 3 -18.12 -16.09 29.99
C LYS B 3 -16.63 -16.38 29.95
N SER B 4 -15.88 -15.38 29.49
CA SER B 4 -14.42 -15.50 29.39
C SER B 4 -13.82 -14.17 29.78
N ALA B 5 -12.66 -14.20 30.44
CA ALA B 5 -11.94 -12.96 30.72
C ALA B 5 -11.59 -12.22 29.43
N ALA B 6 -11.57 -12.93 28.31
CA ALA B 6 -11.24 -12.35 27.01
C ALA B 6 -12.41 -11.64 26.34
N ASP B 7 -13.60 -11.70 26.94
CA ASP B 7 -14.80 -11.11 26.33
C ASP B 7 -14.65 -9.61 26.02
N GLN B 8 -14.06 -8.87 26.96
CA GLN B 8 -13.75 -7.46 26.77
C GLN B 8 -13.01 -7.23 25.46
N ILE B 9 -12.00 -8.05 25.22
CA ILE B 9 -11.16 -7.91 24.04
C ILE B 9 -11.91 -8.30 22.77
N VAL B 10 -12.55 -9.46 22.78
CA VAL B 10 -13.14 -9.99 21.54
C VAL B 10 -14.42 -9.27 21.12
N ASP B 11 -15.01 -8.49 22.03
CA ASP B 11 -16.18 -7.71 21.67
C ASP B 11 -15.82 -6.36 21.03
N ARG B 12 -14.56 -5.93 21.15
CA ARG B 12 -14.14 -4.66 20.54
C ARG B 12 -14.34 -4.66 19.02
N GLY B 13 -15.01 -3.63 18.50
CA GLY B 13 -15.16 -3.46 17.06
C GLY B 13 -16.34 -4.17 16.44
N MET B 14 -17.07 -4.95 17.23
CA MET B 14 -18.17 -5.77 16.69
C MET B 14 -19.49 -4.99 16.59
N ARG B 15 -20.13 -5.04 15.42
CA ARG B 15 -21.44 -4.42 15.22
C ARG B 15 -22.50 -5.23 15.92
N PRO B 16 -23.61 -4.57 16.27
CA PRO B 16 -24.77 -5.34 16.72
C PRO B 16 -25.36 -6.10 15.54
N LYS B 17 -26.19 -7.09 15.82
CA LYS B 17 -26.92 -7.80 14.78
C LYS B 17 -27.86 -6.82 14.06
N LEU B 18 -27.87 -6.90 12.73
CA LEU B 18 -28.67 -5.97 11.93
C LEU B 18 -29.66 -6.73 11.07
N SER B 19 -30.78 -6.08 10.74
CA SER B 19 -31.79 -6.69 9.89
C SER B 19 -32.51 -5.62 9.06
N GLY B 20 -33.56 -6.04 8.37
CA GLY B 20 -34.28 -5.14 7.48
C GLY B 20 -33.61 -5.21 6.12
N ASN B 21 -33.09 -4.08 5.68
CA ASN B 21 -32.43 -4.00 4.40
C ASN B 21 -30.98 -3.55 4.56
N THR B 22 -30.17 -3.86 3.56
CA THR B 22 -28.77 -3.46 3.59
C THR B 22 -28.64 -1.99 3.26
N THR B 23 -27.49 -1.42 3.63
CA THR B 23 -27.17 -0.04 3.29
C THR B 23 -25.83 0.01 2.57
N ARG B 24 -25.62 1.06 1.79
CA ARG B 24 -24.30 1.35 1.26
C ARG B 24 -23.40 1.80 2.41
N HIS B 25 -22.12 1.97 2.11
CA HIS B 25 -21.16 2.31 3.16
C HIS B 25 -21.31 3.72 3.70
N ASN B 26 -22.10 4.55 3.03
CA ASN B 26 -22.47 5.85 3.57
C ASN B 26 -23.72 5.77 4.44
N GLY B 27 -24.33 4.60 4.55
CA GLY B 27 -25.55 4.46 5.34
C GLY B 27 -26.86 4.57 4.57
N ALA B 28 -26.81 4.92 3.27
CA ALA B 28 -28.03 5.03 2.46
C ALA B 28 -28.55 3.65 2.07
N PRO B 29 -29.87 3.50 1.95
CA PRO B 29 -30.44 2.18 1.64
C PRO B 29 -29.99 1.62 0.30
N VAL B 30 -29.70 0.31 0.27
CA VAL B 30 -29.39 -0.41 -0.96
C VAL B 30 -30.67 -0.80 -1.70
N PRO B 31 -30.79 -0.43 -3.00
CA PRO B 31 -31.97 -0.85 -3.76
C PRO B 31 -31.99 -2.35 -4.01
N SER B 32 -30.89 -2.91 -4.55
CA SER B 32 -30.87 -4.34 -4.83
C SER B 32 -29.49 -4.95 -4.65
N GLU B 33 -29.47 -6.16 -4.11
CA GLU B 33 -28.27 -7.00 -4.03
C GLU B 33 -28.25 -7.99 -5.19
N ASN B 34 -29.26 -7.93 -6.05
CA ASN B 34 -29.46 -8.95 -7.08
C ASN B 34 -29.32 -8.49 -8.53
N ILE B 35 -29.74 -7.27 -8.83
CA ILE B 35 -29.82 -6.82 -10.21
C ILE B 35 -29.12 -5.48 -10.35
N SER B 36 -28.26 -5.35 -11.36
CA SER B 36 -27.54 -4.10 -11.60
C SER B 36 -28.30 -3.21 -12.60
N ALA B 37 -27.99 -1.92 -12.59
CA ALA B 37 -28.77 -0.96 -13.39
C ALA B 37 -28.21 -0.82 -14.80
N THR B 38 -29.13 -0.83 -15.77
CA THR B 38 -28.76 -0.77 -17.18
C THR B 38 -29.59 0.30 -17.91
N ALA B 39 -29.09 0.75 -19.06
CA ALA B 39 -29.79 1.73 -19.86
C ALA B 39 -30.72 0.99 -20.81
N GLY B 40 -31.90 0.62 -20.31
CA GLY B 40 -32.78 -0.33 -20.97
C GLY B 40 -32.44 -1.75 -20.51
N PRO B 41 -33.43 -2.66 -20.53
CA PRO B 41 -33.16 -4.02 -20.05
C PRO B 41 -32.01 -4.71 -20.79
N GLN B 42 -31.84 -4.44 -22.08
CA GLN B 42 -30.77 -5.06 -22.84
C GLN B 42 -29.65 -4.07 -23.16
N GLY B 43 -29.75 -2.88 -22.58
CA GLY B 43 -28.75 -1.86 -22.80
C GLY B 43 -27.51 -2.08 -21.95
N PRO B 44 -26.51 -1.22 -22.11
CA PRO B 44 -25.26 -1.34 -21.34
C PRO B 44 -25.44 -1.05 -19.86
N ASN B 45 -24.61 -1.69 -19.05
CA ASN B 45 -24.53 -1.31 -17.65
C ASN B 45 -24.12 0.14 -17.51
N VAL B 46 -24.78 0.87 -16.62
CA VAL B 46 -24.42 2.25 -16.38
C VAL B 46 -23.26 2.36 -15.40
N LEU B 47 -22.46 3.39 -15.56
CA LEU B 47 -21.35 3.66 -14.65
C LEU B 47 -21.85 3.89 -13.23
N ASN B 48 -22.96 4.64 -13.11
CA ASN B 48 -23.40 5.11 -11.80
C ASN B 48 -24.37 4.19 -11.06
N ASP B 49 -24.14 2.89 -11.14
CA ASP B 49 -24.73 1.99 -10.16
C ASP B 49 -23.76 2.02 -8.98
N ILE B 50 -24.02 2.91 -8.04
CA ILE B 50 -23.07 3.22 -6.98
C ILE B 50 -22.82 1.99 -6.11
N HIS B 51 -23.88 1.29 -5.75
CA HIS B 51 -23.74 0.08 -4.96
C HIS B 51 -22.98 -1.03 -5.69
N LEU B 52 -23.27 -1.23 -6.97
CA LEU B 52 -22.52 -2.23 -7.74
C LEU B 52 -21.02 -1.99 -7.63
N ILE B 53 -20.60 -0.76 -7.91
CA ILE B 53 -19.18 -0.46 -7.92
C ILE B 53 -18.57 -0.58 -6.52
N GLU B 54 -19.30 -0.13 -5.51
CA GLU B 54 -18.80 -0.17 -4.14
C GLU B 54 -18.63 -1.62 -3.70
N LYS B 55 -19.61 -2.45 -4.03
CA LYS B 55 -19.63 -3.87 -3.70
C LYS B 55 -18.48 -4.61 -4.38
N LEU B 56 -18.29 -4.36 -5.68
CA LEU B 56 -17.19 -4.98 -6.42
C LEU B 56 -15.83 -4.48 -5.96
N ALA B 57 -15.71 -3.18 -5.75
CA ALA B 57 -14.42 -2.59 -5.39
C ALA B 57 -13.96 -3.01 -4.00
N HIS B 58 -14.95 -3.25 -3.12
CA HIS B 58 -14.45 -3.58 -1.80
C HIS B 58 -14.08 -5.07 -1.74
N PHE B 59 -14.90 -5.85 -2.55
CA PHE B 59 -14.62 -7.27 -2.78
C PHE B 59 -13.21 -7.43 -3.34
N ASN B 60 -12.86 -6.58 -4.30
CA ASN B 60 -11.55 -6.61 -4.95
C ASN B 60 -10.39 -6.36 -3.99
N ARG B 61 -10.68 -5.80 -2.82
CA ARG B 61 -9.64 -5.42 -1.87
C ARG B 61 -9.70 -6.22 -0.56
N GLU B 62 -10.41 -7.35 -0.58
CA GLU B 62 -10.52 -8.17 0.62
C GLU B 62 -9.20 -8.77 1.07
N ASN B 63 -8.36 -9.18 0.12
CA ASN B 63 -7.14 -9.91 0.46
C ASN B 63 -6.01 -8.96 0.84
N VAL B 64 -5.15 -9.45 1.72
CA VAL B 64 -4.00 -8.73 2.22
C VAL B 64 -2.84 -9.72 2.18
N PRO B 65 -1.59 -9.23 2.22
CA PRO B 65 -0.47 -10.20 2.20
C PRO B 65 -0.59 -11.17 3.38
N GLU B 66 -0.43 -12.46 3.12
CA GLU B 66 -0.37 -13.44 4.20
C GLU B 66 0.98 -13.32 4.90
N ARG B 67 1.08 -13.84 6.13
CA ARG B 67 2.36 -13.88 6.82
C ARG B 67 3.41 -14.67 6.05
N ILE B 68 4.65 -14.20 6.10
CA ILE B 68 5.79 -15.04 5.72
C ILE B 68 6.76 -15.15 6.91
N PRO B 69 6.96 -16.37 7.44
CA PRO B 69 6.25 -17.62 7.20
C PRO B 69 5.02 -17.71 8.13
N HIS B 70 4.50 -18.92 8.34
CA HIS B 70 3.35 -19.16 9.24
C HIS B 70 2.02 -18.60 8.69
N ALA B 71 1.89 -18.56 7.37
CA ALA B 71 0.67 -18.08 6.72
C ALA B 71 -0.62 -18.80 7.15
N LYS B 72 -0.55 -20.12 7.27
CA LYS B 72 -1.74 -20.93 7.53
C LYS B 72 -1.91 -21.17 9.03
N GLY B 73 -2.93 -20.56 9.62
CA GLY B 73 -3.12 -20.70 11.04
C GLY B 73 -4.52 -20.33 11.50
N HIS B 74 -4.73 -20.43 12.81
CA HIS B 74 -6.04 -20.26 13.41
C HIS B 74 -5.85 -20.08 14.89
N GLY B 75 -6.86 -19.59 15.60
CA GLY B 75 -6.65 -19.32 16.99
C GLY B 75 -7.89 -19.23 17.84
N ALA B 76 -7.68 -18.72 19.05
CA ALA B 76 -8.71 -18.63 20.05
C ALA B 76 -8.28 -17.66 21.13
N PHE B 77 -9.17 -17.47 22.10
CA PHE B 77 -8.90 -16.60 23.22
C PHE B 77 -9.15 -17.36 24.51
N GLY B 78 -8.64 -16.84 25.62
CA GLY B 78 -8.73 -17.56 26.86
C GLY B 78 -8.16 -16.82 28.04
N GLU B 79 -7.64 -17.57 29.00
CA GLU B 79 -7.21 -17.01 30.27
C GLU B 79 -5.96 -17.70 30.78
N LEU B 80 -5.03 -16.90 31.30
CA LEU B 80 -3.88 -17.40 32.05
C LEU B 80 -4.15 -17.29 33.54
N HIS B 81 -3.95 -18.39 34.26
CA HIS B 81 -4.14 -18.45 35.70
C HIS B 81 -2.86 -18.82 36.40
N ILE B 82 -2.39 -17.95 37.29
CA ILE B 82 -1.19 -18.22 38.07
C ILE B 82 -1.55 -19.00 39.33
N THR B 83 -0.86 -20.11 39.57
CA THR B 83 -1.16 -20.96 40.73
C THR B 83 0.02 -21.15 41.68
N GLU B 84 1.19 -20.65 41.28
CA GLU B 84 2.41 -20.76 42.09
C GLU B 84 2.94 -19.37 42.37
N ASP B 85 3.92 -19.27 43.27
CA ASP B 85 4.56 -18.00 43.59
C ASP B 85 5.95 -17.96 42.95
N VAL B 86 6.10 -17.22 41.85
CA VAL B 86 7.39 -17.07 41.20
C VAL B 86 7.92 -15.64 41.34
N SER B 87 7.40 -14.94 42.34
CA SER B 87 7.82 -13.55 42.58
C SER B 87 9.29 -13.41 42.96
N GLU B 88 9.91 -14.49 43.44
CA GLU B 88 11.34 -14.47 43.71
C GLU B 88 12.13 -14.27 42.43
N TYR B 89 11.54 -14.67 41.30
CA TYR B 89 12.28 -14.70 40.04
C TYR B 89 11.89 -13.57 39.09
N THR B 90 10.63 -13.18 39.11
CA THR B 90 10.17 -12.13 38.18
C THR B 90 9.14 -11.20 38.80
N LYS B 91 9.24 -9.92 38.45
CA LYS B 91 8.26 -8.93 38.86
C LYS B 91 7.18 -8.74 37.81
N ALA B 92 7.23 -9.52 36.72
CA ALA B 92 6.25 -9.34 35.64
C ALA B 92 4.83 -9.45 36.18
N ASP B 93 4.00 -8.45 35.91
CA ASP B 93 2.71 -8.34 36.57
C ASP B 93 1.83 -9.57 36.37
N LEU B 94 1.79 -10.08 35.14
CA LEU B 94 0.91 -11.21 34.82
C LEU B 94 1.31 -12.50 35.53
N PHE B 95 2.55 -12.56 36.03
CA PHE B 95 3.04 -13.79 36.66
C PHE B 95 2.97 -13.74 38.18
N GLN B 96 2.44 -12.66 38.75
CA GLN B 96 2.36 -12.54 40.22
C GLN B 96 1.28 -13.47 40.77
N PRO B 97 1.36 -13.81 42.07
CA PRO B 97 0.42 -14.79 42.60
C PRO B 97 -1.05 -14.44 42.39
N GLY B 98 -1.83 -15.44 41.96
CA GLY B 98 -3.27 -15.29 41.82
C GLY B 98 -3.73 -14.52 40.60
N LYS B 99 -2.81 -13.98 39.80
CA LYS B 99 -3.21 -13.20 38.63
C LYS B 99 -3.95 -14.02 37.57
N VAL B 100 -5.02 -13.44 37.04
CA VAL B 100 -5.75 -14.00 35.91
C VAL B 100 -5.69 -12.98 34.76
N THR B 101 -5.20 -13.43 33.60
CA THR B 101 -4.94 -12.50 32.49
C THR B 101 -5.59 -13.01 31.20
N PRO B 102 -6.32 -12.14 30.48
CA PRO B 102 -6.89 -12.58 29.20
C PRO B 102 -5.78 -12.88 28.20
N LEU B 103 -6.03 -13.80 27.28
CA LEU B 103 -5.03 -14.15 26.28
C LEU B 103 -5.63 -14.37 24.90
N ALA B 104 -4.77 -14.28 23.90
CA ALA B 104 -5.06 -14.78 22.55
C ALA B 104 -4.01 -15.82 22.21
N VAL B 105 -4.34 -16.73 21.31
CA VAL B 105 -3.34 -17.66 20.78
C VAL B 105 -3.58 -17.85 19.30
N ARG B 106 -2.50 -17.99 18.54
CA ARG B 106 -2.58 -18.45 17.16
C ARG B 106 -1.63 -19.64 16.98
N PHE B 107 -2.17 -20.68 16.35
CA PHE B 107 -1.42 -21.87 15.98
C PHE B 107 -1.25 -21.86 14.48
N SER B 108 -0.25 -22.55 13.95
CA SER B 108 0.03 -22.43 12.53
C SER B 108 0.96 -23.52 12.05
N THR B 109 1.08 -23.68 10.73
CA THR B 109 2.22 -24.36 10.15
C THR B 109 3.25 -23.29 9.80
N VAL B 110 4.29 -23.64 9.05
CA VAL B 110 5.34 -22.68 8.73
C VAL B 110 5.46 -22.37 7.24
N ALA B 111 5.62 -23.41 6.42
CA ALA B 111 6.02 -23.22 5.03
C ALA B 111 4.86 -22.90 4.09
N GLY B 112 3.72 -23.54 4.30
CA GLY B 112 2.63 -23.44 3.35
C GLY B 112 1.91 -22.12 3.38
N GLU B 113 1.23 -21.82 2.27
CA GLU B 113 0.46 -20.59 2.14
C GLU B 113 -0.91 -20.75 2.79
N GLN B 114 -1.73 -19.70 2.77
N GLN B 114 -1.73 -19.69 2.73
CA GLN B 114 -2.91 -19.68 3.63
CA GLN B 114 -3.13 -19.78 3.13
C GLN B 114 -4.03 -20.67 3.27
C GLN B 114 -3.84 -20.89 2.37
N GLY B 115 -3.92 -21.37 2.14
N GLY B 115 -4.72 -21.63 3.02
CA GLY B 115 -4.91 -22.35 1.77
CA GLY B 115 -5.37 -22.74 2.33
C GLY B 115 -4.46 -23.79 1.95
C GLY B 115 -4.53 -24.00 2.19
N SER B 116 -3.21 -23.95 2.39
CA SER B 116 -2.47 -25.22 2.42
C SER B 116 -2.90 -26.06 3.62
N PRO B 117 -2.79 -27.40 3.50
CA PRO B 117 -3.24 -28.28 4.59
C PRO B 117 -2.54 -28.07 5.95
N ASP B 118 -3.32 -28.13 7.03
CA ASP B 118 -2.79 -28.07 8.39
C ASP B 118 -1.85 -29.23 8.70
N THR B 119 -2.01 -30.36 8.01
CA THR B 119 -1.29 -31.58 8.37
C THR B 119 -0.16 -31.98 7.41
N TRP B 120 0.35 -31.01 6.66
CA TRP B 120 1.65 -31.17 6.03
C TRP B 120 2.66 -31.35 7.16
N ARG B 121 3.68 -32.19 6.96
CA ARG B 121 4.76 -32.26 7.94
C ARG B 121 5.41 -30.89 8.06
N ASP B 122 5.47 -30.37 9.29
CA ASP B 122 6.03 -29.06 9.50
C ASP B 122 6.14 -28.80 10.99
N VAL B 123 6.94 -27.81 11.37
CA VAL B 123 6.85 -27.23 12.68
C VAL B 123 5.47 -26.56 12.81
N HIS B 124 4.91 -26.53 14.02
CA HIS B 124 3.70 -25.74 14.25
C HIS B 124 3.95 -24.57 15.19
N GLY B 125 3.49 -23.38 14.79
CA GLY B 125 3.58 -22.21 15.62
C GLY B 125 2.64 -22.29 16.80
N PHE B 126 3.02 -21.63 17.89
CA PHE B 126 2.31 -21.72 19.17
C PHE B 126 2.53 -20.35 19.82
N ALA B 127 1.70 -19.39 19.42
CA ALA B 127 1.99 -17.98 19.66
C ALA B 127 0.94 -17.35 20.56
N LEU B 128 1.35 -16.92 21.74
CA LEU B 128 0.45 -16.41 22.77
C LEU B 128 0.57 -14.90 22.97
N ARG B 129 -0.55 -14.26 23.22
CA ARG B 129 -0.57 -12.87 23.71
C ARG B 129 -1.23 -12.87 25.06
N PHE B 130 -0.60 -12.22 26.03
CA PHE B 130 -1.24 -11.95 27.31
C PHE B 130 -1.55 -10.47 27.40
N TYR B 131 -2.81 -10.14 27.60
CA TYR B 131 -3.23 -8.74 27.69
C TYR B 131 -3.03 -8.30 29.14
N THR B 132 -1.79 -7.97 29.49
CA THR B 132 -1.47 -7.66 30.88
C THR B 132 -1.72 -6.20 31.27
N GLU B 133 -1.73 -5.93 32.56
CA GLU B 133 -1.95 -4.58 33.06
CA GLU B 133 -1.94 -4.58 33.09
C GLU B 133 -0.79 -3.64 32.75
N GLU B 134 0.35 -4.20 32.34
CA GLU B 134 1.54 -3.41 31.99
C GLU B 134 1.87 -3.57 30.51
N GLY B 135 0.86 -3.95 29.73
CA GLY B 135 1.00 -4.04 28.28
C GLY B 135 0.81 -5.46 27.74
N ASN B 136 0.76 -5.58 26.41
CA ASN B 136 0.65 -6.89 25.80
C ASN B 136 1.99 -7.59 25.86
N TYR B 137 2.01 -8.77 26.49
CA TYR B 137 3.21 -9.61 26.51
C TYR B 137 2.96 -10.80 25.61
N ASP B 138 3.73 -10.92 24.52
CA ASP B 138 3.56 -12.04 23.60
C ASP B 138 4.70 -13.01 23.77
N ILE B 139 4.38 -14.31 23.89
CA ILE B 139 5.37 -15.37 23.78
C ILE B 139 5.08 -16.10 22.48
N VAL B 140 5.86 -15.79 21.46
CA VAL B 140 5.63 -16.29 20.13
C VAL B 140 6.49 -17.54 19.98
N GLY B 141 5.91 -18.67 20.32
CA GLY B 141 6.66 -19.92 20.41
C GLY B 141 6.33 -20.90 19.31
N ASN B 142 6.88 -22.11 19.45
CA ASN B 142 6.65 -23.20 18.50
C ASN B 142 6.36 -24.46 19.31
N ASN B 143 5.99 -25.53 18.61
CA ASN B 143 5.76 -26.82 19.26
C ASN B 143 7.06 -27.64 19.38
N THR B 144 8.18 -26.93 19.37
CA THR B 144 9.52 -27.53 19.54
C THR B 144 10.34 -26.67 20.50
N PRO B 145 11.18 -27.32 21.33
CA PRO B 145 12.02 -26.59 22.29
C PRO B 145 13.24 -25.96 21.62
N THR B 146 13.46 -26.23 20.34
CA THR B 146 14.65 -25.78 19.64
C THR B 146 14.27 -25.27 18.24
N PHE B 147 15.25 -25.04 17.38
CA PHE B 147 14.98 -24.59 16.00
C PHE B 147 16.18 -24.89 15.12
N PHE B 148 16.04 -24.59 13.82
CA PHE B 148 16.99 -25.02 12.80
C PHE B 148 18.29 -24.24 12.72
N LEU B 149 18.33 -23.04 13.31
CA LEU B 149 19.45 -22.12 13.09
C LEU B 149 19.81 -21.38 14.36
N ARG B 150 21.01 -20.77 14.37
CA ARG B 150 21.44 -19.96 15.51
C ARG B 150 21.81 -18.52 15.11
N ASP B 151 21.46 -18.13 13.89
CA ASP B 151 21.76 -16.78 13.47
C ASP B 151 20.69 -16.31 12.49
N GLY B 152 20.08 -15.16 12.78
CA GLY B 152 19.02 -14.62 11.94
C GLY B 152 19.44 -14.33 10.51
N MET B 153 20.73 -14.13 10.29
CA MET B 153 21.24 -13.93 8.93
C MET B 153 20.81 -15.07 8.00
N LYS B 154 20.68 -16.27 8.55
CA LYS B 154 20.38 -17.46 7.76
C LYS B 154 18.88 -17.76 7.64
N PHE B 155 18.06 -17.02 8.38
CA PHE B 155 16.63 -17.34 8.41
C PHE B 155 15.93 -17.26 7.03
N PRO B 156 16.14 -16.17 6.26
CA PRO B 156 15.51 -16.14 4.93
C PRO B 156 16.01 -17.26 4.00
N ASP B 157 17.24 -17.71 4.16
CA ASP B 157 17.72 -18.85 3.38
C ASP B 157 16.92 -20.09 3.71
N PHE B 158 16.75 -20.36 5.01
CA PHE B 158 15.99 -21.52 5.42
C PHE B 158 14.55 -21.45 4.92
N ILE B 159 13.89 -20.32 5.12
CA ILE B 159 12.49 -20.25 4.72
C ILE B 159 12.33 -20.36 3.20
N HIS B 160 13.22 -19.57 2.30
CA HIS B 160 13.10 -19.89 0.88
C HIS B 160 13.32 -21.39 0.65
N SER B 161 14.20 -22.07 1.29
CA SER B 161 14.44 -23.48 0.96
C SER B 161 13.24 -24.38 1.29
N GLN B 162 12.40 -23.95 2.23
CA GLN B 162 11.18 -24.67 2.60
C GLN B 162 9.98 -24.31 1.74
N LYS B 163 10.10 -23.25 0.96
CA LYS B 163 9.01 -22.78 0.11
C LYS B 163 9.23 -23.24 -1.34
N ARG B 164 8.94 -22.39 -2.32
CA ARG B 164 8.90 -22.83 -3.71
C ARG B 164 10.04 -22.33 -4.57
N LEU B 165 10.51 -23.20 -5.47
CA LEU B 165 11.52 -22.84 -6.45
C LEU B 165 11.09 -21.62 -7.23
N ASN B 166 12.04 -20.74 -7.54
CA ASN B 166 11.71 -19.52 -8.27
C ASN B 166 11.18 -19.78 -9.67
N LYS B 167 11.62 -20.85 -10.31
CA LYS B 167 11.24 -21.05 -11.70
C LYS B 167 9.79 -21.50 -11.89
N ASN B 168 9.32 -22.38 -11.02
CA ASN B 168 8.08 -23.10 -11.32
C ASN B 168 7.06 -23.18 -10.18
N GLY B 169 7.35 -22.51 -9.06
CA GLY B 169 6.41 -22.51 -7.95
C GLY B 169 6.19 -23.86 -7.28
N LEU B 170 7.17 -24.77 -7.37
CA LEU B 170 7.06 -26.06 -6.70
C LEU B 170 7.98 -26.13 -5.49
N ARG B 171 7.49 -26.70 -4.40
CA ARG B 171 8.37 -27.03 -3.29
C ARG B 171 9.29 -28.15 -3.77
N ASP B 172 10.42 -28.34 -3.12
CA ASP B 172 11.43 -29.21 -3.71
C ASP B 172 12.31 -29.90 -2.68
N ALA B 173 12.34 -31.23 -2.73
CA ALA B 173 13.13 -32.02 -1.80
C ALA B 173 14.63 -31.74 -1.91
N ASP B 174 15.15 -31.63 -3.14
CA ASP B 174 16.58 -31.39 -3.30
C ASP B 174 16.96 -30.10 -2.60
N MET B 175 16.17 -29.06 -2.80
CA MET B 175 16.45 -27.78 -2.19
C MET B 175 16.42 -27.85 -0.66
N GLN B 176 15.40 -28.52 -0.10
CA GLN B 176 15.31 -28.63 1.36
C GLN B 176 16.54 -29.31 1.96
N TRP B 177 16.94 -30.43 1.38
CA TRP B 177 18.09 -31.19 1.88
C TRP B 177 19.44 -30.55 1.54
N ASP B 178 19.53 -29.89 0.38
CA ASP B 178 20.75 -29.18 0.05
C ASP B 178 21.00 -28.12 1.11
N PHE B 179 19.98 -27.35 1.46
CA PHE B 179 20.14 -26.37 2.52
C PHE B 179 20.46 -27.02 3.86
N TRP B 180 19.65 -27.97 4.29
CA TRP B 180 19.84 -28.59 5.60
C TRP B 180 21.23 -29.21 5.78
N THR B 181 21.71 -29.93 4.76
CA THR B 181 23.01 -30.60 4.90
C THR B 181 24.18 -29.61 4.83
N ARG B 182 23.96 -28.47 4.18
CA ARG B 182 24.99 -27.43 4.11
C ARG B 182 24.92 -26.49 5.30
N ALA B 183 23.83 -26.58 6.05
CA ALA B 183 23.67 -25.85 7.31
C ALA B 183 23.45 -26.86 8.41
N PRO B 184 24.52 -27.61 8.79
CA PRO B 184 24.36 -28.75 9.70
C PRO B 184 23.88 -28.38 11.11
N GLU B 185 23.91 -27.08 11.45
CA GLU B 185 23.32 -26.63 12.72
C GLU B 185 21.83 -27.02 12.76
N SER B 186 21.25 -27.30 11.59
CA SER B 186 19.85 -27.70 11.48
C SER B 186 19.55 -29.10 12.03
N ALA B 187 20.57 -29.89 12.33
CA ALA B 187 20.35 -31.32 12.65
C ALA B 187 19.43 -31.57 13.84
N HIS B 188 19.56 -30.79 14.90
CA HIS B 188 18.70 -30.99 16.07
C HIS B 188 17.22 -30.86 15.69
N GLN B 189 16.85 -29.75 15.08
CA GLN B 189 15.44 -29.55 14.76
C GLN B 189 14.94 -30.46 13.65
N VAL B 190 15.80 -30.77 12.67
CA VAL B 190 15.37 -31.67 11.61
C VAL B 190 15.07 -33.07 12.15
N THR B 191 15.84 -33.51 13.15
CA THR B 191 15.58 -34.79 13.79
C THR B 191 14.21 -34.78 14.50
N TYR B 192 13.91 -33.68 15.19
CA TYR B 192 12.62 -33.48 15.85
C TYR B 192 11.48 -33.46 14.81
N LEU B 193 11.68 -32.67 13.75
CA LEU B 193 10.70 -32.52 12.67
C LEU B 193 10.39 -33.84 11.95
N MET B 194 11.41 -34.67 11.75
CA MET B 194 11.25 -35.89 10.97
C MET B 194 10.67 -37.04 11.78
N GLY B 195 10.56 -36.84 13.09
CA GLY B 195 9.98 -37.82 13.98
C GLY B 195 8.45 -37.71 14.04
N ASP B 196 7.85 -38.34 15.03
CA ASP B 196 6.39 -38.35 15.15
C ASP B 196 5.85 -36.94 15.31
N ARG B 197 6.60 -36.08 15.99
CA ARG B 197 6.10 -34.75 16.33
C ARG B 197 6.01 -33.79 15.15
N GLY B 198 6.56 -34.20 14.01
CA GLY B 198 6.39 -33.43 12.77
C GLY B 198 4.95 -33.45 12.29
N THR B 199 4.14 -34.38 12.78
CA THR B 199 2.75 -34.48 12.38
C THR B 199 1.78 -34.66 13.56
N PRO B 200 1.67 -33.63 14.42
CA PRO B 200 0.69 -33.70 15.50
C PRO B 200 -0.73 -33.71 14.92
N LYS B 201 -1.65 -34.44 15.54
CA LYS B 201 -3.00 -34.50 15.02
C LYS B 201 -3.76 -33.18 15.07
N THR B 202 -3.63 -32.46 16.18
CA THR B 202 -4.38 -31.22 16.37
C THR B 202 -3.50 -30.15 17.01
N SER B 203 -4.04 -28.96 17.17
CA SER B 203 -3.35 -27.90 17.91
C SER B 203 -3.40 -28.16 19.41
N ARG B 204 -4.40 -28.92 19.86
CA ARG B 204 -4.58 -29.20 21.29
C ARG B 204 -3.64 -30.30 21.81
N HIS B 205 -3.14 -31.12 20.90
CA HIS B 205 -2.38 -32.31 21.25
C HIS B 205 -0.90 -32.16 20.94
N GLN B 206 -0.35 -31.03 21.39
CA GLN B 206 1.06 -30.74 21.27
C GLN B 206 1.46 -29.82 22.41
N ASP B 207 2.72 -29.89 22.82
CA ASP B 207 3.27 -28.90 23.74
C ASP B 207 3.59 -27.63 22.97
N GLY B 208 3.77 -26.56 23.71
CA GLY B 208 4.34 -25.33 23.17
C GLY B 208 5.59 -24.97 23.94
N PHE B 209 6.46 -24.17 23.33
CA PHE B 209 7.71 -23.75 23.95
C PHE B 209 8.05 -22.35 23.50
N GLY B 210 8.70 -21.58 24.36
CA GLY B 210 9.28 -20.31 23.95
C GLY B 210 10.52 -20.53 23.10
N SER B 211 11.14 -21.71 23.27
CA SER B 211 12.36 -22.13 22.58
C SER B 211 13.61 -21.37 23.00
N HIS B 212 13.61 -20.05 22.80
CA HIS B 212 14.74 -19.22 23.21
C HIS B 212 14.91 -19.15 24.72
N THR B 213 16.14 -18.89 25.13
CA THR B 213 16.39 -18.39 26.47
C THR B 213 15.93 -16.93 26.56
N PHE B 214 15.11 -16.65 27.57
CA PHE B 214 14.70 -15.29 27.90
C PHE B 214 15.25 -14.96 29.28
N GLN B 215 14.98 -13.76 29.75
CA GLN B 215 15.39 -13.37 31.07
C GLN B 215 14.19 -13.00 31.91
N TRP B 216 14.24 -13.36 33.19
CA TRP B 216 13.30 -12.88 34.19
C TRP B 216 14.07 -11.99 35.15
N ILE B 217 13.48 -10.88 35.56
CA ILE B 217 14.12 -9.98 36.52
C ILE B 217 13.14 -9.72 37.64
N ASN B 218 13.59 -9.84 38.89
CA ASN B 218 12.69 -9.65 40.02
C ASN B 218 12.63 -8.18 40.45
N ALA B 219 11.85 -7.90 41.48
CA ALA B 219 11.65 -6.53 41.94
C ALA B 219 12.95 -5.85 42.39
N GLU B 220 13.92 -6.66 42.81
CA GLU B 220 15.20 -6.15 43.30
C GLU B 220 16.23 -6.00 42.19
N GLY B 221 15.83 -6.34 40.96
CA GLY B 221 16.70 -6.19 39.81
C GLY B 221 17.61 -7.38 39.51
N LYS B 222 17.40 -8.50 40.22
CA LYS B 222 18.20 -9.70 39.99
C LYS B 222 17.67 -10.50 38.80
N PRO B 223 18.55 -10.80 37.83
CA PRO B 223 18.16 -11.57 36.66
C PRO B 223 18.39 -13.08 36.80
N VAL B 224 17.53 -13.86 36.17
CA VAL B 224 17.76 -15.30 35.94
C VAL B 224 17.43 -15.61 34.48
N TRP B 225 18.02 -16.65 33.93
CA TRP B 225 17.70 -17.07 32.56
C TRP B 225 16.57 -18.07 32.63
N VAL B 226 15.59 -17.97 31.71
CA VAL B 226 14.45 -18.88 31.71
C VAL B 226 14.11 -19.44 30.33
N LYS B 227 13.51 -20.62 30.32
CA LYS B 227 12.86 -21.15 29.12
C LYS B 227 11.44 -21.56 29.45
N TYR B 228 10.50 -21.19 28.57
CA TYR B 228 9.08 -21.49 28.77
C TYR B 228 8.67 -22.82 28.17
N HIS B 229 7.90 -23.58 28.91
CA HIS B 229 7.31 -24.87 28.47
C HIS B 229 5.83 -24.86 28.75
N PHE B 230 5.06 -25.12 27.71
CA PHE B 230 3.61 -25.19 27.84
C PHE B 230 3.20 -26.65 27.62
N LYS B 231 2.86 -27.33 28.70
CA LYS B 231 2.70 -28.78 28.65
C LYS B 231 1.23 -29.14 28.47
N THR B 232 0.91 -29.78 27.34
CA THR B 232 -0.49 -30.03 27.00
C THR B 232 -1.17 -31.01 27.97
N ARG B 233 -2.33 -30.63 28.49
CA ARG B 233 -3.11 -31.56 29.31
C ARG B 233 -3.86 -32.59 28.45
N GLN B 234 -3.95 -32.33 27.16
CA GLN B 234 -4.61 -33.26 26.25
C GLN B 234 -3.65 -34.37 25.82
N GLY B 235 -2.35 -34.09 25.91
CA GLY B 235 -1.31 -35.05 25.55
C GLY B 235 -0.85 -34.96 24.10
N TRP B 236 0.42 -35.26 23.85
CA TRP B 236 0.89 -35.37 22.47
C TRP B 236 0.12 -36.50 21.80
N ASP B 237 -0.32 -36.26 20.57
CA ASP B 237 -1.01 -37.29 19.79
C ASP B 237 -0.65 -37.01 18.33
N CYS B 238 -0.06 -37.99 17.65
CA CYS B 238 0.54 -37.76 16.33
C CYS B 238 0.04 -38.74 15.28
N PHE B 239 -0.20 -38.22 14.07
CA PHE B 239 -0.41 -39.03 12.88
C PHE B 239 0.89 -39.68 12.42
N THR B 240 0.79 -40.80 11.70
CA THR B 240 1.94 -41.27 10.94
C THR B 240 2.07 -40.39 9.69
N ASP B 241 3.18 -40.53 8.98
CA ASP B 241 3.38 -39.81 7.72
C ASP B 241 2.22 -40.05 6.76
N ALA B 242 1.83 -41.31 6.59
CA ALA B 242 0.76 -41.65 5.66
C ALA B 242 -0.60 -41.08 6.11
N GLU B 243 -0.87 -41.17 7.42
CA GLU B 243 -2.11 -40.65 7.97
C GLU B 243 -2.23 -39.13 7.76
N ALA B 244 -1.14 -38.42 7.99
CA ALA B 244 -1.15 -36.96 7.86
C ALA B 244 -1.50 -36.54 6.44
N ALA B 245 -0.99 -37.28 5.46
CA ALA B 245 -1.27 -37.00 4.05
C ALA B 245 -2.72 -37.31 3.69
N LYS B 246 -3.24 -38.43 4.19
CA LYS B 246 -4.64 -38.76 3.98
C LYS B 246 -5.55 -37.66 4.53
N VAL B 247 -5.26 -37.20 5.74
CA VAL B 247 -6.06 -36.13 6.33
C VAL B 247 -5.93 -34.83 5.53
N ALA B 248 -4.75 -34.56 4.98
CA ALA B 248 -4.55 -33.37 4.17
C ALA B 248 -5.51 -33.32 2.99
N GLY B 249 -5.81 -34.48 2.40
CA GLY B 249 -6.72 -34.54 1.27
C GLY B 249 -8.19 -34.55 1.68
N GLU B 250 -8.46 -35.07 2.87
CA GLU B 250 -9.83 -35.12 3.39
C GLU B 250 -10.29 -33.77 3.93
N ASN B 251 -9.39 -33.11 4.67
CA ASN B 251 -9.73 -31.85 5.33
C ASN B 251 -8.46 -31.03 5.52
N ALA B 252 -8.21 -30.11 4.60
CA ALA B 252 -7.02 -29.25 4.67
C ALA B 252 -7.03 -28.36 5.91
N ASP B 253 -8.20 -28.24 6.55
CA ASP B 253 -8.36 -27.39 7.71
C ASP B 253 -8.67 -28.21 8.95
N TYR B 254 -8.15 -29.43 8.98
CA TYR B 254 -8.46 -30.37 10.05
C TYR B 254 -8.19 -29.80 11.45
N GLN B 255 -7.07 -29.10 11.61
CA GLN B 255 -6.71 -28.58 12.92
C GLN B 255 -7.49 -27.32 13.28
N ARG B 256 -7.69 -26.44 12.30
CA ARG B 256 -8.55 -25.28 12.48
C ARG B 256 -9.96 -25.71 12.93
N GLU B 257 -10.51 -26.70 12.24
CA GLU B 257 -11.85 -27.19 12.55
C GLU B 257 -11.89 -27.86 13.93
N ASP B 258 -10.86 -28.63 14.25
CA ASP B 258 -10.80 -29.31 15.53
C ASP B 258 -10.84 -28.32 16.70
N LEU B 259 -10.07 -27.25 16.62
CA LEU B 259 -10.03 -26.28 17.71
C LEU B 259 -11.36 -25.54 17.85
N TYR B 260 -11.90 -25.10 16.72
CA TYR B 260 -13.22 -24.47 16.72
C TYR B 260 -14.26 -25.36 17.38
N ASN B 261 -14.33 -26.62 16.93
CA ASN B 261 -15.31 -27.57 17.43
C ASN B 261 -15.15 -27.81 18.92
N ALA B 262 -13.91 -27.99 19.35
CA ALA B 262 -13.63 -28.30 20.75
C ALA B 262 -14.15 -27.19 21.65
N ILE B 263 -13.84 -25.95 21.29
CA ILE B 263 -14.28 -24.80 22.09
C ILE B 263 -15.81 -24.61 22.01
N GLU B 264 -16.37 -24.76 20.82
CA GLU B 264 -17.82 -24.66 20.64
C GLU B 264 -18.55 -25.70 21.52
N ASN B 265 -17.96 -26.88 21.66
CA ASN B 265 -18.53 -27.95 22.50
C ASN B 265 -18.24 -27.83 24.00
N GLY B 266 -17.48 -26.82 24.39
CA GLY B 266 -17.16 -26.63 25.80
C GLY B 266 -16.00 -27.48 26.27
N ASP B 267 -15.30 -28.12 25.33
CA ASP B 267 -14.14 -28.94 25.66
C ASP B 267 -12.88 -28.09 25.59
N PHE B 268 -12.68 -27.24 26.60
CA PHE B 268 -11.66 -26.19 26.55
C PHE B 268 -10.27 -26.77 26.82
N PRO B 269 -9.36 -26.63 25.83
CA PRO B 269 -8.04 -27.23 26.03
C PRO B 269 -7.18 -26.42 27.02
N ILE B 270 -6.33 -27.11 27.76
CA ILE B 270 -5.52 -26.52 28.80
C ILE B 270 -4.05 -26.92 28.63
N TRP B 271 -3.15 -25.99 28.95
CA TRP B 271 -1.73 -26.29 29.04
C TRP B 271 -1.23 -25.83 30.39
N ASP B 272 -0.37 -26.62 31.01
CA ASP B 272 0.32 -26.16 32.21
C ASP B 272 1.55 -25.33 31.83
N VAL B 273 1.66 -24.16 32.44
CA VAL B 273 2.77 -23.25 32.16
C VAL B 273 3.90 -23.55 33.13
N LYS B 274 5.07 -23.87 32.59
CA LYS B 274 6.24 -24.19 33.42
C LYS B 274 7.45 -23.50 32.85
N VAL B 275 8.47 -23.33 33.68
CA VAL B 275 9.74 -22.77 33.21
C VAL B 275 10.92 -23.59 33.69
N GLN B 276 11.98 -23.58 32.90
CA GLN B 276 13.31 -23.94 33.39
C GLN B 276 13.95 -22.64 33.85
N ILE B 277 14.65 -22.68 34.98
CA ILE B 277 15.31 -21.50 35.50
C ILE B 277 16.80 -21.78 35.70
N MET B 278 17.63 -21.08 34.93
CA MET B 278 19.06 -21.20 35.06
C MET B 278 19.61 -19.96 35.74
N PRO B 279 20.17 -20.13 36.95
CA PRO B 279 20.77 -18.98 37.63
C PRO B 279 21.79 -18.28 36.73
N PHE B 280 21.82 -16.95 36.81
CA PHE B 280 22.69 -16.13 35.99
C PHE B 280 24.13 -16.65 36.08
N GLU B 281 24.56 -17.06 37.28
CA GLU B 281 25.92 -17.54 37.49
C GLU B 281 26.24 -18.90 36.87
N ASP B 282 25.22 -19.66 36.48
CA ASP B 282 25.39 -20.99 35.88
C ASP B 282 25.71 -20.94 34.38
N ALA B 283 25.38 -19.83 33.73
CA ALA B 283 25.44 -19.77 32.28
C ALA B 283 26.81 -20.04 31.66
N GLU B 284 27.86 -19.43 32.19
CA GLU B 284 29.17 -19.53 31.54
C GLU B 284 29.74 -20.94 31.53
N ASN B 285 29.41 -21.73 32.55
CA ASN B 285 29.99 -23.05 32.67
C ASN B 285 29.09 -24.21 32.25
N TYR B 286 27.90 -23.90 31.73
CA TYR B 286 27.00 -24.98 31.33
C TYR B 286 27.66 -25.79 30.20
N ARG B 287 27.37 -27.09 30.16
CA ARG B 287 27.99 -27.95 29.15
C ARG B 287 27.68 -27.52 27.71
N TRP B 288 26.55 -26.84 27.53
CA TRP B 288 26.18 -26.31 26.22
C TRP B 288 26.04 -24.79 26.33
N ASN B 289 26.27 -24.08 25.23
CA ASN B 289 26.02 -22.65 25.21
C ASN B 289 24.54 -22.40 25.49
N PRO B 290 24.24 -21.65 26.57
CA PRO B 290 22.84 -21.54 27.00
C PRO B 290 22.01 -20.58 26.16
N PHE B 291 22.64 -19.90 25.20
CA PHE B 291 21.97 -18.92 24.37
C PHE B 291 21.87 -19.35 22.90
N ASP B 292 22.36 -20.55 22.61
CA ASP B 292 22.30 -21.14 21.28
C ASP B 292 20.96 -21.83 21.12
N LEU B 293 20.10 -21.30 20.26
CA LEU B 293 18.76 -21.82 20.07
C LEU B 293 18.74 -23.31 19.68
N THR B 294 19.79 -23.78 19.01
CA THR B 294 19.88 -25.18 18.60
C THR B 294 20.25 -26.10 19.75
N LYS B 295 20.44 -25.54 20.94
CA LYS B 295 20.76 -26.32 22.12
C LYS B 295 19.65 -26.20 23.17
N THR B 296 19.02 -27.31 23.51
CA THR B 296 18.10 -27.33 24.63
C THR B 296 18.86 -27.43 25.95
N TRP B 297 18.23 -27.01 27.05
CA TRP B 297 18.79 -27.23 28.38
C TRP B 297 18.22 -28.55 28.85
N SER B 298 19.09 -29.45 29.30
CA SER B 298 18.61 -30.75 29.75
C SER B 298 17.69 -30.59 30.95
N GLN B 299 16.56 -31.27 30.92
CA GLN B 299 15.63 -31.22 32.04
C GLN B 299 16.14 -32.01 33.25
N LYS B 300 17.22 -32.76 33.07
CA LYS B 300 17.86 -33.42 34.20
C LYS B 300 18.74 -32.42 34.94
N ASP B 301 19.19 -31.38 34.24
CA ASP B 301 19.96 -30.29 34.85
C ASP B 301 19.05 -29.17 35.35
N TYR B 302 18.00 -28.88 34.58
CA TYR B 302 17.05 -27.81 34.91
C TYR B 302 15.62 -28.32 34.76
N PRO B 303 15.08 -28.88 35.85
CA PRO B 303 13.73 -29.45 35.79
C PRO B 303 12.67 -28.39 35.59
N LEU B 304 11.52 -28.79 35.07
CA LEU B 304 10.40 -27.87 34.89
C LEU B 304 9.85 -27.43 36.24
N ILE B 305 9.62 -26.12 36.36
CA ILE B 305 9.11 -25.50 37.56
C ILE B 305 7.73 -24.93 37.24
N PRO B 306 6.71 -25.32 38.03
CA PRO B 306 5.34 -24.91 37.69
C PRO B 306 5.07 -23.42 37.95
N VAL B 307 4.24 -22.82 37.09
CA VAL B 307 3.84 -21.42 37.24
C VAL B 307 2.33 -21.30 37.33
N GLY B 308 1.62 -21.98 36.42
CA GLY B 308 0.17 -21.92 36.39
C GLY B 308 -0.33 -22.69 35.19
N TYR B 309 -1.48 -22.28 34.66
CA TYR B 309 -2.03 -22.93 33.47
C TYR B 309 -2.74 -21.89 32.63
N PHE B 310 -2.94 -22.20 31.36
CA PHE B 310 -3.85 -21.40 30.55
C PHE B 310 -4.90 -22.27 29.88
N ILE B 311 -6.04 -21.67 29.61
CA ILE B 311 -7.18 -22.37 29.05
C ILE B 311 -7.73 -21.57 27.89
N LEU B 312 -8.11 -22.27 26.82
CA LEU B 312 -8.74 -21.62 25.66
C LEU B 312 -10.25 -21.83 25.76
N ASN B 313 -10.99 -20.76 26.04
CA ASN B 313 -12.42 -20.88 26.26
C ASN B 313 -13.29 -19.95 25.40
N ARG B 314 -12.70 -19.33 24.38
CA ARG B 314 -13.45 -18.40 23.54
C ARG B 314 -12.96 -18.46 22.09
N ASN B 315 -13.86 -18.85 21.19
CA ASN B 315 -13.56 -18.76 19.76
C ASN B 315 -13.60 -17.30 19.32
N PRO B 316 -12.87 -16.95 18.25
CA PRO B 316 -12.98 -15.57 17.76
C PRO B 316 -14.41 -15.25 17.30
N ARG B 317 -14.76 -13.97 17.35
CA ARG B 317 -16.03 -13.51 16.81
C ARG B 317 -15.94 -13.42 15.29
N ASN B 318 -14.77 -13.01 14.80
CA ASN B 318 -14.52 -12.88 13.37
C ASN B 318 -13.05 -13.25 13.11
N PHE B 319 -12.88 -14.34 12.36
CA PHE B 319 -11.57 -14.93 12.08
C PHE B 319 -10.59 -13.94 11.44
N PHE B 320 -11.00 -13.28 10.36
CA PHE B 320 -10.09 -12.36 9.69
C PHE B 320 -9.70 -11.20 10.60
N ALA B 321 -10.70 -10.59 11.21
CA ALA B 321 -10.48 -9.35 11.96
C ALA B 321 -9.62 -9.59 13.19
N GLN B 322 -9.75 -10.77 13.80
CA GLN B 322 -9.14 -11.02 15.10
C GLN B 322 -7.99 -12.03 15.09
N ILE B 323 -7.91 -12.87 14.06
CA ILE B 323 -6.84 -13.84 13.95
C ILE B 323 -5.92 -13.50 12.78
N GLU B 324 -6.45 -13.32 11.57
CA GLU B 324 -5.58 -12.94 10.47
C GLU B 324 -4.84 -11.63 10.77
N GLN B 325 -5.55 -10.68 11.37
CA GLN B 325 -4.98 -9.37 11.68
C GLN B 325 -4.26 -9.25 13.02
N ILE B 326 -4.25 -10.31 13.82
CA ILE B 326 -3.45 -10.23 15.04
C ILE B 326 -1.99 -10.07 14.63
N ALA B 327 -1.26 -9.30 15.44
CA ALA B 327 0.14 -9.00 15.16
C ALA B 327 0.96 -9.48 16.34
N LEU B 328 1.23 -10.78 16.36
CA LEU B 328 1.98 -11.38 17.46
C LEU B 328 3.48 -11.12 17.25
N ASP B 329 4.16 -10.73 18.32
CA ASP B 329 5.49 -10.14 18.20
C ASP B 329 6.31 -10.43 19.46
N PRO B 330 7.43 -11.16 19.32
CA PRO B 330 8.25 -11.44 20.52
C PRO B 330 8.84 -10.17 21.16
N GLY B 331 8.84 -9.06 20.41
CA GLY B 331 9.29 -7.77 20.94
C GLY B 331 8.29 -7.14 21.89
N ASN B 332 7.08 -7.70 21.95
CA ASN B 332 6.11 -7.28 22.94
C ASN B 332 6.46 -7.86 24.30
N ILE B 333 7.50 -7.32 24.90
CA ILE B 333 7.88 -7.68 26.27
C ILE B 333 7.36 -6.64 27.25
N VAL B 334 7.38 -6.99 28.53
CA VAL B 334 6.86 -6.16 29.59
C VAL B 334 7.88 -6.14 30.73
N PRO B 335 7.72 -5.20 31.68
CA PRO B 335 8.65 -5.20 32.80
C PRO B 335 8.72 -6.55 33.52
N GLY B 336 9.93 -6.96 33.89
CA GLY B 336 10.13 -8.26 34.51
C GLY B 336 10.57 -9.36 33.55
N VAL B 337 10.54 -9.05 32.25
CA VAL B 337 10.94 -9.96 31.20
C VAL B 337 11.97 -9.28 30.32
N GLY B 338 13.02 -10.02 29.95
CA GLY B 338 14.06 -9.51 29.08
C GLY B 338 14.48 -10.52 28.03
N LEU B 339 15.39 -10.11 27.16
CA LEU B 339 15.90 -10.95 26.08
C LEU B 339 17.17 -11.70 26.50
N SER B 340 18.02 -12.05 25.55
CA SER B 340 19.26 -12.79 25.82
C SER B 340 20.16 -12.65 24.58
N PRO B 341 21.43 -13.07 24.68
CA PRO B 341 22.34 -13.04 23.52
C PRO B 341 22.11 -14.16 22.51
N ASP B 342 20.85 -14.56 22.35
CA ASP B 342 20.45 -15.47 21.29
C ASP B 342 20.24 -14.62 20.02
N ARG B 343 21.09 -14.82 19.01
CA ARG B 343 21.05 -13.95 17.83
C ARG B 343 19.77 -14.13 17.01
N MET B 344 19.19 -15.32 17.07
CA MET B 344 17.90 -15.56 16.42
C MET B 344 16.84 -14.67 17.07
N LEU B 345 16.76 -14.73 18.38
CA LEU B 345 15.83 -13.89 19.13
C LEU B 345 16.04 -12.41 18.80
N GLN B 346 17.29 -11.96 18.77
CA GLN B 346 17.55 -10.55 18.54
C GLN B 346 17.10 -10.10 17.15
N ALA B 347 17.28 -10.95 16.15
CA ALA B 347 16.74 -10.66 14.82
C ALA B 347 15.21 -10.60 14.82
N ARG B 348 14.57 -11.53 15.53
CA ARG B 348 13.11 -11.56 15.65
C ARG B 348 12.56 -10.27 16.25
N ILE B 349 13.27 -9.70 17.23
CA ILE B 349 12.79 -8.53 17.93
C ILE B 349 12.62 -7.36 16.94
N PHE B 350 13.44 -7.35 15.89
CA PHE B 350 13.25 -6.41 14.80
C PHE B 350 12.16 -6.86 13.81
N ALA B 351 12.21 -8.13 13.42
CA ALA B 351 11.52 -8.57 12.20
C ALA B 351 10.00 -8.57 12.21
N TYR B 352 9.38 -8.84 13.35
CA TYR B 352 7.93 -9.05 13.35
C TYR B 352 7.17 -7.74 13.13
N ALA B 353 7.50 -6.73 13.92
CA ALA B 353 6.88 -5.42 13.77
C ALA B 353 7.17 -4.86 12.38
N ASP B 354 8.37 -5.09 11.88
CA ASP B 354 8.71 -4.67 10.53
C ASP B 354 7.74 -5.27 9.51
N GLN B 355 7.53 -6.59 9.57
CA GLN B 355 6.58 -7.20 8.64
C GLN B 355 5.15 -6.69 8.86
N GLN B 356 4.74 -6.55 10.11
CA GLN B 356 3.38 -6.14 10.42
C GLN B 356 3.03 -4.73 9.93
N ARG B 357 4.01 -3.82 9.97
CA ARG B 357 3.83 -2.48 9.40
C ARG B 357 3.45 -2.54 7.92
N TYR B 358 3.99 -3.54 7.22
CA TYR B 358 3.69 -3.76 5.80
C TYR B 358 2.42 -4.59 5.58
N ARG B 359 2.36 -5.75 6.25
CA ARG B 359 1.30 -6.73 6.07
C ARG B 359 -0.07 -6.19 6.47
N ILE B 360 -0.11 -5.42 7.55
CA ILE B 360 -1.35 -4.86 8.06
C ILE B 360 -1.42 -3.37 7.77
N GLY B 361 -0.42 -2.61 8.23
CA GLY B 361 -0.38 -1.17 8.00
C GLY B 361 0.34 -0.46 9.12
N ALA B 362 0.70 0.80 8.90
CA ALA B 362 1.46 1.55 9.90
C ALA B 362 0.75 1.60 11.25
N ASN B 363 -0.58 1.60 11.23
CA ASN B 363 -1.38 1.76 12.43
C ASN B 363 -2.00 0.46 12.93
N TYR B 364 -1.33 -0.65 12.64
CA TYR B 364 -1.84 -1.96 13.02
C TYR B 364 -2.06 -2.12 14.52
N ARG B 365 -1.28 -1.38 15.33
CA ARG B 365 -1.37 -1.46 16.78
C ARG B 365 -2.71 -0.97 17.31
N ASP B 366 -3.44 -0.21 16.49
CA ASP B 366 -4.69 0.38 16.91
C ASP B 366 -5.89 -0.52 16.64
N LEU B 367 -5.71 -1.60 15.89
CA LEU B 367 -6.81 -2.53 15.66
C LEU B 367 -7.21 -3.19 16.97
N PRO B 368 -8.52 -3.45 17.12
CA PRO B 368 -9.06 -4.02 18.36
C PRO B 368 -8.23 -5.14 18.99
N VAL B 369 -7.84 -6.15 18.21
CA VAL B 369 -7.13 -7.29 18.80
C VAL B 369 -5.69 -6.93 19.22
N ASN B 370 -5.16 -5.83 18.68
CA ASN B 370 -3.77 -5.46 18.96
C ASN B 370 -3.59 -4.40 20.06
N ARG B 371 -4.67 -3.73 20.45
CA ARG B 371 -4.58 -2.72 21.49
C ARG B 371 -4.46 -3.38 22.86
N PRO B 372 -3.61 -2.83 23.74
CA PRO B 372 -3.55 -3.37 25.09
C PRO B 372 -4.76 -2.94 25.92
N ILE B 373 -4.83 -3.41 27.16
CA ILE B 373 -5.96 -3.03 28.00
C ILE B 373 -5.77 -1.64 28.61
N ASN B 374 -4.52 -1.23 28.81
CA ASN B 374 -4.20 0.11 29.30
C ASN B 374 -4.09 1.13 28.16
N GLU B 375 -4.25 2.42 28.46
CA GLU B 375 -4.09 3.47 27.46
C GLU B 375 -2.64 3.58 26.99
N VAL B 376 -2.46 3.75 25.68
CA VAL B 376 -1.14 3.99 25.09
C VAL B 376 -0.85 5.49 25.10
N ASN B 377 0.28 5.87 25.70
CA ASN B 377 0.73 7.26 25.75
C ASN B 377 1.94 7.43 24.85
N THR B 378 1.72 7.90 23.62
CA THR B 378 2.77 7.94 22.62
C THR B 378 2.78 9.27 21.90
N TYR B 379 3.95 9.64 21.39
CA TYR B 379 4.09 10.81 20.52
C TYR B 379 3.97 10.45 19.04
N SER B 380 3.86 9.17 18.73
CA SER B 380 3.59 8.76 17.35
C SER B 380 2.24 9.31 16.90
N ARG B 381 2.13 9.58 15.61
CA ARG B 381 0.95 10.23 15.08
C ARG B 381 0.76 9.89 13.61
N GLU B 382 -0.41 10.23 13.08
CA GLU B 382 -0.69 10.13 11.64
C GLU B 382 -0.48 8.71 11.12
N GLY B 383 -0.05 8.59 9.86
CA GLY B 383 -0.01 7.30 9.20
C GLY B 383 -1.36 6.92 8.61
N SER B 384 -1.33 6.01 7.63
CA SER B 384 -2.54 5.52 6.97
CA SER B 384 -2.54 5.53 6.98
C SER B 384 -3.56 4.99 7.98
N MET B 385 -4.84 5.27 7.73
CA MET B 385 -5.92 4.68 8.49
C MET B 385 -5.75 4.91 10.00
N GLN B 386 -5.51 6.17 10.36
CA GLN B 386 -5.44 6.54 11.77
C GLN B 386 -6.84 6.60 12.36
N TYR B 387 -7.20 5.61 13.18
CA TYR B 387 -8.51 5.62 13.83
CA TYR B 387 -8.49 5.52 13.84
C TYR B 387 -8.43 6.31 15.17
N ILE B 388 -7.38 6.07 15.92
CA ILE B 388 -7.21 6.63 17.26
C ILE B 388 -6.24 7.81 17.25
N PHE B 389 -6.62 8.89 17.90
CA PHE B 389 -5.75 10.07 18.00
C PHE B 389 -5.76 10.63 19.42
N ASP B 390 -4.71 11.37 19.75
CA ASP B 390 -4.57 11.94 21.08
C ASP B 390 -5.59 13.04 21.40
N ALA B 391 -5.79 13.27 22.69
CA ALA B 391 -6.62 14.37 23.16
C ALA B 391 -6.25 15.68 22.45
N GLU B 392 -7.28 16.47 22.15
CA GLU B 392 -7.15 17.68 21.37
C GLU B 392 -6.03 18.59 21.88
N GLY B 393 -5.10 18.92 20.99
CA GLY B 393 -4.06 19.89 21.30
C GLY B 393 -2.89 19.38 22.09
N GLU B 394 -2.87 18.09 22.45
CA GLU B 394 -1.72 17.54 23.16
C GLU B 394 -0.45 17.66 22.32
N PRO B 395 0.71 17.80 22.98
CA PRO B 395 1.95 18.04 22.24
C PRO B 395 2.42 16.83 21.43
N SER B 396 3.13 17.11 20.34
CA SER B 396 3.62 16.08 19.43
C SER B 396 5.10 15.75 19.65
N TYR B 397 5.75 16.39 20.62
CA TYR B 397 7.19 16.29 20.79
C TYR B 397 7.49 16.28 22.28
N SER B 398 8.58 15.61 22.67
CA SER B 398 9.13 15.78 24.02
C SER B 398 10.63 16.00 23.91
N PRO B 399 11.21 16.74 24.86
CA PRO B 399 10.59 17.40 26.02
C PRO B 399 9.71 18.59 25.63
N ASN B 400 8.67 18.83 26.41
CA ASN B 400 7.75 19.94 26.15
C ASN B 400 7.34 20.59 27.46
N ARG B 401 6.68 21.74 27.35
CA ARG B 401 6.26 22.51 28.53
C ARG B 401 4.91 22.08 29.11
N TYR B 402 4.37 20.97 28.61
CA TYR B 402 3.08 20.47 29.09
C TYR B 402 3.27 19.25 29.99
N ASP B 403 2.27 18.37 30.06
CA ASP B 403 2.29 17.30 31.05
C ASP B 403 2.17 15.89 30.49
N LYS B 404 2.16 15.76 29.16
CA LYS B 404 2.00 14.44 28.53
C LYS B 404 3.09 13.46 28.97
N GLY B 405 4.32 13.98 29.11
CA GLY B 405 5.39 13.22 29.73
C GLY B 405 6.45 12.67 28.80
N ALA B 406 7.41 11.95 29.37
CA ALA B 406 8.45 11.30 28.59
C ALA B 406 8.74 9.93 29.18
N GLY B 407 9.94 9.40 28.97
CA GLY B 407 10.24 8.07 29.49
C GLY B 407 10.42 8.07 31.00
N TYR B 408 10.30 6.91 31.63
CA TYR B 408 10.44 6.84 33.08
C TYR B 408 11.84 7.18 33.61
N LEU B 409 12.86 7.08 32.76
CA LEU B 409 14.21 7.48 33.14
C LEU B 409 14.43 8.99 32.99
N ASP B 410 13.59 9.62 32.15
CA ASP B 410 13.76 11.04 31.83
C ASP B 410 13.11 11.88 32.92
N ASN B 411 13.40 13.19 32.92
CA ASN B 411 12.76 14.08 33.89
C ASN B 411 11.47 14.73 33.39
N GLY B 412 11.18 14.56 32.09
CA GLY B 412 9.97 15.12 31.52
C GLY B 412 10.06 16.59 31.12
N THR B 413 11.22 17.21 31.34
CA THR B 413 11.33 18.64 31.11
C THR B 413 12.49 19.04 30.19
N ASP B 414 13.48 18.16 30.07
CA ASP B 414 14.58 18.44 29.15
C ASP B 414 15.04 17.19 28.39
N SER B 415 16.05 17.36 27.55
CA SER B 415 16.55 16.33 26.66
C SER B 415 17.60 15.40 27.27
N SER B 416 17.87 15.51 28.58
CA SER B 416 18.92 14.71 29.23
C SER B 416 20.30 14.99 28.64
N SER B 417 20.58 16.26 28.35
CA SER B 417 21.92 16.66 27.97
C SER B 417 22.78 16.82 29.23
N ASN B 418 23.84 17.62 29.16
CA ASN B 418 24.73 17.79 30.31
C ASN B 418 25.30 16.46 30.78
N HIS B 419 25.55 15.76 30.02
CA HIS B 419 26.11 14.42 30.12
C HIS B 419 25.38 13.53 31.12
N THR B 420 24.12 13.35 30.95
CA THR B 420 23.25 12.49 31.74
C THR B 420 23.39 11.05 31.27
N SER B 421 23.55 10.11 32.22
CA SER B 421 23.59 8.68 31.92
C SER B 421 22.57 7.99 32.80
N TYR B 422 22.00 6.91 32.29
CA TYR B 422 21.03 6.10 33.02
C TYR B 422 21.55 4.74 33.44
N GLY B 423 22.52 4.21 32.70
CA GLY B 423 23.12 2.95 33.08
C GLY B 423 22.58 1.74 32.33
N GLN B 424 22.77 0.56 32.91
CA GLN B 424 22.49 -0.70 32.23
C GLN B 424 21.02 -0.82 31.82
N ALA B 425 20.80 -1.19 30.56
CA ALA B 425 19.45 -1.28 30.00
C ALA B 425 18.83 -2.64 30.34
N ASP B 426 18.52 -2.82 31.63
CA ASP B 426 18.00 -4.09 32.12
C ASP B 426 16.66 -4.46 31.50
N ASP B 427 15.92 -3.45 31.04
CA ASP B 427 14.61 -3.65 30.42
C ASP B 427 14.75 -4.35 29.07
N ILE B 428 15.95 -4.25 28.49
CA ILE B 428 16.27 -5.04 27.29
C ILE B 428 16.74 -6.42 27.78
N TYR B 429 17.89 -6.47 28.44
CA TYR B 429 18.28 -7.58 29.31
C TYR B 429 19.52 -7.17 30.08
N VAL B 430 19.75 -7.81 31.23
CA VAL B 430 21.01 -7.68 31.93
C VAL B 430 21.98 -8.58 31.17
N ASN B 431 22.96 -7.99 30.48
CA ASN B 431 23.83 -8.80 29.63
C ASN B 431 24.88 -9.55 30.42
N PRO B 432 25.29 -10.71 29.92
CA PRO B 432 26.48 -11.40 30.41
C PRO B 432 27.72 -10.78 29.75
N ASP B 433 28.90 -11.31 30.04
CA ASP B 433 30.14 -10.89 29.40
C ASP B 433 29.97 -10.99 27.87
N PRO B 434 30.32 -9.90 27.13
CA PRO B 434 30.25 -9.99 25.67
C PRO B 434 31.42 -10.76 25.06
N HIS B 435 32.56 -11.11 25.96
CA HIS B 435 33.74 -11.79 25.39
C HIS B 435 34.41 -11.03 24.24
N GLY B 436 34.29 -9.77 24.17
CA GLY B 436 35.08 -9.00 23.23
C GLY B 436 34.72 -7.53 23.29
N THR B 437 35.57 -6.68 22.74
CA THR B 437 35.37 -5.24 22.79
C THR B 437 35.04 -4.66 21.40
N ASP B 438 34.96 -5.52 20.39
CA ASP B 438 34.85 -5.05 19.00
C ASP B 438 33.58 -5.52 18.29
N LEU B 439 33.13 -4.75 17.31
CA LEU B 439 32.13 -5.25 16.38
C LEU B 439 32.79 -6.38 15.61
N VAL B 440 32.18 -7.56 15.66
CA VAL B 440 32.74 -8.73 15.02
C VAL B 440 31.66 -9.58 14.36
N ARG B 441 32.07 -10.48 13.47
CA ARG B 441 31.25 -11.61 13.07
C ARG B 441 31.96 -12.84 13.59
N ALA B 442 31.40 -13.44 14.65
CA ALA B 442 32.12 -14.48 15.38
C ALA B 442 31.23 -15.67 15.70
N ALA B 443 31.84 -16.81 16.00
CA ALA B 443 31.13 -17.95 16.54
C ALA B 443 30.54 -17.60 17.92
N TYR B 444 29.53 -18.35 18.34
CA TYR B 444 29.10 -18.28 19.73
C TYR B 444 30.26 -18.74 20.60
N VAL B 445 30.29 -18.29 21.86
CA VAL B 445 31.26 -18.82 22.82
C VAL B 445 31.16 -20.35 22.83
N LYS B 446 32.30 -21.03 22.74
CA LYS B 446 32.28 -22.48 22.64
C LYS B 446 32.28 -23.16 23.99
N HIS B 447 31.19 -23.85 24.31
CA HIS B 447 31.09 -24.61 25.54
C HIS B 447 31.50 -26.06 25.28
N GLN B 448 31.77 -26.78 26.37
CA GLN B 448 32.39 -28.10 26.31
C GLN B 448 31.77 -29.07 25.30
N ASP B 449 30.45 -29.16 25.29
CA ASP B 449 29.78 -30.16 24.45
C ASP B 449 29.06 -29.57 23.23
N ASP B 450 29.43 -28.36 22.84
CA ASP B 450 28.81 -27.71 21.68
C ASP B 450 29.27 -28.31 20.36
N ASP B 451 28.34 -28.90 19.62
CA ASP B 451 28.53 -29.27 18.23
C ASP B 451 27.14 -29.33 17.60
N ASP B 452 27.06 -29.63 16.30
CA ASP B 452 25.76 -29.62 15.61
C ASP B 452 24.96 -30.91 15.74
N PHE B 453 25.59 -31.96 16.26
CA PHE B 453 24.99 -33.29 16.20
C PHE B 453 24.73 -34.01 17.52
N ILE B 454 25.36 -33.57 18.62
CA ILE B 454 25.27 -34.34 19.87
C ILE B 454 23.84 -34.42 20.43
N GLN B 455 23.09 -33.32 20.39
CA GLN B 455 21.75 -33.36 20.97
C GLN B 455 20.73 -34.21 20.21
N PRO B 456 20.69 -34.12 18.87
CA PRO B 456 19.79 -35.06 18.19
C PRO B 456 20.26 -36.51 18.31
N GLY B 457 21.57 -36.73 18.45
CA GLY B 457 22.09 -38.07 18.68
C GLY B 457 21.64 -38.62 20.01
N ILE B 458 21.66 -37.76 21.04
CA ILE B 458 21.13 -38.10 22.35
C ILE B 458 19.63 -38.43 22.28
N LEU B 459 18.88 -37.63 21.52
CA LEU B 459 17.45 -37.89 21.32
C LEU B 459 17.27 -39.29 20.76
N TYR B 460 18.01 -39.61 19.70
CA TYR B 460 17.90 -40.91 19.04
C TYR B 460 18.32 -42.07 19.95
N ARG B 461 19.49 -41.94 20.58
CA ARG B 461 20.08 -43.03 21.34
C ARG B 461 19.50 -43.22 22.75
N GLU B 462 18.99 -42.14 23.36
CA GLU B 462 18.62 -42.20 24.77
C GLU B 462 17.16 -41.93 25.08
N VAL B 463 16.42 -41.35 24.12
CA VAL B 463 15.04 -40.97 24.37
C VAL B 463 14.03 -41.78 23.56
N LEU B 464 14.27 -41.88 22.25
CA LEU B 464 13.33 -42.56 21.35
C LEU B 464 13.28 -44.06 21.59
N ASP B 465 12.08 -44.65 21.55
CA ASP B 465 11.96 -46.11 21.57
C ASP B 465 12.19 -46.67 20.16
N GLU B 466 12.22 -47.99 20.03
CA GLU B 466 12.56 -48.61 18.75
C GLU B 466 11.57 -48.26 17.63
N GLY B 467 10.28 -48.18 17.97
CA GLY B 467 9.27 -47.78 17.01
C GLY B 467 9.49 -46.35 16.53
N GLU B 468 9.83 -45.47 17.46
CA GLU B 468 10.10 -44.07 17.12
C GLU B 468 11.35 -43.96 16.24
N LYS B 469 12.37 -44.75 16.56
CA LYS B 469 13.58 -44.76 15.75
C LYS B 469 13.30 -45.22 14.31
N GLU B 470 12.50 -46.28 14.18
CA GLU B 470 12.20 -46.82 12.85
C GLU B 470 11.33 -45.86 12.04
N ARG B 471 10.28 -45.33 12.67
CA ARG B 471 9.42 -44.37 12.00
C ARG B 471 10.19 -43.13 11.56
N LEU B 472 11.14 -42.70 12.39
CA LEU B 472 12.00 -41.57 12.05
C LEU B 472 12.77 -41.86 10.76
N ALA B 473 13.42 -43.02 10.69
CA ALA B 473 14.15 -43.39 9.49
C ALA B 473 13.21 -43.49 8.29
N ASP B 474 12.00 -44.02 8.52
CA ASP B 474 11.04 -44.16 7.44
C ASP B 474 10.57 -42.79 6.93
N ASN B 475 10.27 -41.88 7.86
CA ASN B 475 9.85 -40.53 7.51
C ASN B 475 10.93 -39.79 6.73
N ILE B 476 12.17 -39.89 7.19
CA ILE B 476 13.29 -39.23 6.54
C ILE B 476 13.44 -39.73 5.11
N SER B 477 13.47 -41.05 4.94
CA SER B 477 13.63 -41.64 3.61
C SER B 477 12.47 -41.28 2.67
N ASN B 478 11.26 -41.15 3.21
CA ASN B 478 10.14 -40.59 2.43
C ASN B 478 10.42 -39.15 1.99
N ALA B 479 10.87 -38.32 2.92
CA ALA B 479 11.15 -36.92 2.64
C ALA B 479 12.32 -36.73 1.67
N MET B 480 13.15 -37.76 1.52
CA MET B 480 14.28 -37.70 0.60
C MET B 480 13.92 -37.99 -0.85
N GLN B 481 12.75 -38.55 -1.11
CA GLN B 481 12.39 -38.90 -2.48
C GLN B 481 12.39 -37.64 -3.35
N GLY B 482 13.17 -37.69 -4.43
CA GLY B 482 13.28 -36.55 -5.33
C GLY B 482 14.60 -35.81 -5.27
N ILE B 483 15.43 -36.07 -4.26
CA ILE B 483 16.74 -35.43 -4.21
C ILE B 483 17.63 -35.88 -5.36
N SER B 484 18.58 -35.04 -5.74
CA SER B 484 19.49 -35.35 -6.84
C SER B 484 20.57 -36.32 -6.39
N GLU B 485 21.30 -36.89 -7.36
CA GLU B 485 22.41 -37.75 -7.04
C GLU B 485 23.52 -37.00 -6.29
N ALA B 486 23.69 -35.71 -6.58
CA ALA B 486 24.68 -34.91 -5.88
C ALA B 486 24.31 -34.78 -4.40
N THR B 487 23.02 -34.68 -4.13
CA THR B 487 22.56 -34.46 -2.77
C THR B 487 22.55 -35.73 -1.91
N GLU B 488 22.37 -36.88 -2.56
CA GLU B 488 22.32 -38.17 -1.83
C GLU B 488 23.44 -38.37 -0.79
N PRO B 489 24.72 -38.29 -1.21
CA PRO B 489 25.75 -38.54 -0.19
C PRO B 489 25.80 -37.48 0.91
N ARG B 490 25.41 -36.24 0.63
CA ARG B 490 25.36 -35.22 1.67
C ARG B 490 24.34 -35.63 2.74
N VAL B 491 23.20 -36.12 2.29
CA VAL B 491 22.15 -36.54 3.22
C VAL B 491 22.58 -37.78 4.01
N TYR B 492 23.23 -38.74 3.35
CA TYR B 492 23.77 -39.90 4.06
C TYR B 492 24.72 -39.46 5.19
N ASP B 493 25.65 -38.56 4.85
CA ASP B 493 26.64 -38.06 5.80
CA ASP B 493 26.64 -38.06 5.80
C ASP B 493 25.99 -37.36 6.99
N TYR B 494 25.00 -36.54 6.68
CA TYR B 494 24.26 -35.76 7.69
C TYR B 494 23.65 -36.69 8.74
N TRP B 495 22.90 -37.69 8.28
CA TRP B 495 22.27 -38.61 9.23
C TRP B 495 23.28 -39.50 9.96
N ASN B 496 24.34 -39.92 9.27
CA ASN B 496 25.43 -40.63 9.93
C ASN B 496 26.01 -39.81 11.09
N ASN B 497 26.13 -38.51 10.90
CA ASN B 497 26.66 -37.63 11.94
C ASN B 497 25.74 -37.53 13.16
N VAL B 498 24.42 -37.62 12.93
CA VAL B 498 23.48 -37.70 14.04
C VAL B 498 23.68 -39.02 14.80
N ASP B 499 23.68 -40.12 14.05
CA ASP B 499 23.91 -41.44 14.62
C ASP B 499 24.18 -42.42 13.48
N GLU B 500 25.23 -43.23 13.59
CA GLU B 500 25.59 -44.09 12.47
C GLU B 500 24.56 -45.20 12.23
N ASN B 501 23.85 -45.62 13.27
CA ASN B 501 22.80 -46.61 13.06
C ASN B 501 21.57 -45.99 12.37
N LEU B 502 21.21 -44.78 12.79
CA LEU B 502 20.14 -44.05 12.11
C LEU B 502 20.50 -43.82 10.65
N GLY B 503 21.73 -43.34 10.41
CA GLY B 503 22.18 -43.07 9.06
C GLY B 503 22.14 -44.31 8.19
N ALA B 504 22.59 -45.44 8.74
CA ALA B 504 22.58 -46.70 8.00
C ALA B 504 21.16 -47.10 7.61
N ARG B 505 20.23 -46.94 8.56
CA ARG B 505 18.84 -47.34 8.32
C ARG B 505 18.16 -46.39 7.34
N VAL B 506 18.45 -45.10 7.45
CA VAL B 506 17.93 -44.11 6.50
C VAL B 506 18.31 -44.46 5.07
N LYS B 507 19.59 -44.75 4.85
CA LYS B 507 20.07 -45.10 3.52
C LYS B 507 19.44 -46.38 3.01
N GLU B 508 19.36 -47.38 3.89
CA GLU B 508 18.75 -48.66 3.54
C GLU B 508 17.33 -48.47 3.02
N LEU B 509 16.52 -47.72 3.77
CA LEU B 509 15.12 -47.51 3.40
C LEU B 509 14.99 -46.61 2.17
N TYR B 510 15.85 -45.61 2.06
CA TYR B 510 15.85 -44.71 0.92
C TYR B 510 16.08 -45.49 -0.37
N LEU B 511 17.07 -46.38 -0.35
CA LEU B 511 17.43 -47.16 -1.53
C LEU B 511 16.34 -48.17 -1.92
N GLN B 512 15.65 -48.72 -0.92
CA GLN B 512 14.54 -49.64 -1.20
C GLN B 512 13.41 -48.92 -1.91
N LYS B 513 13.18 -47.66 -1.53
CA LYS B 513 12.06 -46.90 -2.07
C LYS B 513 12.37 -46.25 -3.41
N LYS B 514 13.66 -46.02 -3.67
CA LYS B 514 14.07 -45.41 -4.93
C LYS B 514 13.74 -46.31 -6.12
N ALA B 515 13.56 -47.61 -5.83
CA ALA B 515 13.06 -48.59 -6.79
C ALA B 515 13.94 -48.73 -8.03
N GLU C 2 26.32 19.15 -23.93
CA GLU C 2 26.71 17.97 -24.70
C GLU C 2 26.44 16.70 -23.90
N LYS C 3 27.45 15.84 -23.80
CA LYS C 3 27.30 14.56 -23.14
C LYS C 3 27.69 14.61 -21.65
N SER C 4 27.13 13.67 -20.88
CA SER C 4 27.45 13.54 -19.47
C SER C 4 27.73 12.08 -19.15
N ALA C 5 28.61 11.83 -18.18
CA ALA C 5 28.86 10.46 -17.73
C ALA C 5 27.60 9.86 -17.13
N ALA C 6 26.67 10.72 -16.71
CA ALA C 6 25.39 10.28 -16.15
C ALA C 6 24.36 9.86 -17.21
N ASP C 7 24.68 10.00 -18.49
CA ASP C 7 23.71 9.74 -19.56
C ASP C 7 23.15 8.32 -19.56
N GLN C 8 24.00 7.33 -19.31
CA GLN C 8 23.51 5.94 -19.29
C GLN C 8 22.59 5.68 -18.09
N ILE C 9 22.73 6.47 -17.02
CA ILE C 9 21.80 6.35 -15.89
C ILE C 9 20.47 7.04 -16.22
N VAL C 10 20.52 8.28 -16.69
CA VAL C 10 19.29 9.05 -16.90
C VAL C 10 18.47 8.62 -18.11
N ASP C 11 19.04 7.83 -19.01
CA ASP C 11 18.29 7.33 -20.15
C ASP C 11 17.52 6.04 -19.81
N ARG C 12 17.87 5.41 -18.70
CA ARG C 12 17.20 4.17 -18.29
C ARG C 12 15.71 4.41 -18.08
N GLY C 13 14.88 3.60 -18.74
CA GLY C 13 13.45 3.66 -18.53
C GLY C 13 12.69 4.63 -19.41
N MET C 14 13.40 5.42 -20.20
CA MET C 14 12.76 6.45 -21.01
C MET C 14 12.26 5.92 -22.34
N ARG C 15 10.98 6.15 -22.64
CA ARG C 15 10.39 5.81 -23.94
C ARG C 15 10.94 6.70 -25.05
N PRO C 16 10.91 6.21 -26.30
CA PRO C 16 11.16 7.10 -27.43
C PRO C 16 10.02 8.10 -27.58
N LYS C 17 10.24 9.19 -28.29
CA LYS C 17 9.17 10.12 -28.62
C LYS C 17 8.13 9.39 -29.46
N LEU C 18 6.86 9.60 -29.11
CA LEU C 18 5.75 8.93 -29.78
C LEU C 18 4.82 9.95 -30.39
N SER C 19 4.15 9.56 -31.48
CA SER C 19 3.21 10.44 -32.12
C SER C 19 2.08 9.63 -32.74
N GLY C 20 1.29 10.27 -33.58
CA GLY C 20 0.12 9.64 -34.14
C GLY C 20 -1.01 9.73 -33.13
N ASN C 21 -1.49 8.59 -32.69
CA ASN C 21 -2.60 8.55 -31.74
C ASN C 21 -2.18 7.87 -30.45
N THR C 22 -2.94 8.14 -29.40
CA THR C 22 -2.67 7.52 -28.11
C THR C 22 -3.17 6.08 -28.09
N THR C 23 -2.65 5.30 -27.15
CA THR C 23 -3.11 3.94 -26.93
C THR C 23 -3.50 3.76 -25.47
N ARG C 24 -4.36 2.79 -25.20
CA ARG C 24 -4.59 2.38 -23.82
CA ARG C 24 -4.60 2.34 -23.84
C ARG C 24 -3.35 1.65 -23.31
N HIS C 25 -3.37 1.30 -22.03
CA HIS C 25 -2.18 0.70 -21.44
C HIS C 25 -1.95 -0.75 -21.88
N ASN C 26 -2.93 -1.35 -22.54
CA ASN C 26 -2.70 -2.63 -23.22
C ASN C 26 -2.16 -2.47 -24.63
N GLY C 27 -2.01 -1.23 -25.10
CA GLY C 27 -1.54 -0.98 -26.45
C GLY C 27 -2.60 -0.77 -27.52
N ALA C 28 -3.88 -0.97 -27.18
CA ALA C 28 -4.93 -0.78 -28.16
C ALA C 28 -5.19 0.70 -28.40
N PRO C 29 -5.58 1.08 -29.63
CA PRO C 29 -5.81 2.50 -29.92
C PRO C 29 -6.90 3.15 -29.08
N VAL C 30 -6.67 4.40 -28.67
CA VAL C 30 -7.66 5.19 -27.96
C VAL C 30 -8.59 5.88 -28.94
N PRO C 31 -9.91 5.67 -28.80
CA PRO C 31 -10.83 6.39 -29.69
C PRO C 31 -10.83 7.90 -29.43
N SER C 32 -11.02 8.34 -28.18
CA SER C 32 -11.07 9.77 -27.89
C SER C 32 -10.45 10.12 -26.55
N GLU C 33 -9.73 11.23 -26.54
CA GLU C 33 -9.27 11.84 -25.29
C GLU C 33 -10.22 12.96 -24.84
N ASN C 34 -11.30 13.15 -25.59
CA ASN C 34 -12.16 14.33 -25.40
C ASN C 34 -13.60 14.03 -24.97
N ILE C 35 -14.17 12.93 -25.47
CA ILE C 35 -15.58 12.63 -25.25
C ILE C 35 -15.74 11.22 -24.68
N SER C 36 -16.52 11.07 -23.61
CA SER C 36 -16.79 9.75 -23.04
C SER C 36 -18.05 9.13 -23.63
N ALA C 37 -18.19 7.81 -23.52
CA ALA C 37 -19.27 7.08 -24.16
C ALA C 37 -20.54 7.04 -23.31
N THR C 38 -21.68 7.31 -23.94
CA THR C 38 -22.96 7.36 -23.25
C THR C 38 -24.00 6.54 -23.99
N ALA C 39 -25.05 6.14 -23.28
CA ALA C 39 -26.15 5.38 -23.87
C ALA C 39 -27.16 6.37 -24.43
N GLY C 40 -26.88 6.88 -25.63
CA GLY C 40 -27.60 8.02 -26.18
C GLY C 40 -26.87 9.29 -25.79
N PRO C 41 -26.96 10.33 -26.63
CA PRO C 41 -26.22 11.57 -26.32
C PRO C 41 -26.57 12.17 -24.96
N GLN C 42 -27.83 12.06 -24.53
CA GLN C 42 -28.24 12.60 -23.24
C GLN C 42 -28.45 11.46 -22.23
N GLY C 43 -28.07 10.25 -22.61
CA GLY C 43 -28.18 9.10 -21.73
C GLY C 43 -27.06 9.05 -20.70
N PRO C 44 -27.13 8.05 -19.80
CA PRO C 44 -26.09 7.90 -18.78
C PRO C 44 -24.76 7.46 -19.38
N ASN C 45 -23.68 7.83 -18.69
CA ASN C 45 -22.37 7.29 -19.02
C ASN C 45 -22.36 5.78 -18.81
N VAL C 46 -21.78 5.07 -19.77
CA VAL C 46 -21.71 3.62 -19.65
C VAL C 46 -20.51 3.23 -18.78
N LEU C 47 -20.65 2.09 -18.12
CA LEU C 47 -19.57 1.55 -17.31
C LEU C 47 -18.35 1.23 -18.17
N ASN C 48 -18.59 0.67 -19.36
CA ASN C 48 -17.50 0.12 -20.16
C ASN C 48 -16.87 1.08 -21.16
N ASP C 49 -16.68 2.33 -20.77
CA ASP C 49 -15.74 3.19 -21.48
C ASP C 49 -14.40 2.87 -20.81
N ILE C 50 -13.69 1.90 -21.39
CA ILE C 50 -12.50 1.33 -20.78
C ILE C 50 -11.42 2.39 -20.61
N HIS C 51 -11.20 3.19 -21.65
CA HIS C 51 -10.23 4.27 -21.57
C HIS C 51 -10.59 5.30 -20.51
N LEU C 52 -11.86 5.70 -20.43
CA LEU C 52 -12.26 6.68 -19.40
C LEU C 52 -11.85 6.20 -18.02
N ILE C 53 -12.23 4.97 -17.69
CA ILE C 53 -11.94 4.47 -16.35
C ILE C 53 -10.44 4.31 -16.11
N GLU C 54 -9.70 3.83 -17.12
CA GLU C 54 -8.27 3.65 -16.96
C GLU C 54 -7.56 4.99 -16.74
N LYS C 55 -8.00 5.99 -17.49
CA LYS C 55 -7.42 7.33 -17.44
C LYS C 55 -7.72 7.96 -16.06
N LEU C 56 -8.97 7.85 -15.62
CA LEU C 56 -9.33 8.38 -14.31
C LEU C 56 -8.64 7.61 -13.16
N ALA C 57 -8.60 6.29 -13.27
CA ALA C 57 -8.06 5.46 -12.19
C ALA C 57 -6.56 5.65 -12.03
N HIS C 58 -5.93 5.91 -13.24
CA HIS C 58 -4.49 6.01 -13.03
C HIS C 58 -4.13 7.40 -12.48
N PHE C 59 -4.91 8.40 -12.96
CA PHE C 59 -4.84 9.77 -12.45
C PHE C 59 -5.02 9.76 -10.93
N ASN C 60 -6.01 9.00 -10.45
CA ASN C 60 -6.31 8.91 -9.02
C ASN C 60 -5.15 8.37 -8.18
N ARG C 61 -4.18 7.72 -8.83
CA ARG C 61 -3.10 7.04 -8.13
C ARG C 61 -1.75 7.69 -8.41
N GLU C 62 -1.76 8.91 -8.94
CA GLU C 62 -0.50 9.59 -9.26
C GLU C 62 0.35 9.93 -8.04
N ASN C 63 -0.31 10.31 -6.95
CA ASN C 63 0.41 10.78 -5.78
C ASN C 63 0.91 9.64 -4.90
N VAL C 64 2.06 9.85 -4.28
CA VAL C 64 2.68 8.89 -3.38
C VAL C 64 3.08 9.67 -2.12
N PRO C 65 3.33 8.97 -1.00
CA PRO C 65 3.72 9.76 0.18
C PRO C 65 4.99 10.57 -0.08
N GLU C 66 5.01 11.84 0.33
CA GLU C 66 6.22 12.63 0.20
C GLU C 66 7.19 12.20 1.30
N ARG C 67 8.47 12.54 1.15
CA ARG C 67 9.45 12.27 2.20
C ARG C 67 9.09 12.99 3.49
N ILE C 68 9.35 12.32 4.61
CA ILE C 68 9.42 13.01 5.90
C ILE C 68 10.78 12.78 6.54
N PRO C 69 11.56 13.84 6.73
CA PRO C 69 11.38 15.21 6.26
C PRO C 69 12.01 15.37 4.87
N HIS C 70 12.31 16.60 4.46
CA HIS C 70 12.92 16.92 3.16
C HIS C 70 11.99 16.65 1.96
N ALA C 71 10.68 16.82 2.16
CA ALA C 71 9.70 16.64 1.10
C ALA C 71 9.94 17.50 -0.14
N LYS C 72 10.30 18.77 0.07
CA LYS C 72 10.45 19.73 -1.04
C LYS C 72 11.87 19.78 -1.55
N GLY C 73 12.10 19.25 -2.74
CA GLY C 73 13.45 19.22 -3.28
C GLY C 73 13.50 19.03 -4.78
N HIS C 74 14.71 18.98 -5.29
CA HIS C 74 14.96 18.99 -6.74
C HIS C 74 16.40 18.57 -6.91
N GLY C 75 16.78 18.19 -8.12
CA GLY C 75 18.13 17.72 -8.30
C GLY C 75 18.62 17.65 -9.72
N ALA C 76 19.73 16.95 -9.89
CA ALA C 76 20.43 16.91 -11.17
C ALA C 76 21.42 15.76 -11.16
N PHE C 77 22.11 15.61 -12.28
CA PHE C 77 23.10 14.55 -12.42
C PHE C 77 24.41 15.15 -12.89
N GLY C 78 25.49 14.41 -12.72
CA GLY C 78 26.78 14.95 -13.07
C GLY C 78 27.91 13.95 -12.95
N GLU C 79 29.10 14.47 -12.59
CA GLU C 79 30.31 13.67 -12.58
C GLU C 79 31.21 14.09 -11.43
N LEU C 80 31.78 13.10 -10.76
CA LEU C 80 32.87 13.30 -9.80
C LEU C 80 34.21 13.01 -10.48
N HIS C 81 35.16 13.94 -10.37
CA HIS C 81 36.49 13.76 -10.93
C HIS C 81 37.54 13.84 -9.82
N ILE C 82 38.41 12.82 -9.73
CA ILE C 82 39.46 12.82 -8.73
C ILE C 82 40.71 13.49 -9.28
N THR C 83 41.27 14.43 -8.50
CA THR C 83 42.46 15.15 -8.94
C THR C 83 43.61 15.08 -7.95
N GLU C 84 43.47 14.25 -6.92
CA GLU C 84 44.50 14.07 -5.91
C GLU C 84 44.64 12.60 -5.56
N ASP C 85 45.77 12.22 -5.00
CA ASP C 85 45.99 10.85 -4.58
C ASP C 85 45.72 10.69 -3.08
N VAL C 86 44.59 10.07 -2.76
CA VAL C 86 44.25 9.81 -1.36
C VAL C 86 44.26 8.32 -1.06
N SER C 87 44.94 7.55 -1.89
CA SER C 87 45.00 6.09 -1.72
C SER C 87 45.68 5.64 -0.43
N GLU C 88 46.49 6.51 0.17
CA GLU C 88 47.10 6.13 1.45
C GLU C 88 46.03 6.09 2.55
N TYR C 89 44.91 6.76 2.33
CA TYR C 89 43.85 6.85 3.34
C TYR C 89 42.65 5.96 3.06
N THR C 90 42.30 5.80 1.79
CA THR C 90 41.13 5.00 1.45
C THR C 90 41.33 4.15 0.19
N LYS C 91 40.76 2.94 0.22
CA LYS C 91 40.76 2.07 -0.95
C LYS C 91 39.46 2.20 -1.75
N ALA C 92 38.57 3.11 -1.33
CA ALA C 92 37.28 3.26 -2.02
C ALA C 92 37.51 3.53 -3.51
N ASP C 93 36.87 2.72 -4.36
CA ASP C 93 37.17 2.74 -5.78
C ASP C 93 36.96 4.12 -6.41
N LEU C 94 35.86 4.78 -6.08
CA LEU C 94 35.55 6.07 -6.68
C LEU C 94 36.56 7.16 -6.33
N PHE C 95 37.33 6.96 -5.25
CA PHE C 95 38.28 7.98 -4.79
C PHE C 95 39.71 7.74 -5.26
N GLN C 96 39.93 6.72 -6.08
CA GLN C 96 41.30 6.42 -6.54
C GLN C 96 41.73 7.40 -7.63
N PRO C 97 43.05 7.54 -7.86
CA PRO C 97 43.54 8.50 -8.84
C PRO C 97 42.91 8.33 -10.23
N GLY C 98 42.53 9.45 -10.84
CA GLY C 98 42.02 9.45 -12.20
C GLY C 98 40.59 8.99 -12.38
N LYS C 99 39.94 8.56 -11.30
CA LYS C 99 38.57 8.02 -11.41
C LYS C 99 37.54 9.09 -11.74
N VAL C 100 36.63 8.76 -12.65
CA VAL C 100 35.50 9.62 -12.98
C VAL C 100 34.22 8.82 -12.77
N THR C 101 33.32 9.36 -11.96
CA THR C 101 32.15 8.59 -11.51
C THR C 101 30.87 9.39 -11.74
N PRO C 102 29.85 8.76 -12.35
CA PRO C 102 28.58 9.48 -12.52
C PRO C 102 27.93 9.74 -11.16
N LEU C 103 27.16 10.83 -11.05
CA LEU C 103 26.50 11.14 -9.81
C LEU C 103 25.07 11.64 -10.02
N ALA C 104 24.28 11.57 -8.94
CA ALA C 104 23.00 12.25 -8.82
C ALA C 104 23.11 13.13 -7.59
N VAL C 105 22.31 14.19 -7.54
CA VAL C 105 22.22 14.99 -6.32
C VAL C 105 20.76 15.41 -6.15
N ARG C 106 20.32 15.47 -4.90
CA ARG C 106 19.04 16.12 -4.59
C ARG C 106 19.28 17.15 -3.51
N PHE C 107 18.75 18.35 -3.74
CA PHE C 107 18.77 19.46 -2.78
C PHE C 107 17.37 19.62 -2.23
N SER C 108 17.22 20.17 -1.04
CA SER C 108 15.89 20.24 -0.44
C SER C 108 15.86 21.21 0.74
N THR C 109 14.65 21.53 1.20
CA THR C 109 14.46 22.09 2.54
C THR C 109 14.16 20.90 3.47
N VAL C 110 13.78 21.16 4.72
CA VAL C 110 13.53 20.09 5.70
C VAL C 110 12.07 19.99 6.12
N ALA C 111 11.51 21.08 6.63
CA ALA C 111 10.21 21.03 7.32
C ALA C 111 8.98 21.05 6.41
N GLY C 112 9.03 21.89 5.38
CA GLY C 112 7.86 22.08 4.54
C GLY C 112 7.49 20.87 3.70
N GLU C 113 6.24 20.85 3.26
CA GLU C 113 5.71 19.78 2.43
C GLU C 113 6.00 20.08 0.97
N GLN C 114 5.51 19.19 0.11
N GLN C 114 5.66 19.17 0.05
CA GLN C 114 5.76 19.19 -1.33
CA GLN C 114 5.92 19.49 -1.34
C GLN C 114 5.55 20.50 -2.06
C GLN C 114 5.07 20.71 -1.74
N GLY C 115 4.63 21.32 -1.57
N GLY C 115 5.58 21.56 -2.61
CA GLY C 115 4.25 22.54 -2.28
CA GLY C 115 4.86 22.77 -2.96
C GLY C 115 4.83 23.79 -1.64
C GLY C 115 5.15 23.93 -2.02
N SER C 116 5.59 23.62 -0.57
N SER C 116 5.77 23.66 -0.87
CA SER C 116 6.14 24.73 0.20
CA SER C 116 6.14 24.72 0.06
C SER C 116 7.32 25.43 -0.49
C SER C 116 7.36 25.44 -0.53
N PRO C 117 7.63 26.67 -0.08
CA PRO C 117 8.71 27.44 -0.72
C PRO C 117 10.15 26.95 -0.46
N ASP C 118 10.97 27.04 -1.50
CA ASP C 118 12.39 26.71 -1.39
C ASP C 118 13.14 27.64 -0.43
N THR C 119 12.65 28.87 -0.27
CA THR C 119 13.38 29.89 0.50
C THR C 119 12.79 30.25 1.86
N TRP C 120 11.96 29.37 2.42
CA TRP C 120 11.71 29.41 3.86
C TRP C 120 13.06 29.24 4.57
N ARG C 121 13.24 29.90 5.71
CA ARG C 121 14.44 29.65 6.50
C ARG C 121 14.44 28.19 6.93
N ASP C 122 15.54 27.49 6.63
CA ASP C 122 15.61 26.07 6.92
C ASP C 122 17.01 25.60 6.58
N VAL C 123 17.38 24.45 7.15
CA VAL C 123 18.52 23.70 6.67
C VAL C 123 18.21 23.27 5.22
N HIS C 124 19.24 23.17 4.38
CA HIS C 124 19.03 22.58 3.07
C HIS C 124 19.79 21.26 2.93
N GLY C 125 19.06 20.24 2.46
CA GLY C 125 19.69 18.97 2.18
C GLY C 125 20.59 19.05 0.97
N PHE C 126 21.63 18.21 0.97
CA PHE C 126 22.68 18.22 -0.03
C PHE C 126 23.09 16.76 -0.16
N ALA C 127 22.33 16.02 -0.97
CA ALA C 127 22.39 14.56 -0.94
C ALA C 127 22.91 14.01 -2.24
N LEU C 128 24.06 13.34 -2.18
CA LEU C 128 24.76 12.88 -3.36
C LEU C 128 24.72 11.38 -3.50
N ARG C 129 24.60 10.89 -4.73
CA ARG C 129 24.85 9.49 -5.04
C ARG C 129 25.98 9.40 -6.04
N PHE C 130 26.93 8.53 -5.76
CA PHE C 130 27.98 8.23 -6.72
C PHE C 130 27.76 6.81 -7.22
N TYR C 131 27.60 6.65 -8.54
CA TYR C 131 27.35 5.34 -9.12
C TYR C 131 28.70 4.70 -9.38
N THR C 132 29.27 4.10 -8.33
CA THR C 132 30.64 3.60 -8.40
C THR C 132 30.68 2.18 -8.93
N GLU C 133 31.88 1.75 -9.30
CA GLU C 133 32.07 0.40 -9.81
C GLU C 133 31.90 -0.67 -8.73
N GLU C 134 31.87 -0.25 -7.46
CA GLU C 134 31.66 -1.19 -6.36
C GLU C 134 30.35 -0.90 -5.63
N GLY C 135 29.41 -0.27 -6.35
CA GLY C 135 28.09 0.00 -5.82
C GLY C 135 27.76 1.48 -5.71
N ASN C 136 26.50 1.79 -5.43
CA ASN C 136 26.12 3.18 -5.18
C ASN C 136 26.62 3.61 -3.82
N TYR C 137 27.41 4.68 -3.80
CA TYR C 137 27.87 5.29 -2.57
C TYR C 137 27.15 6.63 -2.42
N ASP C 138 26.30 6.75 -1.41
CA ASP C 138 25.55 7.98 -1.19
C ASP C 138 26.16 8.72 -0.01
N ILE C 139 26.43 10.00 -0.20
CA ILE C 139 26.74 10.88 0.92
C ILE C 139 25.55 11.81 1.07
N VAL C 140 24.71 11.51 2.04
CA VAL C 140 23.46 12.23 2.23
C VAL C 140 23.73 13.32 3.25
N GLY C 141 24.12 14.48 2.74
CA GLY C 141 24.58 15.56 3.60
C GLY C 141 23.62 16.73 3.67
N ASN C 142 24.08 17.81 4.28
CA ASN C 142 23.30 19.03 4.43
C ASN C 142 24.22 20.20 4.14
N ASN C 143 23.67 21.41 4.08
CA ASN C 143 24.50 22.61 3.88
C ASN C 143 25.07 23.17 5.19
N THR C 144 25.15 22.32 6.20
CA THR C 144 25.75 22.65 7.49
C THR C 144 26.70 21.56 7.93
N PRO C 145 27.78 21.93 8.62
CA PRO C 145 28.77 20.94 9.09
C PRO C 145 28.32 20.22 10.35
N THR C 146 27.18 20.63 10.90
CA THR C 146 26.72 20.08 12.18
C THR C 146 25.20 19.83 12.12
N PHE C 147 24.56 19.57 13.25
CA PHE C 147 23.11 19.35 13.27
C PHE C 147 22.60 19.57 14.69
N PHE C 148 21.27 19.49 14.84
CA PHE C 148 20.56 19.87 16.07
C PHE C 148 20.67 18.90 17.25
N LEU C 149 21.02 17.64 16.98
CA LEU C 149 20.91 16.58 17.99
C LEU C 149 22.08 15.62 17.90
N ARG C 150 22.28 14.84 18.96
CA ARG C 150 23.31 13.81 18.99
C ARG C 150 22.75 12.41 19.29
N ASP C 151 21.44 12.25 19.22
CA ASP C 151 20.87 10.92 19.43
C ASP C 151 19.61 10.78 18.57
N GLY C 152 19.56 9.74 17.76
CA GLY C 152 18.42 9.52 16.88
C GLY C 152 17.10 9.36 17.61
N MET C 153 17.15 8.99 18.89
CA MET C 153 15.93 8.86 19.68
C MET C 153 15.12 10.16 19.67
N LYS C 154 15.83 11.28 19.56
CA LYS C 154 15.20 12.59 19.62
C LYS C 154 14.78 13.14 18.26
N PHE C 155 15.16 12.47 17.18
CA PHE C 155 14.92 13.01 15.84
C PHE C 155 13.42 13.25 15.51
N PRO C 156 12.54 12.27 15.79
CA PRO C 156 11.13 12.54 15.49
C PRO C 156 10.54 13.68 16.33
N ASP C 157 11.04 13.87 17.55
CA ASP C 157 10.61 15.02 18.36
C ASP C 157 10.95 16.32 17.66
N PHE C 158 12.20 16.43 17.21
CA PHE C 158 12.63 17.65 16.54
C PHE C 158 11.79 17.89 15.28
N ILE C 159 11.64 16.86 14.45
CA ILE C 159 10.91 17.07 13.20
C ILE C 159 9.43 17.40 13.45
N HIS C 160 8.62 16.64 14.42
CA HIS C 160 7.29 17.14 14.71
C HIS C 160 7.41 18.60 15.19
N SER C 161 8.32 19.00 15.94
CA SER C 161 8.32 20.39 16.43
C SER C 161 8.47 21.41 15.32
N GLN C 162 9.08 20.98 14.21
CA GLN C 162 9.28 21.83 13.05
C GLN C 162 8.11 21.81 12.07
N LYS C 163 7.19 20.87 12.26
CA LYS C 163 6.05 20.70 11.37
C LYS C 163 4.78 21.29 11.99
N ARG C 164 3.64 20.62 11.85
CA ARG C 164 2.37 21.27 12.20
C ARG C 164 1.77 20.72 13.48
N LEU C 165 1.14 21.61 14.25
CA LEU C 165 0.38 21.21 15.44
C LEU C 165 -0.69 20.18 15.08
N ASN C 166 -0.92 19.21 15.96
CA ASN C 166 -1.91 18.19 15.70
C ASN C 166 -3.34 18.73 15.59
N LYS C 167 -3.67 19.78 16.33
CA LYS C 167 -5.07 20.20 16.38
C LYS C 167 -5.51 20.91 15.11
N ASN C 168 -4.66 21.74 14.52
CA ASN C 168 -5.12 22.68 13.48
C ASN C 168 -4.26 22.75 12.22
N GLY C 169 -3.24 21.91 12.11
CA GLY C 169 -2.41 21.92 10.92
C GLY C 169 -1.60 23.20 10.69
N LEU C 170 -1.29 23.92 11.76
CA LEU C 170 -0.46 25.13 11.65
C LEU C 170 0.94 24.90 12.22
N ARG C 171 1.96 25.40 11.53
CA ARG C 171 3.30 25.44 12.13
C ARG C 171 3.26 26.43 13.28
N ASP C 172 4.23 26.37 14.18
CA ASP C 172 4.09 27.10 15.44
C ASP C 172 5.43 27.47 16.05
N ALA C 173 5.65 28.77 16.20
CA ALA C 173 6.89 29.27 16.78
C ALA C 173 7.09 28.80 18.21
N ASP C 174 6.02 28.79 19.02
CA ASP C 174 6.18 28.37 20.40
C ASP C 174 6.69 26.93 20.48
N MET C 175 6.10 26.04 19.70
CA MET C 175 6.55 24.66 19.64
C MET C 175 8.03 24.53 19.23
N GLN C 176 8.45 25.27 18.20
CA GLN C 176 9.82 25.20 17.73
C GLN C 176 10.81 25.60 18.84
N TRP C 177 10.51 26.69 19.53
CA TRP C 177 11.41 27.22 20.55
C TRP C 177 11.32 26.45 21.87
N ASP C 178 10.13 25.93 22.19
CA ASP C 178 9.98 25.10 23.39
C ASP C 178 10.90 23.88 23.23
N PHE C 179 10.85 23.24 22.06
CA PHE C 179 11.73 22.11 21.82
C PHE C 179 13.21 22.50 21.83
N TRP C 180 13.58 23.50 21.04
CA TRP C 180 14.99 23.88 20.94
C TRP C 180 15.59 24.22 22.32
N THR C 181 14.86 24.99 23.13
CA THR C 181 15.40 25.40 24.43
C THR C 181 15.42 24.27 25.46
N ARG C 182 14.52 23.29 25.34
CA ARG C 182 14.53 22.14 26.23
C ARG C 182 15.47 21.04 25.76
N ALA C 183 15.97 21.18 24.53
CA ALA C 183 17.01 20.32 23.98
C ALA C 183 18.20 21.18 23.58
N PRO C 184 18.93 21.70 24.59
CA PRO C 184 19.95 22.72 24.35
C PRO C 184 21.12 22.24 23.50
N GLU C 185 21.25 20.93 23.30
CA GLU C 185 22.23 20.43 22.34
C GLU C 185 22.01 21.05 20.94
N SER C 186 20.81 21.58 20.71
CA SER C 186 20.45 22.24 19.45
C SER C 186 21.17 23.57 19.20
N ALA C 187 21.83 24.14 20.22
CA ALA C 187 22.32 25.51 20.10
C ALA C 187 23.30 25.75 18.95
N HIS C 188 24.19 24.80 18.70
CA HIS C 188 25.17 24.97 17.62
C HIS C 188 24.45 25.14 16.29
N GLN C 189 23.58 24.20 15.96
CA GLN C 189 22.89 24.29 14.68
C GLN C 189 21.87 25.43 14.60
N VAL C 190 21.18 25.72 15.71
CA VAL C 190 20.24 26.83 15.66
C VAL C 190 20.97 28.15 15.38
N THR C 191 22.16 28.31 15.95
CA THR C 191 22.95 29.51 15.68
C THR C 191 23.31 29.61 14.20
N TYR C 192 23.69 28.49 13.61
CA TYR C 192 24.02 28.43 12.18
C TYR C 192 22.77 28.74 11.33
N LEU C 193 21.66 28.10 11.69
CA LEU C 193 20.38 28.25 11.00
C LEU C 193 19.85 29.68 11.02
N MET C 194 20.04 30.35 12.15
CA MET C 194 19.47 31.68 12.33
C MET C 194 20.35 32.76 11.72
N GLY C 195 21.55 32.37 11.27
CA GLY C 195 22.46 33.30 10.60
C GLY C 195 22.15 33.46 9.12
N ASP C 196 23.07 34.06 8.39
CA ASP C 196 22.87 34.29 6.97
C ASP C 196 22.62 32.98 6.22
N ARG C 197 23.28 31.91 6.66
CA ARG C 197 23.25 30.66 5.91
C ARG C 197 21.92 29.91 6.01
N GLY C 198 21.05 30.40 6.88
CA GLY C 198 19.69 29.88 6.94
C GLY C 198 18.92 30.18 5.67
N THR C 199 19.40 31.14 4.89
CA THR C 199 18.68 31.55 3.67
C THR C 199 19.63 31.73 2.47
N PRO C 200 20.22 30.62 1.99
CA PRO C 200 21.05 30.73 0.78
C PRO C 200 20.15 31.06 -0.42
N LYS C 201 20.66 31.81 -1.39
CA LYS C 201 19.82 32.20 -2.52
C LYS C 201 19.44 31.02 -3.41
N THR C 202 20.41 30.14 -3.66
CA THR C 202 20.21 29.02 -4.58
C THR C 202 20.83 27.76 -4.01
N SER C 203 20.64 26.65 -4.71
CA SER C 203 21.32 25.41 -4.36
C SER C 203 22.79 25.45 -4.75
N ARG C 204 23.12 26.33 -5.70
CA ARG C 204 24.47 26.41 -6.24
C ARG C 204 25.39 27.23 -5.36
N HIS C 205 24.80 28.11 -4.55
CA HIS C 205 25.55 29.07 -3.76
C HIS C 205 25.57 28.71 -2.28
N GLN C 206 25.91 27.45 -2.01
CA GLN C 206 26.03 26.94 -0.65
C GLN C 206 27.03 25.81 -0.67
N ASP C 207 27.74 25.62 0.44
CA ASP C 207 28.55 24.43 0.64
C ASP C 207 27.68 23.23 0.96
N GLY C 208 28.26 22.04 0.83
CA GLY C 208 27.65 20.83 1.35
C GLY C 208 28.62 20.17 2.32
N PHE C 209 28.10 19.34 3.20
CA PHE C 209 28.90 18.65 4.20
C PHE C 209 28.33 17.28 4.44
N GLY C 210 29.19 16.30 4.75
CA GLY C 210 28.70 15.03 5.24
C GLY C 210 28.18 15.16 6.67
N SER C 211 28.66 16.20 7.37
CA SER C 211 28.35 16.51 8.77
C SER C 211 28.94 15.50 9.76
N HIS C 212 28.54 14.24 9.67
CA HIS C 212 29.05 13.19 10.56
C HIS C 212 30.52 12.89 10.30
N THR C 213 31.17 12.39 11.33
CA THR C 213 32.41 11.65 11.17
C THR C 213 32.15 10.28 10.53
N PHE C 214 32.86 10.01 9.45
CA PHE C 214 32.86 8.71 8.81
C PHE C 214 34.25 8.12 8.97
N GLN C 215 34.44 6.92 8.42
CA GLN C 215 35.76 6.31 8.44
C GLN C 215 36.21 6.01 7.03
N TRP C 216 37.50 6.21 6.79
CA TRP C 216 38.15 5.74 5.57
C TRP C 216 39.10 4.61 5.94
N ILE C 217 39.10 3.54 5.16
CA ILE C 217 40.02 2.43 5.40
C ILE C 217 40.83 2.17 4.13
N ASN C 218 42.14 2.03 4.26
CA ASN C 218 42.99 1.81 3.09
C ASN C 218 43.13 0.34 2.72
N ALA C 219 43.90 0.04 1.68
CA ALA C 219 44.03 -1.31 1.18
C ALA C 219 44.62 -2.27 2.22
N GLU C 220 45.42 -1.71 3.13
CA GLU C 220 46.08 -2.54 4.13
C GLU C 220 45.28 -2.61 5.44
N GLY C 221 44.08 -2.03 5.43
CA GLY C 221 43.16 -2.16 6.54
C GLY C 221 43.24 -1.10 7.62
N LYS C 222 44.07 -0.09 7.38
CA LYS C 222 44.27 0.97 8.37
C LYS C 222 43.16 2.03 8.28
N PRO C 223 42.53 2.36 9.42
CA PRO C 223 41.46 3.36 9.41
C PRO C 223 41.91 4.78 9.79
N VAL C 224 41.22 5.77 9.22
CA VAL C 224 41.29 7.15 9.69
C VAL C 224 39.87 7.70 9.78
N TRP C 225 39.65 8.68 10.65
CA TRP C 225 38.35 9.32 10.71
C TRP C 225 38.30 10.49 9.74
N VAL C 226 37.18 10.67 9.05
CA VAL C 226 37.09 11.74 8.06
C VAL C 226 35.78 12.52 8.17
N LYS C 227 35.82 13.76 7.72
CA LYS C 227 34.61 14.54 7.48
C LYS C 227 34.66 15.12 6.07
N TYR C 228 33.54 15.06 5.36
CA TYR C 228 33.45 15.57 3.99
C TYR C 228 33.02 17.02 3.93
N HIS C 229 33.68 17.79 3.11
CA HIS C 229 33.32 19.15 2.82
C HIS C 229 33.22 19.38 1.31
N PHE C 230 32.11 19.89 0.84
CA PHE C 230 31.91 20.18 -0.57
C PHE C 230 31.86 21.70 -0.72
N LYS C 231 32.95 22.27 -1.23
CA LYS C 231 33.11 23.73 -1.19
C LYS C 231 32.64 24.35 -2.51
N THR C 232 31.61 25.19 -2.43
CA THR C 232 31.02 25.73 -3.65
C THR C 232 31.95 26.66 -4.42
N ARG C 233 32.11 26.41 -5.72
CA ARG C 233 32.90 27.31 -6.56
C ARG C 233 32.13 28.57 -6.89
N GLN C 234 30.81 28.51 -6.72
CA GLN C 234 29.96 29.67 -6.99
C GLN C 234 30.00 30.63 -5.82
N GLY C 235 30.35 30.12 -4.64
CA GLY C 235 30.44 30.90 -3.43
C GLY C 235 29.13 30.97 -2.66
N TRP C 236 29.20 31.08 -1.33
CA TRP C 236 28.01 31.31 -0.54
C TRP C 236 27.38 32.64 -0.97
N ASP C 237 26.06 32.65 -1.13
CA ASP C 237 25.34 33.87 -1.46
C ASP C 237 23.98 33.77 -0.78
N CYS C 238 23.67 34.72 0.11
CA CYS C 238 22.50 34.60 0.97
C CYS C 238 21.54 35.77 0.87
N PHE C 239 20.25 35.47 0.96
CA PHE C 239 19.21 36.46 1.13
C PHE C 239 19.23 36.94 2.57
N THR C 240 18.68 38.14 2.81
CA THR C 240 18.35 38.52 4.17
C THR C 240 17.05 37.81 4.54
N ASP C 241 16.67 37.85 5.81
CA ASP C 241 15.41 37.27 6.25
C ASP C 241 14.24 37.81 5.42
N ALA C 242 14.19 39.14 5.26
CA ALA C 242 13.11 39.78 4.51
C ALA C 242 13.11 39.39 3.03
N GLU C 243 14.29 39.37 2.41
CA GLU C 243 14.40 38.99 1.00
C GLU C 243 13.94 37.55 0.75
N ALA C 244 14.34 36.65 1.62
CA ALA C 244 13.99 35.23 1.45
C ALA C 244 12.49 35.05 1.53
N ALA C 245 11.84 35.82 2.41
CA ALA C 245 10.39 35.73 2.58
C ALA C 245 9.67 36.31 1.38
N LYS C 246 10.19 37.40 0.82
CA LYS C 246 9.61 37.97 -0.40
C LYS C 246 9.69 36.99 -1.56
N VAL C 247 10.86 36.39 -1.75
CA VAL C 247 11.04 35.39 -2.80
C VAL C 247 10.13 34.19 -2.59
N ALA C 248 9.93 33.81 -1.34
CA ALA C 248 9.11 32.65 -1.01
C ALA C 248 7.71 32.80 -1.61
N GLY C 249 7.19 34.02 -1.60
CA GLY C 249 5.90 34.30 -2.19
C GLY C 249 5.90 34.49 -3.69
N GLU C 250 6.96 35.11 -4.20
CA GLU C 250 7.09 35.37 -5.64
C GLU C 250 7.32 34.12 -6.46
N ASN C 251 8.18 33.23 -5.97
CA ASN C 251 8.47 31.98 -6.65
C ASN C 251 8.82 30.92 -5.63
N ALA C 252 7.83 30.10 -5.28
CA ALA C 252 8.01 29.05 -4.30
C ALA C 252 9.05 28.03 -4.77
N ASP C 253 9.31 28.01 -6.08
CA ASP C 253 10.24 27.07 -6.67
C ASP C 253 11.52 27.76 -7.16
N TYR C 254 11.88 28.85 -6.50
CA TYR C 254 13.02 29.66 -6.91
C TYR C 254 14.31 28.86 -7.11
N GLN C 255 14.62 27.99 -6.16
CA GLN C 255 15.87 27.22 -6.22
C GLN C 255 15.78 26.07 -7.23
N ARG C 256 14.63 25.42 -7.29
CA ARG C 256 14.37 24.39 -8.30
C ARG C 256 14.56 24.98 -9.69
N GLU C 257 13.92 26.13 -9.92
CA GLU C 257 14.00 26.78 -11.23
C GLU C 257 15.41 27.29 -11.52
N ASP C 258 16.09 27.82 -10.51
CA ASP C 258 17.47 28.28 -10.72
C ASP C 258 18.41 27.17 -11.18
N LEU C 259 18.34 26.01 -10.54
CA LEU C 259 19.24 24.90 -10.90
C LEU C 259 18.92 24.39 -12.30
N TYR C 260 17.63 24.22 -12.60
CA TYR C 260 17.21 23.78 -13.92
C TYR C 260 17.75 24.72 -14.99
N ASN C 261 17.55 26.02 -14.79
CA ASN C 261 17.99 27.04 -15.73
C ASN C 261 19.51 27.07 -15.91
N ALA C 262 20.24 27.00 -14.80
CA ALA C 262 21.70 27.05 -14.88
C ALA C 262 22.23 25.93 -15.75
N ILE C 263 21.71 24.72 -15.55
CA ILE C 263 22.20 23.57 -16.30
C ILE C 263 21.74 23.65 -17.76
N GLU C 264 20.51 24.09 -17.99
CA GLU C 264 20.02 24.25 -19.37
C GLU C 264 20.86 25.26 -20.15
N ASN C 265 21.34 26.29 -19.45
CA ASN C 265 22.14 27.34 -20.05
C ASN C 265 23.64 27.02 -20.13
N GLY C 266 24.03 25.84 -19.64
CA GLY C 266 25.42 25.42 -19.68
C GLY C 266 26.29 26.01 -18.60
N ASP C 267 25.66 26.63 -17.59
CA ASP C 267 26.36 27.21 -16.45
C ASP C 267 26.43 26.15 -15.35
N PHE C 268 27.24 25.12 -15.58
CA PHE C 268 27.29 23.94 -14.72
C PHE C 268 27.95 24.25 -13.38
N PRO C 269 27.23 24.06 -12.27
CA PRO C 269 27.81 24.38 -10.96
C PRO C 269 28.81 23.32 -10.52
N ILE C 270 29.84 23.77 -9.81
CA ILE C 270 30.95 22.90 -9.41
C ILE C 270 31.19 23.06 -7.92
N TRP C 271 31.54 21.95 -7.26
CA TRP C 271 32.00 21.97 -5.88
C TRP C 271 33.34 21.27 -5.79
N ASP C 272 34.25 21.82 -4.99
CA ASP C 272 35.50 21.15 -4.69
C ASP C 272 35.29 20.18 -3.52
N VAL C 273 35.69 18.93 -3.75
CA VAL C 273 35.53 17.89 -2.73
C VAL C 273 36.77 17.86 -1.85
N LYS C 274 36.59 18.02 -0.55
CA LYS C 274 37.70 18.03 0.39
C LYS C 274 37.32 17.24 1.63
N VAL C 275 38.32 16.81 2.39
CA VAL C 275 38.07 16.11 3.64
C VAL C 275 38.94 16.65 4.76
N GLN C 276 38.44 16.56 5.99
CA GLN C 276 39.30 16.62 7.15
C GLN C 276 39.67 15.19 7.49
N ILE C 277 40.91 14.98 7.90
CA ILE C 277 41.37 13.63 8.24
C ILE C 277 41.98 13.62 9.64
N MET C 278 41.31 12.90 10.54
CA MET C 278 41.80 12.78 11.91
C MET C 278 42.38 11.38 12.10
N PRO C 279 43.68 11.29 12.42
CA PRO C 279 44.27 9.98 12.69
C PRO C 279 43.48 9.23 13.78
N PHE C 280 43.36 7.92 13.61
CA PHE C 280 42.61 7.09 14.53
C PHE C 280 43.05 7.34 15.98
N GLU C 281 44.36 7.49 16.18
CA GLU C 281 44.92 7.67 17.52
C GLU C 281 44.70 9.06 18.13
N ASP C 282 44.20 10.00 17.32
CA ASP C 282 43.93 11.37 17.80
C ASP C 282 42.57 11.49 18.49
N ALA C 283 41.68 10.54 18.22
CA ALA C 283 40.29 10.68 18.61
C ALA C 283 40.05 10.83 20.11
N GLU C 284 40.67 9.97 20.93
CA GLU C 284 40.38 10.01 22.36
C GLU C 284 40.77 11.31 23.05
N ASN C 285 41.79 11.98 22.53
CA ASN C 285 42.27 13.20 23.19
C ASN C 285 41.88 14.53 22.53
N TYR C 286 41.04 14.49 21.50
CA TYR C 286 40.61 15.75 20.91
C TYR C 286 39.83 16.56 21.93
N ARG C 287 39.93 17.88 21.84
CA ARG C 287 39.28 18.75 22.82
C ARG C 287 37.76 18.57 22.84
N TRP C 288 37.21 18.10 21.73
CA TRP C 288 35.78 17.80 21.65
C TRP C 288 35.58 16.35 21.29
N ASN C 289 34.45 15.78 21.68
CA ASN C 289 34.14 14.43 21.26
C ASN C 289 34.05 14.38 19.73
N PRO C 290 34.87 13.54 19.10
CA PRO C 290 34.96 13.58 17.63
C PRO C 290 33.79 12.91 16.94
N PHE C 291 32.90 12.28 17.70
CA PHE C 291 31.78 11.52 17.13
C PHE C 291 30.43 12.16 17.46
N ASP C 292 30.46 13.31 18.14
CA ASP C 292 29.25 14.04 18.50
C ASP C 292 28.91 14.97 17.34
N LEU C 293 27.79 14.69 16.67
CA LEU C 293 27.37 15.46 15.49
C LEU C 293 27.27 16.97 15.77
N THR C 294 26.95 17.34 17.01
CA THR C 294 26.82 18.75 17.38
C THR C 294 28.17 19.45 17.55
N LYS C 295 29.26 18.69 17.36
CA LYS C 295 30.61 19.25 17.46
C LYS C 295 31.31 19.16 16.11
N THR C 296 31.74 20.31 15.59
CA THR C 296 32.59 20.33 14.40
C THR C 296 34.05 20.12 14.80
N TRP C 297 34.87 19.65 13.86
CA TRP C 297 36.31 19.63 14.07
C TRP C 297 36.84 20.96 13.58
N SER C 298 37.60 21.67 14.41
CA SER C 298 38.16 22.94 13.96
C SER C 298 39.11 22.74 12.79
N GLN C 299 38.99 23.60 11.79
CA GLN C 299 39.88 23.54 10.63
CA GLN C 299 39.87 23.53 10.63
C GLN C 299 41.27 24.06 10.96
N LYS C 300 41.42 24.67 12.14
CA LYS C 300 42.74 25.03 12.63
C LYS C 300 43.47 23.77 13.11
N ASP C 301 42.71 22.79 13.59
CA ASP C 301 43.26 21.52 14.03
C ASP C 301 43.36 20.54 12.88
N TYR C 302 42.35 20.52 12.02
CA TYR C 302 42.26 19.59 10.90
C TYR C 302 41.89 20.34 9.64
N PRO C 303 42.89 20.83 8.90
CA PRO C 303 42.61 21.62 7.70
C PRO C 303 42.02 20.78 6.57
N LEU C 304 41.35 21.44 5.63
CA LEU C 304 40.76 20.74 4.51
C LEU C 304 41.83 20.22 3.56
N ILE C 305 41.66 18.97 3.13
CA ILE C 305 42.57 18.28 2.24
C ILE C 305 41.85 17.98 0.93
N PRO C 306 42.40 18.43 -0.21
CA PRO C 306 41.68 18.29 -1.48
C PRO C 306 41.61 16.84 -1.98
N VAL C 307 40.50 16.49 -2.62
CA VAL C 307 40.31 15.16 -3.21
C VAL C 307 40.00 15.28 -4.70
N GLY C 308 39.08 16.17 -5.05
CA GLY C 308 38.69 16.35 -6.45
C GLY C 308 37.59 17.38 -6.54
N TYR C 309 36.76 17.26 -7.57
CA TYR C 309 35.63 18.17 -7.71
C TYR C 309 34.46 17.39 -8.31
N PHE C 310 33.26 17.90 -8.14
CA PHE C 310 32.14 17.39 -8.90
C PHE C 310 31.39 18.51 -9.62
N ILE C 311 30.73 18.14 -10.71
CA ILE C 311 30.06 19.10 -11.58
C ILE C 311 28.67 18.59 -11.90
N LEU C 312 27.68 19.47 -11.91
CA LEU C 312 26.33 19.07 -12.29
C LEU C 312 26.10 19.52 -13.74
N ASN C 313 26.00 18.55 -14.65
CA ASN C 313 25.89 18.90 -16.07
C ASN C 313 24.70 18.26 -16.78
N ARG C 314 23.76 17.71 -16.02
CA ARG C 314 22.62 17.02 -16.63
C ARG C 314 21.35 17.21 -15.79
N ASN C 315 20.33 17.81 -16.39
CA ASN C 315 19.01 17.88 -15.76
C ASN C 315 18.35 16.51 -15.83
N PRO C 316 17.42 16.22 -14.90
CA PRO C 316 16.65 14.98 -15.04
C PRO C 316 15.84 14.97 -16.35
N ARG C 317 15.61 13.77 -16.89
CA ARG C 317 14.68 13.62 -18.01
C ARG C 317 13.24 13.75 -17.53
N ASN C 318 12.96 13.20 -16.35
CA ASN C 318 11.61 13.21 -15.78
C ASN C 318 11.76 13.37 -14.27
N PHE C 319 11.24 14.48 -13.75
CA PHE C 319 11.41 14.88 -12.37
C PHE C 319 10.87 13.85 -11.38
N PHE C 320 9.62 13.43 -11.57
CA PHE C 320 9.03 12.47 -10.65
C PHE C 320 9.81 11.15 -10.67
N ALA C 321 10.07 10.65 -11.87
CA ALA C 321 10.63 9.31 -11.99
C ALA C 321 12.04 9.21 -11.44
N GLN C 322 12.80 10.29 -11.57
CA GLN C 322 14.23 10.28 -11.27
C GLN C 322 14.65 11.07 -10.04
N ILE C 323 13.82 12.01 -9.61
CA ILE C 323 14.11 12.80 -8.42
C ILE C 323 13.16 12.47 -7.29
N GLU C 324 11.85 12.55 -7.50
CA GLU C 324 10.93 12.19 -6.43
C GLU C 324 11.17 10.75 -5.95
N GLN C 325 11.46 9.86 -6.90
CA GLN C 325 11.65 8.43 -6.62
C GLN C 325 13.09 8.05 -6.31
N ILE C 326 14.04 8.97 -6.36
CA ILE C 326 15.38 8.59 -5.93
C ILE C 326 15.32 8.23 -4.45
N ALA C 327 16.11 7.23 -4.04
CA ALA C 327 16.11 6.77 -2.67
C ALA C 327 17.53 6.91 -2.14
N LEU C 328 17.85 8.11 -1.70
CA LEU C 328 19.19 8.40 -1.21
C LEU C 328 19.30 7.93 0.24
N ASP C 329 20.43 7.32 0.58
CA ASP C 329 20.49 6.54 1.81
C ASP C 329 21.93 6.50 2.31
N PRO C 330 22.19 7.06 3.51
CA PRO C 330 23.57 7.06 4.02
C PRO C 330 24.12 5.64 4.28
N GLY C 331 23.21 4.66 4.35
CA GLY C 331 23.59 3.26 4.45
C GLY C 331 24.19 2.68 3.18
N ASN C 332 24.05 3.41 2.07
CA ASN C 332 24.69 3.03 0.82
C ASN C 332 26.18 3.34 0.87
N ILE C 333 26.91 2.54 1.64
CA ILE C 333 28.36 2.68 1.71
C ILE C 333 29.02 1.61 0.84
N VAL C 334 30.32 1.77 0.61
CA VAL C 334 31.09 0.89 -0.27
C VAL C 334 32.41 0.53 0.40
N PRO C 335 33.14 -0.47 -0.13
CA PRO C 335 34.42 -0.80 0.49
C PRO C 335 35.35 0.42 0.56
N GLY C 336 36.05 0.56 1.67
CA GLY C 336 36.92 1.70 1.88
C GLY C 336 36.29 2.84 2.67
N VAL C 337 34.98 2.74 2.92
CA VAL C 337 34.25 3.73 3.70
C VAL C 337 33.53 3.01 4.82
N GLY C 338 33.54 3.61 6.02
CA GLY C 338 32.89 3.04 7.18
C GLY C 338 32.13 4.08 7.96
N LEU C 339 31.45 3.63 9.02
CA LEU C 339 30.66 4.50 9.87
C LEU C 339 31.50 4.97 11.06
N SER C 340 30.84 5.32 12.16
CA SER C 340 31.49 5.79 13.39
C SER C 340 30.49 5.67 14.52
N PRO C 341 30.93 5.86 15.79
CA PRO C 341 29.99 5.81 16.94
C PRO C 341 29.20 7.11 17.11
N ASP C 342 28.78 7.70 16.01
CA ASP C 342 27.86 8.83 16.01
C ASP C 342 26.45 8.21 16.03
N ARG C 343 25.71 8.42 17.11
CA ARG C 343 24.43 7.73 17.27
C ARG C 343 23.37 8.22 16.30
N MET C 344 23.51 9.46 15.86
CA MET C 344 22.62 10.00 14.84
C MET C 344 22.85 9.23 13.54
N LEU C 345 24.11 9.11 13.16
CA LEU C 345 24.47 8.36 11.96
C LEU C 345 23.94 6.93 12.03
N GLN C 346 24.11 6.28 13.18
CA GLN C 346 23.71 4.88 13.31
C GLN C 346 22.20 4.70 13.17
N ALA C 347 21.42 5.63 13.71
CA ALA C 347 19.96 5.61 13.50
C ALA C 347 19.60 5.81 12.03
N ARG C 348 20.31 6.73 11.37
CA ARG C 348 20.07 7.01 9.94
C ARG C 348 20.30 5.76 9.08
N ILE C 349 21.32 4.98 9.42
CA ILE C 349 21.65 3.78 8.64
C ILE C 349 20.45 2.82 8.57
N PHE C 350 19.62 2.81 9.62
CA PHE C 350 18.36 2.09 9.59
C PHE C 350 17.24 2.84 8.87
N ALA C 351 17.08 4.12 9.18
CA ALA C 351 15.84 4.84 8.89
C ALA C 351 15.48 5.09 7.43
N TYR C 352 16.48 5.29 6.56
CA TYR C 352 16.18 5.74 5.20
C TYR C 352 15.59 4.62 4.36
N ALA C 353 16.24 3.46 4.38
CA ALA C 353 15.74 2.31 3.66
C ALA C 353 14.37 1.91 4.22
N ASP C 354 14.21 1.99 5.54
CA ASP C 354 12.92 1.71 6.15
C ASP C 354 11.83 2.60 5.55
N GLN C 355 12.07 3.91 5.50
CA GLN C 355 11.07 4.79 4.92
C GLN C 355 10.86 4.51 3.43
N GLN C 356 11.95 4.24 2.71
CA GLN C 356 11.84 4.04 1.26
C GLN C 356 11.05 2.80 0.88
N ARG C 357 11.15 1.75 1.70
CA ARG C 357 10.33 0.55 1.51
C ARG C 357 8.85 0.87 1.53
N TYR C 358 8.47 1.85 2.35
CA TYR C 358 7.09 2.31 2.45
C TYR C 358 6.74 3.36 1.39
N ARG C 359 7.56 4.40 1.30
CA ARG C 359 7.29 5.57 0.48
C ARG C 359 7.24 5.20 -1.01
N ILE C 360 8.13 4.30 -1.40
CA ILE C 360 8.26 3.89 -2.80
C ILE C 360 7.70 2.48 -2.98
N GLY C 361 8.27 1.52 -2.26
CA GLY C 361 7.81 0.14 -2.34
C GLY C 361 8.94 -0.81 -2.01
N ALA C 362 8.62 -2.08 -1.77
CA ALA C 362 9.63 -3.07 -1.40
C ALA C 362 10.74 -3.18 -2.44
N ASN C 363 10.39 -2.97 -3.71
CA ASN C 363 11.35 -3.13 -4.81
C ASN C 363 11.90 -1.83 -5.37
N TYR C 364 11.93 -0.81 -4.51
CA TYR C 364 12.42 0.51 -4.92
C TYR C 364 13.85 0.50 -5.50
N ARG C 365 14.66 -0.46 -5.06
CA ARG C 365 16.06 -0.58 -5.51
C ARG C 365 16.16 -0.90 -6.99
N ASP C 366 15.08 -1.42 -7.56
CA ASP C 366 15.10 -1.82 -8.96
C ASP C 366 14.71 -0.70 -9.93
N LEU C 367 14.22 0.42 -9.40
CA LEU C 367 13.89 1.55 -10.28
C LEU C 367 15.16 2.08 -10.92
N PRO C 368 15.05 2.52 -12.18
CA PRO C 368 16.20 3.01 -12.95
C PRO C 368 17.20 3.87 -12.15
N VAL C 369 16.73 4.89 -11.43
CA VAL C 369 17.66 5.80 -10.78
C VAL C 369 18.34 5.18 -9.55
N ASN C 370 17.75 4.09 -9.04
CA ASN C 370 18.28 3.46 -7.84
C ASN C 370 19.17 2.25 -8.06
N ARG C 371 19.19 1.72 -9.29
CA ARG C 371 20.04 0.57 -9.60
C ARG C 371 21.47 1.02 -9.77
N PRO C 372 22.42 0.24 -9.24
CA PRO C 372 23.83 0.57 -9.49
C PRO C 372 24.25 0.23 -10.92
N ILE C 373 25.49 0.57 -11.26
CA ILE C 373 25.96 0.29 -12.61
C ILE C 373 26.35 -1.19 -12.76
N ASN C 374 26.75 -1.81 -11.66
CA ASN C 374 27.10 -3.23 -11.64
C ASN C 374 25.88 -4.10 -11.36
N GLU C 375 25.94 -5.37 -11.76
CA GLU C 375 24.82 -6.28 -11.52
C GLU C 375 24.71 -6.58 -10.02
N VAL C 376 23.47 -6.59 -9.53
CA VAL C 376 23.20 -6.97 -8.15
C VAL C 376 23.03 -8.49 -8.06
N ASN C 377 23.82 -9.11 -7.18
CA ASN C 377 23.75 -10.55 -6.96
C ASN C 377 23.15 -10.82 -5.58
N THR C 378 21.85 -11.09 -5.54
CA THR C 378 21.12 -11.18 -4.29
C THR C 378 20.20 -12.38 -4.24
N TYR C 379 19.94 -12.87 -3.03
CA TYR C 379 18.94 -13.93 -2.84
C TYR C 379 17.55 -13.38 -2.51
N SER C 380 17.43 -12.06 -2.35
CA SER C 380 16.11 -11.45 -2.20
C SER C 380 15.27 -11.71 -3.45
N ARG C 381 13.96 -11.81 -3.26
CA ARG C 381 13.07 -12.16 -4.35
C ARG C 381 11.69 -11.59 -4.08
N GLU C 382 10.85 -11.65 -5.11
CA GLU C 382 9.42 -11.34 -4.98
C GLU C 382 9.17 -9.93 -4.48
N GLY C 383 8.08 -9.73 -3.75
CA GLY C 383 7.66 -8.39 -3.37
C GLY C 383 6.85 -7.70 -4.46
N SER C 384 6.09 -6.69 -4.05
CA SER C 384 5.25 -5.92 -4.97
CA SER C 384 5.24 -5.95 -4.97
C SER C 384 6.04 -5.37 -6.14
N MET C 385 5.46 -5.41 -7.33
CA MET C 385 6.06 -4.75 -8.49
C MET C 385 7.49 -5.20 -8.73
N GLN C 386 7.69 -6.52 -8.75
CA GLN C 386 9.00 -7.06 -9.08
C GLN C 386 9.24 -6.95 -10.58
N TYR C 387 10.10 -6.02 -10.99
CA TYR C 387 10.42 -5.88 -12.41
CA TYR C 387 10.45 -5.80 -12.38
C TYR C 387 11.58 -6.76 -12.78
N ILE C 388 12.59 -6.83 -11.92
CA ILE C 388 13.81 -7.55 -12.24
C ILE C 388 13.86 -8.86 -11.46
N PHE C 389 14.23 -9.94 -12.14
CA PHE C 389 14.33 -11.23 -11.48
C PHE C 389 15.58 -11.98 -11.94
N ASP C 390 16.04 -12.93 -11.11
CA ASP C 390 17.25 -13.67 -11.41
C ASP C 390 17.11 -14.61 -12.61
N ALA C 391 18.26 -14.97 -13.17
CA ALA C 391 18.35 -15.95 -14.24
C ALA C 391 17.53 -17.19 -13.89
N GLU C 392 16.84 -17.74 -14.89
CA GLU C 392 15.94 -18.86 -14.70
C GLU C 392 16.57 -19.99 -13.88
N GLY C 393 15.90 -20.34 -12.78
CA GLY C 393 16.25 -21.52 -12.00
C GLY C 393 17.39 -21.35 -11.01
N GLU C 394 17.93 -20.14 -10.92
CA GLU C 394 19.01 -19.89 -9.95
C GLU C 394 18.50 -20.11 -8.52
N PRO C 395 19.40 -20.51 -7.61
CA PRO C 395 18.95 -20.85 -6.26
C PRO C 395 18.46 -19.64 -5.45
N SER C 396 17.55 -19.90 -4.53
CA SER C 396 16.93 -18.86 -3.72
C SER C 396 17.52 -18.81 -2.32
N TYR C 397 18.48 -19.68 -2.03
CA TYR C 397 19.02 -19.86 -0.69
C TYR C 397 20.52 -20.08 -0.80
N SER C 398 21.26 -19.66 0.23
CA SER C 398 22.66 -20.08 0.39
C SER C 398 22.88 -20.53 1.84
N PRO C 399 23.80 -21.47 2.08
CA PRO C 399 24.68 -22.14 1.10
C PRO C 399 23.93 -23.10 0.19
N ASN C 400 24.40 -23.24 -1.05
CA ASN C 400 23.78 -24.13 -2.01
C ASN C 400 24.82 -24.87 -2.85
N ARG C 401 24.38 -25.83 -3.65
CA ARG C 401 25.30 -26.66 -4.44
C ARG C 401 25.62 -26.10 -5.82
N TYR C 402 25.22 -24.86 -6.07
CA TYR C 402 25.43 -24.23 -7.37
C TYR C 402 26.52 -23.16 -7.26
N ASP C 403 26.49 -22.14 -8.12
CA ASP C 403 27.61 -21.21 -8.20
C ASP C 403 27.27 -19.75 -7.95
N LYS C 404 26.01 -19.47 -7.62
CA LYS C 404 25.56 -18.09 -7.41
C LYS C 404 26.39 -17.38 -6.33
N GLY C 405 26.74 -18.12 -5.27
CA GLY C 405 27.71 -17.65 -4.30
C GLY C 405 27.13 -17.19 -2.97
N ALA C 406 28.02 -16.74 -2.09
CA ALA C 406 27.66 -16.21 -0.78
C ALA C 406 28.53 -14.99 -0.46
N GLY C 407 28.71 -14.68 0.81
CA GLY C 407 29.48 -13.49 1.18
C GLY C 407 30.96 -13.70 0.92
N TYR C 408 31.72 -12.61 0.80
CA TYR C 408 33.15 -12.77 0.53
C TYR C 408 33.92 -13.38 1.71
N LEU C 409 33.34 -13.35 2.90
CA LEU C 409 33.95 -14.00 4.05
C LEU C 409 33.61 -15.48 4.12
N ASP C 410 32.53 -15.88 3.45
CA ASP C 410 32.04 -17.27 3.52
C ASP C 410 32.81 -18.12 2.53
N ASN C 411 32.63 -19.43 2.63
CA ASN C 411 33.31 -20.33 1.69
C ASN C 411 32.47 -20.70 0.47
N GLY C 412 31.19 -20.32 0.49
CA GLY C 412 30.30 -20.58 -0.64
C GLY C 412 29.71 -21.98 -0.68
N THR C 413 30.06 -22.82 0.29
CA THR C 413 29.57 -24.20 0.29
C THR C 413 28.83 -24.58 1.57
N ASP C 414 29.09 -23.90 2.68
CA ASP C 414 28.40 -24.23 3.93
C ASP C 414 28.02 -22.99 4.76
N SER C 415 27.41 -23.24 5.91
CA SER C 415 26.82 -22.21 6.75
C SER C 415 27.79 -21.56 7.74
N SER C 416 29.08 -21.86 7.63
CA SER C 416 30.08 -21.35 8.58
C SER C 416 29.81 -21.80 10.00
N SER C 417 29.40 -23.05 10.16
CA SER C 417 29.29 -23.62 11.49
C SER C 417 30.68 -24.09 11.96
N ASN C 418 30.71 -25.03 12.91
CA ASN C 418 31.97 -25.53 13.47
C ASN C 418 32.78 -24.38 14.06
N HIS C 419 32.15 -23.61 14.56
CA HIS C 419 32.62 -22.41 15.25
C HIS C 419 33.56 -21.55 14.40
N THR C 420 33.22 -21.22 13.28
CA THR C 420 33.93 -20.31 12.38
C THR C 420 33.74 -18.87 12.84
N SER C 421 34.83 -18.11 12.92
CA SER C 421 34.79 -16.67 13.22
C SER C 421 35.50 -15.90 12.13
N TYR C 422 35.04 -14.68 11.85
CA TYR C 422 35.64 -13.84 10.82
C TYR C 422 36.37 -12.64 11.44
N GLY C 423 36.09 -12.34 12.70
CA GLY C 423 36.76 -11.23 13.38
C GLY C 423 36.14 -9.86 13.13
N GLN C 424 36.96 -8.83 13.26
CA GLN C 424 36.47 -7.44 13.31
C GLN C 424 35.74 -7.04 12.02
N ALA C 425 34.54 -6.47 12.20
CA ALA C 425 33.69 -6.05 11.08
C ALA C 425 34.10 -4.67 10.57
N ASP C 426 35.28 -4.60 9.96
CA ASP C 426 35.83 -3.34 9.51
C ASP C 426 34.98 -2.68 8.44
N ASP C 427 34.25 -3.47 7.67
CA ASP C 427 33.35 -2.94 6.65
C ASP C 427 32.21 -2.13 7.26
N ILE C 428 31.92 -2.34 8.54
CA ILE C 428 30.98 -1.48 9.25
C ILE C 428 31.78 -0.27 9.74
N TYR C 429 32.71 -0.51 10.66
CA TYR C 429 33.83 0.40 10.91
C TYR C 429 34.79 -0.29 11.86
N VAL C 430 36.05 0.13 11.83
CA VAL C 430 36.99 -0.29 12.85
C VAL C 430 36.66 0.52 14.10
N ASN C 431 36.13 -0.13 15.12
CA ASN C 431 35.62 0.61 16.28
C ASN C 431 36.73 1.06 17.23
N PRO C 432 36.51 2.20 17.90
CA PRO C 432 37.35 2.62 19.03
C PRO C 432 36.90 1.89 20.29
N ASP C 433 37.51 2.22 21.42
CA ASP C 433 37.11 1.71 22.72
C ASP C 433 35.63 2.02 22.95
N PRO C 434 34.82 1.00 23.29
CA PRO C 434 33.40 1.27 23.60
C PRO C 434 33.21 1.91 24.98
N HIS C 435 34.26 1.93 25.80
CA HIS C 435 34.21 2.50 27.15
C HIS C 435 33.23 1.81 28.10
N GLY C 436 32.89 0.57 27.79
CA GLY C 436 32.03 -0.20 28.67
C GLY C 436 31.74 -1.56 28.06
N THR C 437 31.26 -2.47 28.90
CA THR C 437 31.01 -3.84 28.48
C THR C 437 29.53 -4.20 28.49
N ASP C 438 28.67 -3.23 28.81
CA ASP C 438 27.24 -3.49 29.00
C ASP C 438 26.33 -2.69 28.04
N LEU C 439 25.17 -3.25 27.73
CA LEU C 439 24.11 -2.49 27.07
C LEU C 439 23.70 -1.40 28.05
N VAL C 440 23.83 -0.14 27.63
CA VAL C 440 23.54 0.99 28.50
C VAL C 440 22.81 2.08 27.73
N ARG C 441 22.21 3.00 28.49
CA ARG C 441 21.83 4.31 27.96
C ARG C 441 22.72 5.31 28.69
N ALA C 442 23.66 5.91 27.96
CA ALA C 442 24.71 6.71 28.59
C ALA C 442 25.03 7.95 27.79
N ALA C 443 25.67 8.91 28.42
CA ALA C 443 26.20 10.07 27.71
C ALA C 443 27.35 9.64 26.80
N TYR C 444 27.66 10.50 25.83
CA TYR C 444 28.89 10.34 25.05
C TYR C 444 30.07 10.50 26.00
N VAL C 445 31.19 9.88 25.65
CA VAL C 445 32.42 10.11 26.42
C VAL C 445 32.67 11.62 26.49
N LYS C 446 32.98 12.12 27.67
CA LYS C 446 33.11 13.56 27.85
C LYS C 446 34.54 14.05 27.62
N HIS C 447 34.71 14.86 26.58
CA HIS C 447 36.00 15.47 26.28
C HIS C 447 36.08 16.85 26.93
N GLN C 448 37.29 17.39 26.99
CA GLN C 448 37.59 18.56 27.81
C GLN C 448 36.64 19.74 27.59
N ASP C 449 36.34 20.05 26.33
CA ASP C 449 35.53 21.23 26.05
C ASP C 449 34.12 20.91 25.58
N ASP C 450 33.64 19.71 25.87
CA ASP C 450 32.28 19.35 25.49
C ASP C 450 31.23 20.03 26.36
N ASP C 451 30.41 20.88 25.72
CA ASP C 451 29.16 21.36 26.30
C ASP C 451 28.25 21.73 25.12
N ASP C 452 27.07 22.26 25.39
CA ASP C 452 26.11 22.52 24.32
C ASP C 452 26.27 23.89 23.67
N PHE C 453 27.12 24.74 24.25
CA PHE C 453 27.13 26.16 23.88
C PHE C 453 28.45 26.73 23.41
N ILE C 454 29.57 26.06 23.68
CA ILE C 454 30.86 26.67 23.38
C ILE C 454 31.09 26.89 21.88
N GLN C 455 30.71 25.93 21.04
CA GLN C 455 30.98 26.11 19.62
C GLN C 455 30.18 27.24 18.95
N PRO C 456 28.86 27.33 19.22
CA PRO C 456 28.19 28.51 18.64
C PRO C 456 28.68 29.82 19.26
N GLY C 457 29.15 29.78 20.52
CA GLY C 457 29.71 30.96 21.15
C GLY C 457 30.98 31.41 20.43
N ILE C 458 31.84 30.45 20.08
CA ILE C 458 33.05 30.75 19.32
C ILE C 458 32.71 31.31 17.93
N LEU C 459 31.72 30.71 17.29
CA LEU C 459 31.20 31.21 16.00
C LEU C 459 30.83 32.68 16.12
N TYR C 460 30.01 32.99 17.12
CA TYR C 460 29.56 34.36 17.33
C TYR C 460 30.72 35.31 17.67
N ARG C 461 31.57 34.90 18.62
CA ARG C 461 32.61 35.79 19.14
C ARG C 461 33.83 35.95 18.24
N GLU C 462 34.16 34.90 17.49
CA GLU C 462 35.43 34.89 16.75
C GLU C 462 35.28 34.86 15.22
N VAL C 463 34.17 34.32 14.73
CA VAL C 463 34.00 34.14 13.28
C VAL C 463 33.11 35.20 12.61
N LEU C 464 31.94 35.46 13.21
CA LEU C 464 31.00 36.41 12.61
C LEU C 464 31.50 37.85 12.69
N ASP C 465 31.38 38.58 11.58
CA ASP C 465 31.69 40.02 11.60
C ASP C 465 30.54 40.81 12.20
N GLU C 466 30.67 42.12 12.31
CA GLU C 466 29.65 42.91 13.00
C GLU C 466 28.28 42.86 12.33
N GLY C 467 28.24 42.91 11.00
CA GLY C 467 26.99 42.78 10.27
C GLY C 467 26.34 41.41 10.46
N GLU C 468 27.15 40.36 10.42
CA GLU C 468 26.65 39.01 10.64
C GLU C 468 26.08 38.85 12.04
N LYS C 469 26.78 39.39 13.04
CA LYS C 469 26.29 39.36 14.42
C LYS C 469 24.94 40.03 14.57
N GLU C 470 24.80 41.21 13.96
CA GLU C 470 23.56 41.97 14.08
C GLU C 470 22.41 41.28 13.33
N ARG C 471 22.68 40.82 12.12
CA ARG C 471 21.65 40.13 11.35
C ARG C 471 21.20 38.87 12.09
N LEU C 472 22.14 38.18 12.72
CA LEU C 472 21.80 36.98 13.49
C LEU C 472 20.78 37.30 14.59
N ALA C 473 21.06 38.32 15.40
CA ALA C 473 20.13 38.73 16.46
C ALA C 473 18.79 39.19 15.89
N ASP C 474 18.84 39.87 14.76
CA ASP C 474 17.62 40.31 14.09
C ASP C 474 16.79 39.11 13.58
N ASN C 475 17.46 38.13 12.97
CA ASN C 475 16.79 36.94 12.48
C ASN C 475 16.15 36.12 13.60
N ILE C 476 16.91 35.95 14.69
CA ILE C 476 16.41 35.22 15.85
C ILE C 476 15.17 35.89 16.41
N SER C 477 15.23 37.20 16.62
CA SER C 477 14.10 37.90 17.22
C SER C 477 12.87 37.88 16.30
N ASN C 478 13.09 37.85 14.98
CA ASN C 478 11.99 37.64 14.03
C ASN C 478 11.36 36.27 14.21
N ALA C 479 12.21 35.24 14.30
CA ALA C 479 11.73 33.86 14.44
C ALA C 479 11.01 33.59 15.76
N MET C 480 11.27 34.45 16.75
CA MET C 480 10.63 34.34 18.06
C MET C 480 9.21 34.88 18.09
N GLN C 481 8.84 35.69 17.09
CA GLN C 481 7.51 36.28 17.09
C GLN C 481 6.45 35.19 17.13
N GLY C 482 5.57 35.26 18.13
CA GLY C 482 4.54 34.25 18.27
C GLY C 482 4.73 33.28 19.43
N ILE C 483 5.91 33.24 20.04
CA ILE C 483 6.12 32.36 21.18
C ILE C 483 5.27 32.83 22.35
N SER C 484 4.92 31.91 23.23
CA SER C 484 4.13 32.22 24.41
CA SER C 484 4.11 32.24 24.40
C SER C 484 4.94 32.95 25.45
N GLU C 485 4.27 33.65 26.35
CA GLU C 485 4.95 34.26 27.48
C GLU C 485 5.67 33.21 28.31
N ALA C 486 5.16 31.98 28.29
CA ALA C 486 5.73 30.86 29.04
C ALA C 486 7.11 30.47 28.50
N THR C 487 7.36 30.79 27.22
CA THR C 487 8.57 30.38 26.51
C THR C 487 9.62 31.49 26.43
N GLU C 488 9.18 32.74 26.51
CA GLU C 488 10.10 33.88 26.40
C GLU C 488 11.34 33.80 27.30
N PRO C 489 11.18 33.59 28.62
CA PRO C 489 12.39 33.60 29.46
C PRO C 489 13.35 32.45 29.11
N ARG C 490 12.81 31.29 28.72
CA ARG C 490 13.64 30.16 28.32
CA ARG C 490 13.64 30.17 28.34
C ARG C 490 14.50 30.52 27.13
N VAL C 491 13.90 31.23 26.17
CA VAL C 491 14.63 31.63 24.98
C VAL C 491 15.70 32.68 25.32
N TYR C 492 15.38 33.63 26.18
CA TYR C 492 16.37 34.61 26.60
C TYR C 492 17.60 33.92 27.20
N ASP C 493 17.36 32.93 28.06
CA ASP C 493 18.45 32.24 28.75
C ASP C 493 19.30 31.41 27.78
N TYR C 494 18.62 30.74 26.84
CA TYR C 494 19.29 29.93 25.82
C TYR C 494 20.28 30.78 25.05
N TRP C 495 19.87 31.97 24.63
CA TRP C 495 20.79 32.80 23.86
C TRP C 495 21.91 33.39 24.71
N ASN C 496 21.61 33.71 25.96
CA ASN C 496 22.67 34.11 26.88
C ASN C 496 23.72 33.03 27.05
N ASN C 497 23.29 31.77 27.07
CA ASN C 497 24.22 30.65 27.17
C ASN C 497 25.17 30.57 25.98
N VAL C 498 24.69 30.91 24.79
CA VAL C 498 25.56 30.98 23.63
C VAL C 498 26.58 32.12 23.83
N ASP C 499 26.07 33.32 24.09
CA ASP C 499 26.92 34.50 24.31
C ASP C 499 26.08 35.59 24.96
N GLU C 500 26.62 36.21 26.01
CA GLU C 500 25.86 37.17 26.78
C GLU C 500 25.48 38.40 25.96
N ASN C 501 26.35 38.79 25.03
CA ASN C 501 26.06 39.95 24.19
C ASN C 501 25.03 39.65 23.11
N LEU C 502 25.12 38.47 22.52
CA LEU C 502 24.10 38.02 21.57
C LEU C 502 22.75 37.93 22.28
N GLY C 503 22.75 37.32 23.46
CA GLY C 503 21.52 37.19 24.23
C GLY C 503 20.87 38.52 24.54
N ALA C 504 21.69 39.50 24.92
CA ALA C 504 21.16 40.82 25.27
C ALA C 504 20.53 41.47 24.04
N ARG C 505 21.20 41.33 22.90
CA ARG C 505 20.71 41.98 21.68
C ARG C 505 19.44 41.28 21.18
N VAL C 506 19.39 39.97 21.30
CA VAL C 506 18.20 39.22 20.91
C VAL C 506 16.99 39.69 21.72
N LYS C 507 17.15 39.77 23.04
CA LYS C 507 16.05 40.22 23.87
C LYS C 507 15.64 41.66 23.53
N GLU C 508 16.62 42.54 23.33
CA GLU C 508 16.34 43.93 23.00
C GLU C 508 15.50 44.05 21.74
N LEU C 509 15.95 43.39 20.67
CA LEU C 509 15.23 43.45 19.41
C LEU C 509 13.86 42.78 19.50
N TYR C 510 13.79 41.65 20.19
CA TYR C 510 12.52 40.95 20.36
C TYR C 510 11.48 41.86 21.02
N LEU C 511 11.87 42.52 22.09
CA LEU C 511 10.96 43.43 22.78
C LEU C 511 10.56 44.63 21.93
N GLN C 512 11.50 45.13 21.13
CA GLN C 512 11.21 46.22 20.19
C GLN C 512 10.09 45.84 19.23
N LYS C 513 10.16 44.61 18.73
CA LYS C 513 9.23 44.13 17.72
C LYS C 513 7.93 43.66 18.31
N LYS C 514 7.97 43.23 19.57
CA LYS C 514 6.81 42.68 20.23
C LYS C 514 5.80 43.77 20.55
N ALA C 515 4.70 43.78 19.82
CA ALA C 515 3.79 44.92 19.76
C ALA C 515 4.54 46.23 19.57
N GLU D 2 14.14 -25.33 -30.04
CA GLU D 2 13.81 -25.09 -28.64
C GLU D 2 13.27 -23.68 -28.46
N LYS D 3 13.17 -22.97 -29.59
CA LYS D 3 12.76 -21.58 -29.58
C LYS D 3 11.25 -21.40 -29.52
N SER D 4 10.82 -20.29 -28.91
CA SER D 4 9.40 -19.93 -28.87
C SER D 4 9.22 -18.47 -29.26
N ALA D 5 8.12 -18.16 -29.93
CA ALA D 5 7.78 -16.78 -30.26
C ALA D 5 7.63 -15.95 -28.98
N ALA D 6 7.36 -16.63 -27.88
CA ALA D 6 7.23 -15.95 -26.59
C ALA D 6 8.57 -15.56 -25.94
N ASP D 7 9.70 -15.97 -26.54
CA ASP D 7 11.01 -15.73 -25.94
C ASP D 7 11.32 -14.25 -25.68
N GLN D 8 10.94 -13.40 -26.63
CA GLN D 8 11.11 -11.95 -26.49
C GLN D 8 10.48 -11.45 -25.21
N ILE D 9 9.32 -12.01 -24.90
CA ILE D 9 8.54 -11.55 -23.75
C ILE D 9 9.05 -12.15 -22.46
N VAL D 10 9.33 -13.45 -22.45
CA VAL D 10 9.73 -14.10 -21.20
C VAL D 10 11.14 -13.76 -20.76
N ASP D 11 11.94 -13.20 -21.67
CA ASP D 11 13.28 -12.77 -21.29
C ASP D 11 13.32 -11.37 -20.68
N ARG D 12 12.26 -10.58 -20.86
CA ARG D 12 12.19 -9.24 -20.31
C ARG D 12 12.39 -9.25 -18.79
N GLY D 13 13.33 -8.44 -18.30
CA GLY D 13 13.51 -8.26 -16.87
C GLY D 13 14.45 -9.26 -16.21
N MET D 14 14.92 -10.24 -16.97
CA MET D 14 15.75 -11.30 -16.41
C MET D 14 17.25 -10.93 -16.35
N ARG D 15 17.84 -11.10 -15.18
CA ARG D 15 19.28 -10.87 -14.99
C ARG D 15 20.07 -11.97 -15.67
N PRO D 16 21.33 -11.67 -16.02
CA PRO D 16 22.22 -12.76 -16.45
C PRO D 16 22.56 -13.65 -15.26
N LYS D 17 23.07 -14.83 -15.54
CA LYS D 17 23.57 -15.70 -14.49
C LYS D 17 24.75 -15.01 -13.79
N LEU D 18 24.76 -15.04 -12.46
CA LEU D 18 25.81 -14.37 -11.68
C LEU D 18 26.58 -15.37 -10.82
N SER D 19 27.84 -15.05 -10.53
CA SER D 19 28.64 -15.87 -9.65
C SER D 19 29.58 -15.00 -8.82
N GLY D 20 30.55 -15.64 -8.17
CA GLY D 20 31.46 -14.91 -7.30
C GLY D 20 30.83 -14.78 -5.93
N ASN D 21 30.62 -13.55 -5.50
CA ASN D 21 30.03 -13.30 -4.20
C ASN D 21 28.76 -12.48 -4.36
N THR D 22 27.93 -12.50 -3.33
CA THR D 22 26.71 -11.71 -3.37
C THR D 22 26.98 -10.23 -3.13
N THR D 23 26.02 -9.39 -3.49
CA THR D 23 26.10 -7.96 -3.22
C THR D 23 24.84 -7.50 -2.52
N ARG D 24 24.94 -6.41 -1.77
CA ARG D 24 23.75 -5.77 -1.25
CA ARG D 24 23.75 -5.75 -1.24
C ARG D 24 23.00 -5.11 -2.41
N HIS D 25 21.84 -4.53 -2.13
CA HIS D 25 21.02 -3.99 -3.21
C HIS D 25 21.56 -2.68 -3.78
N ASN D 26 22.55 -2.10 -3.13
CA ASN D 26 23.29 -0.98 -3.72
C ASN D 26 24.47 -1.44 -4.59
N GLY D 27 24.73 -2.75 -4.63
CA GLY D 27 25.84 -3.30 -5.42
C GLY D 27 27.14 -3.51 -4.66
N ALA D 28 27.19 -3.13 -3.39
CA ALA D 28 28.40 -3.35 -2.58
C ALA D 28 28.52 -4.80 -2.15
N PRO D 29 29.76 -5.33 -2.04
CA PRO D 29 29.96 -6.74 -1.66
C PRO D 29 29.38 -7.10 -0.29
N VAL D 30 28.73 -8.27 -0.21
CA VAL D 30 28.21 -8.80 1.05
C VAL D 30 29.32 -9.51 1.80
N PRO D 31 29.57 -9.14 3.07
CA PRO D 31 30.58 -9.88 3.84
C PRO D 31 30.15 -11.31 4.15
N SER D 32 28.94 -11.51 4.68
CA SER D 32 28.51 -12.86 5.02
C SER D 32 27.01 -13.07 4.84
N GLU D 33 26.66 -14.27 4.37
CA GLU D 33 25.26 -14.69 4.32
C GLU D 33 24.96 -15.60 5.51
N ASN D 34 25.94 -15.79 6.39
CA ASN D 34 25.85 -16.79 7.44
C ASN D 34 25.87 -16.25 8.88
N ILE D 35 26.64 -15.20 9.12
CA ILE D 35 26.85 -14.72 10.50
C ILE D 35 26.55 -13.23 10.57
N SER D 36 25.75 -12.83 11.56
CA SER D 36 25.43 -11.41 11.76
C SER D 36 26.43 -10.75 12.72
N ALA D 37 26.52 -9.43 12.66
CA ALA D 37 27.53 -8.69 13.43
C ALA D 37 27.05 -8.38 14.84
N THR D 38 27.92 -8.61 15.81
CA THR D 38 27.59 -8.39 17.21
C THR D 38 28.69 -7.58 17.90
N ALA D 39 28.34 -6.94 19.00
CA ALA D 39 29.32 -6.20 19.80
C ALA D 39 29.99 -7.15 20.79
N GLY D 40 31.02 -7.85 20.32
CA GLY D 40 31.59 -9.00 21.02
C GLY D 40 30.85 -10.27 20.63
N PRO D 41 31.54 -11.43 20.62
CA PRO D 41 30.90 -12.68 20.21
C PRO D 41 29.60 -13.00 20.96
N GLN D 42 29.55 -12.66 22.25
CA GLN D 42 28.36 -12.92 23.06
C GLN D 42 27.57 -11.62 23.33
N GLY D 43 28.00 -10.54 22.68
CA GLY D 43 27.34 -9.25 22.83
C GLY D 43 26.08 -9.14 21.99
N PRO D 44 25.37 -8.01 22.13
CA PRO D 44 24.12 -7.81 21.38
C PRO D 44 24.36 -7.64 19.88
N ASN D 45 23.38 -8.02 19.09
CA ASN D 45 23.39 -7.69 17.67
C ASN D 45 23.39 -6.19 17.50
N VAL D 46 24.23 -5.69 16.60
CA VAL D 46 24.30 -4.26 16.33
C VAL D 46 23.22 -3.86 15.35
N LEU D 47 22.77 -2.62 15.46
CA LEU D 47 21.75 -2.10 14.56
C LEU D 47 22.28 -2.07 13.12
N ASN D 48 23.54 -1.71 12.95
CA ASN D 48 24.08 -1.42 11.63
C ASN D 48 24.74 -2.60 10.94
N ASP D 49 24.14 -3.78 11.06
CA ASP D 49 24.46 -4.84 10.13
C ASP D 49 23.53 -4.58 8.94
N ILE D 50 24.04 -3.82 7.98
CA ILE D 50 23.20 -3.30 6.89
C ILE D 50 22.61 -4.44 6.07
N HIS D 51 23.43 -5.43 5.74
CA HIS D 51 22.94 -6.56 4.99
C HIS D 51 21.89 -7.37 5.75
N LEU D 52 22.12 -7.61 7.05
CA LEU D 52 21.12 -8.33 7.85
C LEU D 52 19.74 -7.69 7.73
N ILE D 53 19.70 -6.38 7.96
CA ILE D 53 18.41 -5.69 7.96
C ILE D 53 17.80 -5.67 6.57
N GLU D 54 18.62 -5.47 5.55
CA GLU D 54 18.11 -5.44 4.18
C GLU D 54 17.52 -6.80 3.77
N LYS D 55 18.23 -7.87 4.15
CA LYS D 55 17.82 -9.25 3.86
C LYS D 55 16.52 -9.58 4.59
N LEU D 56 16.45 -9.24 5.86
CA LEU D 56 15.22 -9.49 6.63
C LEU D 56 14.06 -8.64 6.15
N ALA D 57 14.34 -7.36 5.86
CA ALA D 57 13.25 -6.44 5.51
C ALA D 57 12.66 -6.75 4.13
N HIS D 58 13.53 -7.30 3.27
CA HIS D 58 12.93 -7.54 1.96
C HIS D 58 12.16 -8.86 1.93
N PHE D 59 12.72 -9.81 2.76
CA PHE D 59 12.06 -11.08 3.05
C PHE D 59 10.67 -10.78 3.60
N ASN D 60 10.59 -9.84 4.54
CA ASN D 60 9.32 -9.48 5.18
C ASN D 60 8.27 -8.93 4.22
N ARG D 61 8.70 -8.51 3.03
CA ARG D 61 7.81 -7.89 2.05
C ARG D 61 7.64 -8.74 0.80
N GLU D 62 7.98 -10.02 0.87
CA GLU D 62 7.86 -10.88 -0.31
C GLU D 62 6.42 -11.09 -0.74
N ASN D 63 5.51 -11.21 0.22
CA ASN D 63 4.14 -11.56 -0.10
C ASN D 63 3.31 -10.36 -0.53
N VAL D 64 2.36 -10.61 -1.42
CA VAL D 64 1.44 -9.60 -1.93
C VAL D 64 0.04 -10.21 -1.86
N PRO D 65 -1.03 -9.39 -1.94
CA PRO D 65 -2.36 -9.99 -1.87
C PRO D 65 -2.55 -11.00 -3.00
N GLU D 66 -3.10 -12.17 -2.69
CA GLU D 66 -3.41 -13.13 -3.74
C GLU D 66 -4.67 -12.66 -4.47
N ARG D 67 -4.91 -13.18 -5.67
CA ARG D 67 -6.14 -12.88 -6.37
C ARG D 67 -7.36 -13.32 -5.58
N ILE D 68 -8.43 -12.53 -5.65
CA ILE D 68 -9.75 -13.00 -5.26
C ILE D 68 -10.70 -12.87 -6.46
N PRO D 69 -11.25 -13.99 -6.96
CA PRO D 69 -10.91 -15.38 -6.66
C PRO D 69 -9.77 -15.84 -7.58
N HIS D 70 -9.61 -17.15 -7.74
CA HIS D 70 -8.58 -17.76 -8.61
C HIS D 70 -7.15 -17.57 -8.09
N ALA D 71 -7.01 -17.54 -6.76
CA ALA D 71 -5.70 -17.38 -6.14
C ALA D 71 -4.68 -18.46 -6.54
N LYS D 72 -5.13 -19.72 -6.59
CA LYS D 72 -4.23 -20.86 -6.83
C LYS D 72 -4.16 -21.17 -8.32
N GLY D 73 -3.03 -20.84 -8.95
CA GLY D 73 -2.89 -21.09 -10.37
C GLY D 73 -1.44 -21.18 -10.82
N HIS D 74 -1.26 -21.35 -12.12
CA HIS D 74 0.04 -21.64 -12.72
C HIS D 74 -0.10 -21.46 -14.21
N GLY D 75 1.00 -21.32 -14.93
CA GLY D 75 0.84 -21.03 -16.33
C GLY D 75 2.05 -21.30 -17.18
N ALA D 76 2.01 -20.77 -18.40
CA ALA D 76 3.03 -21.05 -19.39
C ALA D 76 2.90 -20.06 -20.52
N PHE D 77 3.84 -20.15 -21.46
CA PHE D 77 3.81 -19.28 -22.63
C PHE D 77 3.84 -20.14 -23.89
N GLY D 78 3.48 -19.54 -25.01
CA GLY D 78 3.40 -20.30 -26.23
C GLY D 78 3.06 -19.45 -27.42
N GLU D 79 2.33 -20.05 -28.37
CA GLU D 79 2.06 -19.42 -29.65
C GLU D 79 0.63 -19.72 -30.13
N LEU D 80 -0.04 -18.70 -30.64
CA LEU D 80 -1.31 -18.85 -31.35
C LEU D 80 -1.03 -18.88 -32.85
N HIS D 81 -1.53 -19.90 -33.54
CA HIS D 81 -1.35 -20.04 -34.98
C HIS D 81 -2.70 -20.02 -35.70
N ILE D 82 -2.90 -19.05 -36.59
CA ILE D 82 -4.12 -18.97 -37.40
C ILE D 82 -4.01 -19.89 -38.62
N THR D 83 -4.98 -20.77 -38.80
CA THR D 83 -4.93 -21.72 -39.90
C THR D 83 -6.08 -21.58 -40.90
N GLU D 84 -7.08 -20.76 -40.55
CA GLU D 84 -8.23 -20.56 -41.41
C GLU D 84 -8.47 -19.06 -41.63
N ASP D 85 -9.27 -18.73 -42.64
CA ASP D 85 -9.54 -17.34 -42.97
C ASP D 85 -10.87 -16.89 -42.39
N VAL D 86 -10.80 -16.09 -41.32
CA VAL D 86 -12.01 -15.56 -40.69
C VAL D 86 -12.10 -14.05 -40.87
N SER D 87 -11.39 -13.52 -41.86
CA SER D 87 -11.39 -12.09 -42.11
C SER D 87 -12.77 -11.54 -42.52
N GLU D 88 -13.64 -12.41 -43.03
CA GLU D 88 -14.97 -11.93 -43.35
C GLU D 88 -15.72 -11.53 -42.08
N TYR D 89 -15.31 -12.08 -40.94
CA TYR D 89 -15.99 -11.84 -39.67
C TYR D 89 -15.29 -10.84 -38.74
N THR D 90 -13.97 -10.83 -38.74
CA THR D 90 -13.23 -9.96 -37.83
C THR D 90 -12.00 -9.37 -38.50
N LYS D 91 -11.70 -8.12 -38.15
CA LYS D 91 -10.49 -7.46 -38.60
C LYS D 91 -9.38 -7.54 -37.55
N ALA D 92 -9.65 -8.23 -36.43
CA ALA D 92 -8.66 -8.29 -35.34
C ALA D 92 -7.35 -8.83 -35.89
N ASP D 93 -6.26 -8.10 -35.61
CA ASP D 93 -5.00 -8.40 -36.28
C ASP D 93 -4.51 -9.82 -36.01
N LEU D 94 -4.60 -10.27 -34.76
CA LEU D 94 -4.09 -11.59 -34.40
C LEU D 94 -4.86 -12.72 -35.09
N PHE D 95 -6.05 -12.44 -35.57
CA PHE D 95 -6.89 -13.49 -36.19
C PHE D 95 -6.82 -13.50 -37.72
N GLN D 96 -5.99 -12.65 -38.32
CA GLN D 96 -5.88 -12.60 -39.78
C GLN D 96 -5.09 -13.81 -40.30
N PRO D 97 -5.28 -14.17 -41.59
CA PRO D 97 -4.62 -15.40 -42.08
C PRO D 97 -3.11 -15.40 -41.89
N GLY D 98 -2.60 -16.54 -41.45
CA GLY D 98 -1.16 -16.74 -41.33
C GLY D 98 -0.52 -16.20 -40.08
N LYS D 99 -1.28 -15.45 -39.28
CA LYS D 99 -0.70 -14.78 -38.13
C LYS D 99 -0.26 -15.76 -37.05
N VAL D 100 0.94 -15.54 -36.51
CA VAL D 100 1.44 -16.31 -35.38
C VAL D 100 1.75 -15.30 -34.27
N THR D 101 1.16 -15.52 -33.09
CA THR D 101 1.19 -14.52 -32.03
C THR D 101 1.65 -15.14 -30.73
N PRO D 102 2.59 -14.48 -30.03
CA PRO D 102 2.99 -15.01 -28.72
C PRO D 102 1.83 -14.95 -27.72
N LEU D 103 1.81 -15.91 -26.79
CA LEU D 103 0.78 -15.95 -25.77
C LEU D 103 1.30 -16.30 -24.39
N ALA D 104 0.50 -15.94 -23.39
CA ALA D 104 0.68 -16.44 -22.03
C ALA D 104 -0.64 -17.09 -21.65
N VAL D 105 -0.60 -18.03 -20.71
CA VAL D 105 -1.81 -18.63 -20.17
C VAL D 105 -1.64 -18.84 -18.67
N ARG D 106 -2.73 -18.67 -17.92
CA ARG D 106 -2.76 -19.04 -16.52
C ARG D 106 -4.00 -19.91 -16.30
N PHE D 107 -3.79 -21.06 -15.65
CA PHE D 107 -4.86 -21.97 -15.25
C PHE D 107 -4.99 -21.85 -13.75
N SER D 108 -6.16 -22.17 -13.20
CA SER D 108 -6.38 -21.96 -11.78
C SER D 108 -7.60 -22.73 -11.29
N THR D 109 -7.76 -22.78 -9.96
CA THR D 109 -9.06 -23.09 -9.36
C THR D 109 -9.71 -21.74 -9.05
N VAL D 110 -10.81 -21.73 -8.29
CA VAL D 110 -11.55 -20.51 -8.03
C VAL D 110 -11.55 -20.13 -6.54
N ALA D 111 -12.00 -21.06 -5.70
CA ALA D 111 -12.32 -20.72 -4.32
C ALA D 111 -11.12 -20.69 -3.38
N GLY D 112 -10.23 -21.67 -3.54
CA GLY D 112 -9.15 -21.84 -2.58
C GLY D 112 -8.07 -20.78 -2.68
N GLU D 113 -7.31 -20.68 -1.59
CA GLU D 113 -6.24 -19.69 -1.51
C GLU D 113 -4.98 -20.26 -2.13
N GLN D 114 -3.89 -19.49 -2.01
N GLN D 114 -3.91 -19.47 -2.25
CA GLN D 114 -2.62 -19.77 -2.65
CA GLN D 114 -2.69 -20.02 -2.82
C GLN D 114 -1.97 -21.13 -2.43
C GLN D 114 -2.19 -21.10 -1.87
N GLY D 115 -2.24 -21.77 -1.31
N GLY D 115 -1.74 -22.23 -2.39
CA GLY D 115 -1.59 -23.03 -1.00
CA GLY D 115 -1.36 -23.33 -1.52
C GLY D 115 -2.50 -24.23 -1.17
C GLY D 115 -2.47 -24.36 -1.38
N SER D 116 -3.72 -23.97 -1.60
CA SER D 116 -4.78 -24.98 -1.57
C SER D 116 -4.60 -25.95 -2.74
N PRO D 117 -5.11 -27.19 -2.59
CA PRO D 117 -4.91 -28.21 -3.63
C PRO D 117 -5.54 -27.87 -4.97
N ASP D 118 -4.82 -28.17 -6.05
CA ASP D 118 -5.30 -27.99 -7.41
C ASP D 118 -6.54 -28.84 -7.70
N THR D 119 -6.69 -29.94 -6.97
CA THR D 119 -7.73 -30.93 -7.30
C THR D 119 -8.91 -30.96 -6.34
N TRP D 120 -9.13 -29.88 -5.59
CA TRP D 120 -10.45 -29.65 -4.99
C TRP D 120 -11.46 -29.56 -6.12
N ARG D 121 -12.69 -30.03 -5.89
CA ARG D 121 -13.75 -29.83 -6.87
C ARG D 121 -13.98 -28.34 -7.05
N ASP D 122 -13.90 -27.88 -8.29
CA ASP D 122 -14.03 -26.47 -8.58
C ASP D 122 -14.05 -26.26 -10.07
N VAL D 123 -14.55 -25.10 -10.49
CA VAL D 123 -14.30 -24.60 -11.83
C VAL D 123 -12.79 -24.38 -11.96
N HIS D 124 -12.27 -24.53 -13.17
CA HIS D 124 -10.89 -24.12 -13.43
C HIS D 124 -10.80 -22.97 -14.42
N GLY D 125 -10.03 -21.94 -14.05
CA GLY D 125 -9.78 -20.82 -14.92
C GLY D 125 -8.87 -21.20 -16.10
N PHE D 126 -9.06 -20.51 -17.21
CA PHE D 126 -8.40 -20.83 -18.47
C PHE D 126 -8.20 -19.48 -19.14
N ALA D 127 -7.13 -18.78 -18.78
CA ALA D 127 -7.02 -17.36 -19.09
C ALA D 127 -5.81 -17.11 -19.99
N LEU D 128 -6.08 -16.55 -21.17
CA LEU D 128 -5.09 -16.39 -22.21
C LEU D 128 -4.77 -14.93 -22.48
N ARG D 129 -3.50 -14.62 -22.72
CA ARG D 129 -3.10 -13.34 -23.27
C ARG D 129 -2.44 -13.55 -24.61
N PHE D 130 -2.86 -12.78 -25.62
CA PHE D 130 -2.17 -12.78 -26.89
C PHE D 130 -1.47 -11.43 -27.05
N TYR D 131 -0.15 -11.48 -27.26
CA TYR D 131 0.65 -10.27 -27.40
C TYR D 131 0.59 -9.81 -28.86
N THR D 132 -0.51 -9.16 -29.22
CA THR D 132 -0.76 -8.80 -30.62
C THR D 132 -0.13 -7.48 -31.02
N GLU D 133 -0.06 -7.24 -32.33
CA GLU D 133 0.54 -6.03 -32.86
C GLU D 133 -0.31 -4.78 -32.63
N GLU D 134 -1.56 -4.98 -32.19
CA GLU D 134 -2.46 -3.88 -31.87
C GLU D 134 -2.81 -3.90 -30.39
N GLY D 135 -1.96 -4.53 -29.60
CA GLY D 135 -2.08 -4.56 -28.15
C GLY D 135 -2.28 -5.94 -27.57
N ASN D 136 -2.25 -6.04 -26.25
CA ASN D 136 -2.58 -7.30 -25.59
C ASN D 136 -4.07 -7.57 -25.63
N TYR D 137 -4.43 -8.73 -26.19
CA TYR D 137 -5.81 -9.18 -26.19
C TYR D 137 -5.91 -10.38 -25.27
N ASP D 138 -6.68 -10.25 -24.18
CA ASP D 138 -6.83 -11.33 -23.23
C ASP D 138 -8.21 -11.97 -23.38
N ILE D 139 -8.25 -13.29 -23.45
CA ILE D 139 -9.51 -14.02 -23.32
C ILE D 139 -9.44 -14.76 -21.99
N VAL D 140 -10.11 -14.18 -21.01
CA VAL D 140 -10.01 -14.69 -19.65
C VAL D 140 -11.19 -15.64 -19.45
N GLY D 141 -10.95 -16.91 -19.72
CA GLY D 141 -12.03 -17.88 -19.78
C GLY D 141 -12.01 -18.88 -18.64
N ASN D 142 -12.85 -19.90 -18.75
CA ASN D 142 -12.92 -20.98 -17.78
C ASN D 142 -13.02 -22.31 -18.53
N ASN D 143 -12.97 -23.42 -17.80
CA ASN D 143 -13.13 -24.74 -18.40
C ASN D 143 -14.59 -25.16 -18.52
N THR D 144 -15.48 -24.17 -18.53
CA THR D 144 -16.92 -24.35 -18.71
C THR D 144 -17.48 -23.32 -19.68
N PRO D 145 -18.46 -23.73 -20.51
CA PRO D 145 -19.06 -22.81 -21.48
C PRO D 145 -20.05 -21.86 -20.84
N THR D 146 -20.33 -22.04 -19.56
CA THR D 146 -21.35 -21.25 -18.89
C THR D 146 -20.84 -20.82 -17.51
N PHE D 147 -21.70 -20.29 -16.66
CA PHE D 147 -21.30 -19.88 -15.31
C PHE D 147 -22.54 -19.79 -14.42
N PHE D 148 -22.33 -19.49 -13.15
CA PHE D 148 -23.35 -19.60 -12.12
C PHE D 148 -24.37 -18.46 -12.08
N LEU D 149 -24.07 -17.32 -12.69
CA LEU D 149 -24.84 -16.09 -12.50
C LEU D 149 -24.99 -15.33 -13.81
N ARG D 150 -25.96 -14.43 -13.86
CA ARG D 150 -26.17 -13.55 -15.00
C ARG D 150 -26.11 -12.07 -14.65
N ASP D 151 -25.66 -11.74 -13.44
CA ASP D 151 -25.55 -10.33 -13.08
C ASP D 151 -24.40 -10.14 -12.11
N GLY D 152 -23.48 -9.24 -12.44
CA GLY D 152 -22.31 -9.01 -11.62
C GLY D 152 -22.62 -8.57 -10.20
N MET D 153 -23.80 -7.98 -9.99
CA MET D 153 -24.23 -7.59 -8.64
C MET D 153 -24.15 -8.78 -7.66
N LYS D 154 -24.37 -9.98 -8.18
CA LYS D 154 -24.40 -11.19 -7.35
C LYS D 154 -23.06 -11.89 -7.20
N PHE D 155 -22.06 -11.45 -7.95
CA PHE D 155 -20.78 -12.15 -7.96
C PHE D 155 -20.09 -12.23 -6.59
N PRO D 156 -19.99 -11.11 -5.85
CA PRO D 156 -19.35 -11.24 -4.53
C PRO D 156 -20.14 -12.14 -3.57
N ASP D 157 -21.46 -12.22 -3.73
CA ASP D 157 -22.26 -13.12 -2.91
C ASP D 157 -21.86 -14.56 -3.19
N PHE D 158 -21.79 -14.91 -4.47
CA PHE D 158 -21.38 -16.25 -4.86
C PHE D 158 -19.98 -16.59 -4.34
N ILE D 159 -19.03 -15.71 -4.60
CA ILE D 159 -17.65 -16.01 -4.18
C ILE D 159 -17.54 -16.11 -2.65
N HIS D 160 -18.19 -15.10 -1.82
CA HIS D 160 -18.18 -15.38 -0.38
C HIS D 160 -18.84 -16.75 -0.09
N SER D 161 -19.84 -17.13 -0.70
CA SER D 161 -20.48 -18.40 -0.33
C SER D 161 -19.57 -19.61 -0.59
N GLN D 162 -18.64 -19.47 -1.53
CA GLN D 162 -17.68 -20.51 -1.87
C GLN D 162 -16.42 -20.49 -1.02
N LYS D 163 -16.23 -19.40 -0.28
CA LYS D 163 -15.04 -19.24 0.55
C LYS D 163 -15.37 -19.54 2.00
N ARG D 164 -14.85 -18.77 2.95
CA ARG D 164 -14.92 -19.19 4.35
C ARG D 164 -15.89 -18.36 5.18
N LEU D 165 -16.57 -19.03 6.12
CA LEU D 165 -17.44 -18.37 7.09
C LEU D 165 -16.68 -17.29 7.83
N ASN D 166 -17.34 -16.17 8.11
CA ASN D 166 -16.67 -15.09 8.83
C ASN D 166 -16.24 -15.43 10.24
N LYS D 167 -16.97 -16.31 10.93
CA LYS D 167 -16.65 -16.55 12.33
C LYS D 167 -15.40 -17.40 12.54
N ASN D 168 -15.19 -18.40 11.69
CA ASN D 168 -14.19 -19.43 12.00
C ASN D 168 -13.25 -19.82 10.86
N GLY D 169 -13.33 -19.15 9.72
CA GLY D 169 -12.42 -19.46 8.63
C GLY D 169 -12.61 -20.82 8.01
N LEU D 170 -13.81 -21.41 8.14
CA LEU D 170 -14.07 -22.71 7.52
C LEU D 170 -14.98 -22.56 6.29
N ARG D 171 -14.67 -23.31 5.23
CA ARG D 171 -15.62 -23.41 4.13
C ARG D 171 -16.83 -24.19 4.64
N ASP D 172 -17.97 -24.09 3.97
CA ASP D 172 -19.18 -24.59 4.58
C ASP D 172 -20.22 -25.04 3.56
N ALA D 173 -20.60 -26.31 3.63
CA ALA D 173 -21.59 -26.87 2.71
C ALA D 173 -22.94 -26.17 2.80
N ASP D 174 -23.40 -25.89 4.02
CA ASP D 174 -24.71 -25.26 4.14
C ASP D 174 -24.73 -23.91 3.42
N MET D 175 -23.68 -23.12 3.63
CA MET D 175 -23.57 -21.84 2.94
C MET D 175 -23.56 -21.98 1.41
N GLN D 176 -22.81 -22.95 0.89
CA GLN D 176 -22.75 -23.13 -0.55
C GLN D 176 -24.12 -23.47 -1.14
N TRP D 177 -24.84 -24.39 -0.50
CA TRP D 177 -26.13 -24.83 -1.00
C TRP D 177 -27.26 -23.82 -0.72
N ASP D 178 -27.17 -23.11 0.40
CA ASP D 178 -28.12 -22.05 0.68
C ASP D 178 -28.07 -21.00 -0.42
N PHE D 179 -26.86 -20.58 -0.79
CA PHE D 179 -26.74 -19.62 -1.87
C PHE D 179 -27.21 -20.20 -3.21
N TRP D 180 -26.71 -21.38 -3.56
CA TRP D 180 -27.04 -21.96 -4.87
C TRP D 180 -28.54 -22.14 -5.07
N THR D 181 -29.23 -22.63 -4.03
CA THR D 181 -30.65 -22.91 -4.19
C THR D 181 -31.50 -21.65 -4.12
N ARG D 182 -31.01 -20.62 -3.44
CA ARG D 182 -31.72 -19.33 -3.41
C ARG D 182 -31.40 -18.47 -4.62
N ALA D 183 -30.37 -18.87 -5.38
CA ALA D 183 -30.01 -18.22 -6.64
C ALA D 183 -30.04 -19.29 -7.73
N PRO D 184 -31.25 -19.73 -8.09
CA PRO D 184 -31.41 -20.93 -8.94
C PRO D 184 -30.88 -20.74 -10.37
N GLU D 185 -30.55 -19.51 -10.76
CA GLU D 185 -29.84 -19.30 -12.02
C GLU D 185 -28.54 -20.11 -12.04
N SER D 186 -28.06 -20.50 -10.87
CA SER D 186 -26.87 -21.32 -10.72
C SER D 186 -26.98 -22.75 -11.24
N ALA D 187 -28.21 -23.22 -11.53
CA ALA D 187 -28.40 -24.65 -11.77
C ALA D 187 -27.60 -25.21 -12.94
N HIS D 188 -27.46 -24.44 -14.01
CA HIS D 188 -26.72 -24.95 -15.17
C HIS D 188 -25.27 -25.25 -14.80
N GLN D 189 -24.60 -24.26 -14.21
CA GLN D 189 -23.20 -24.46 -13.86
C GLN D 189 -23.00 -25.44 -12.69
N VAL D 190 -23.92 -25.45 -11.73
CA VAL D 190 -23.76 -26.39 -10.62
C VAL D 190 -23.84 -27.83 -11.15
N THR D 191 -24.71 -28.06 -12.14
CA THR D 191 -24.83 -29.39 -12.74
C THR D 191 -23.52 -29.79 -13.45
N TYR D 192 -22.92 -28.85 -14.16
CA TYR D 192 -21.65 -29.07 -14.83
C TYR D 192 -20.55 -29.34 -13.78
N LEU D 193 -20.52 -28.51 -12.73
CA LEU D 193 -19.52 -28.61 -11.67
C LEU D 193 -19.58 -29.93 -10.90
N MET D 194 -20.79 -30.42 -10.66
CA MET D 194 -20.98 -31.61 -9.85
C MET D 194 -20.79 -32.90 -10.63
N GLY D 195 -20.60 -32.78 -11.95
CA GLY D 195 -20.31 -33.92 -12.80
C GLY D 195 -18.83 -34.23 -12.84
N ASP D 196 -18.42 -35.06 -13.79
CA ASP D 196 -17.02 -35.47 -13.88
C ASP D 196 -16.08 -34.29 -14.08
N ARG D 197 -16.54 -33.29 -14.82
CA ARG D 197 -15.70 -32.15 -15.18
C ARG D 197 -15.36 -31.23 -14.03
N GLY D 198 -15.99 -31.44 -12.88
CA GLY D 198 -15.60 -30.72 -11.67
C GLY D 198 -14.22 -31.12 -11.17
N THR D 199 -13.72 -32.26 -11.64
CA THR D 199 -12.40 -32.73 -11.21
C THR D 199 -11.57 -33.23 -12.39
N PRO D 200 -11.17 -32.32 -13.29
CA PRO D 200 -10.27 -32.72 -14.38
C PRO D 200 -8.91 -33.12 -13.81
N LYS D 201 -8.23 -34.07 -14.45
CA LYS D 201 -6.96 -34.53 -13.90
C LYS D 201 -5.86 -33.48 -13.96
N THR D 202 -5.78 -32.76 -15.09
CA THR D 202 -4.70 -31.81 -15.31
C THR D 202 -5.25 -30.57 -16.01
N SER D 203 -4.41 -29.58 -16.20
CA SER D 203 -4.76 -28.40 -16.98
C SER D 203 -4.81 -28.69 -18.49
N ARG D 204 -4.09 -29.74 -18.90
CA ARG D 204 -3.98 -30.11 -20.32
C ARG D 204 -5.18 -30.91 -20.80
N HIS D 205 -5.86 -31.57 -19.87
CA HIS D 205 -6.95 -32.49 -20.20
C HIS D 205 -8.32 -31.88 -19.90
N GLN D 206 -8.50 -30.64 -20.38
CA GLN D 206 -9.77 -29.93 -20.28
C GLN D 206 -9.89 -28.96 -21.44
N ASP D 207 -11.13 -28.68 -21.86
CA ASP D 207 -11.40 -27.61 -22.80
C ASP D 207 -11.34 -26.29 -22.06
N GLY D 208 -11.26 -25.22 -22.85
CA GLY D 208 -11.43 -23.87 -22.34
C GLY D 208 -12.49 -23.16 -23.15
N PHE D 209 -13.08 -22.11 -22.58
CA PHE D 209 -14.17 -21.40 -23.22
C PHE D 209 -14.07 -19.94 -22.82
N GLY D 210 -14.46 -19.04 -23.72
CA GLY D 210 -14.63 -17.64 -23.35
C GLY D 210 -15.88 -17.47 -22.50
N SER D 211 -16.81 -18.42 -22.64
CA SER D 211 -18.10 -18.48 -21.94
C SER D 211 -19.08 -17.40 -22.42
N HIS D 212 -18.71 -16.14 -22.25
CA HIS D 212 -19.57 -15.04 -22.70
C HIS D 212 -19.69 -14.97 -24.21
N THR D 213 -20.80 -14.39 -24.65
CA THR D 213 -20.90 -13.89 -26.00
C THR D 213 -20.07 -12.61 -26.13
N PHE D 214 -19.19 -12.60 -27.12
CA PHE D 214 -18.43 -11.41 -27.50
C PHE D 214 -18.89 -10.97 -28.89
N GLN D 215 -18.26 -9.93 -29.41
CA GLN D 215 -18.57 -9.47 -30.75
C GLN D 215 -17.31 -9.45 -31.61
N TRP D 216 -17.46 -9.85 -32.87
CA TRP D 216 -16.42 -9.67 -33.87
C TRP D 216 -16.91 -8.63 -34.87
N ILE D 217 -16.03 -7.72 -35.28
CA ILE D 217 -16.39 -6.73 -36.28
C ILE D 217 -15.36 -6.80 -37.40
N ASN D 218 -15.81 -6.82 -38.65
CA ASN D 218 -14.88 -6.89 -39.78
C ASN D 218 -14.42 -5.51 -40.26
N ALA D 219 -13.61 -5.47 -41.31
CA ALA D 219 -13.06 -4.21 -41.79
C ALA D 219 -14.13 -3.21 -42.26
N GLU D 220 -15.29 -3.71 -42.66
CA GLU D 220 -16.37 -2.84 -43.13
C GLU D 220 -17.26 -2.36 -41.98
N GLY D 221 -16.98 -2.80 -40.77
CA GLY D 221 -17.76 -2.40 -39.62
C GLY D 221 -18.96 -3.28 -39.29
N LYS D 222 -19.07 -4.41 -39.98
CA LYS D 222 -20.19 -5.32 -39.78
C LYS D 222 -19.92 -6.24 -38.59
N PRO D 223 -20.87 -6.31 -37.65
CA PRO D 223 -20.69 -7.14 -36.45
C PRO D 223 -21.35 -8.52 -36.53
N VAL D 224 -20.75 -9.50 -35.85
CA VAL D 224 -21.40 -10.79 -35.56
C VAL D 224 -21.14 -11.12 -34.09
N TRP D 225 -22.01 -11.94 -33.51
CA TRP D 225 -21.82 -12.40 -32.14
C TRP D 225 -21.02 -13.69 -32.15
N VAL D 226 -20.09 -13.84 -31.21
CA VAL D 226 -19.22 -15.01 -31.20
C VAL D 226 -19.05 -15.60 -29.80
N LYS D 227 -18.80 -16.91 -29.75
CA LYS D 227 -18.33 -17.56 -28.53
C LYS D 227 -17.08 -18.36 -28.83
N TYR D 228 -16.08 -18.26 -27.95
CA TYR D 228 -14.82 -18.96 -28.11
C TYR D 228 -14.79 -20.34 -27.47
N HIS D 229 -14.30 -21.33 -28.18
CA HIS D 229 -14.11 -22.67 -27.69
C HIS D 229 -12.67 -23.08 -27.92
N PHE D 230 -12.01 -23.57 -26.89
CA PHE D 230 -10.65 -24.06 -27.00
C PHE D 230 -10.67 -25.56 -26.74
N LYS D 231 -10.53 -26.34 -27.80
CA LYS D 231 -10.77 -27.79 -27.70
C LYS D 231 -9.47 -28.55 -27.49
N THR D 232 -9.35 -29.22 -26.36
CA THR D 232 -8.10 -29.87 -26.01
C THR D 232 -7.75 -31.04 -26.92
N ARG D 233 -6.51 -31.04 -27.42
CA ARG D 233 -6.06 -32.16 -28.24
C ARG D 233 -5.68 -33.34 -27.37
N GLN D 234 -5.51 -33.08 -26.09
CA GLN D 234 -5.16 -34.13 -25.14
C GLN D 234 -6.40 -34.87 -24.69
N GLY D 235 -7.56 -34.24 -24.84
CA GLY D 235 -8.84 -34.82 -24.45
C GLY D 235 -9.21 -34.60 -23.00
N TRP D 236 -10.51 -34.53 -22.71
CA TRP D 236 -10.97 -34.47 -21.32
C TRP D 236 -10.57 -35.73 -20.58
N ASP D 237 -10.08 -35.57 -19.36
CA ASP D 237 -9.70 -36.70 -18.53
C ASP D 237 -9.94 -36.28 -17.09
N CYS D 238 -10.76 -37.05 -16.37
CA CYS D 238 -11.27 -36.63 -15.06
C CYS D 238 -11.06 -37.66 -13.96
N PHE D 239 -10.77 -37.17 -12.76
CA PHE D 239 -10.77 -37.98 -11.56
C PHE D 239 -12.20 -38.22 -11.11
N THR D 240 -12.42 -39.27 -10.32
CA THR D 240 -13.64 -39.39 -9.55
C THR D 240 -13.52 -38.47 -8.33
N ASP D 241 -14.62 -38.27 -7.62
CA ASP D 241 -14.60 -37.46 -6.40
C ASP D 241 -13.54 -37.98 -5.43
N ALA D 242 -13.51 -39.29 -5.22
CA ALA D 242 -12.57 -39.90 -4.28
C ALA D 242 -11.13 -39.75 -4.76
N GLU D 243 -10.90 -39.96 -6.04
CA GLU D 243 -9.55 -39.87 -6.60
C GLU D 243 -8.99 -38.44 -6.45
N ALA D 244 -9.82 -37.45 -6.73
CA ALA D 244 -9.39 -36.06 -6.63
C ALA D 244 -8.95 -35.69 -5.21
N ALA D 245 -9.68 -36.17 -4.20
CA ALA D 245 -9.30 -35.91 -2.81
C ALA D 245 -8.01 -36.63 -2.44
N LYS D 246 -7.85 -37.87 -2.91
CA LYS D 246 -6.61 -38.61 -2.65
C LYS D 246 -5.41 -37.85 -3.22
N VAL D 247 -5.57 -37.36 -4.44
CA VAL D 247 -4.51 -36.59 -5.08
C VAL D 247 -4.24 -35.29 -4.33
N ALA D 248 -5.29 -34.66 -3.81
CA ALA D 248 -5.12 -33.42 -3.03
C ALA D 248 -4.18 -33.61 -1.84
N GLY D 249 -4.24 -34.78 -1.21
CA GLY D 249 -3.39 -35.07 -0.07
C GLY D 249 -1.99 -35.50 -0.46
N GLU D 250 -1.87 -36.14 -1.62
CA GLU D 250 -0.57 -36.60 -2.11
C GLU D 250 0.26 -35.47 -2.72
N ASN D 251 -0.42 -34.63 -3.50
CA ASN D 251 0.25 -33.53 -4.19
C ASN D 251 -0.74 -32.40 -4.40
N ALA D 252 -0.68 -31.40 -3.52
CA ALA D 252 -1.54 -30.23 -3.63
C ALA D 252 -1.27 -29.43 -4.91
N ASP D 253 -0.12 -29.66 -5.52
CA ASP D 253 0.26 -28.95 -6.73
C ASP D 253 0.31 -29.86 -7.96
N TYR D 254 -0.55 -30.88 -7.95
CA TYR D 254 -0.56 -31.89 -9.01
C TYR D 254 -0.64 -31.30 -10.42
N GLN D 255 -1.53 -30.34 -10.62
CA GLN D 255 -1.72 -29.79 -11.96
C GLN D 255 -0.61 -28.83 -12.35
N ARG D 256 -0.16 -28.02 -11.39
CA ARG D 256 1.00 -27.16 -11.59
C ARG D 256 2.21 -27.99 -12.01
N GLU D 257 2.45 -29.07 -11.26
CA GLU D 257 3.59 -29.92 -11.55
C GLU D 257 3.44 -30.63 -12.90
N ASP D 258 2.24 -31.09 -13.20
CA ASP D 258 1.99 -31.75 -14.48
C ASP D 258 2.29 -30.85 -15.67
N LEU D 259 1.87 -29.59 -15.60
CA LEU D 259 2.09 -28.70 -16.74
C LEU D 259 3.58 -28.39 -16.89
N TYR D 260 4.24 -28.09 -15.78
CA TYR D 260 5.68 -27.86 -15.79
C TYR D 260 6.42 -29.04 -16.42
N ASN D 261 6.10 -30.25 -15.96
CA ASN D 261 6.76 -31.47 -16.43
C ASN D 261 6.52 -31.72 -17.91
N ALA D 262 5.28 -31.51 -18.35
CA ALA D 262 4.93 -31.76 -19.75
C ALA D 262 5.77 -30.90 -20.69
N ILE D 263 5.85 -29.61 -20.37
CA ILE D 263 6.58 -28.68 -21.21
C ILE D 263 8.08 -28.93 -21.14
N GLU D 264 8.58 -29.21 -19.95
CA GLU D 264 10.00 -29.51 -19.76
C GLU D 264 10.38 -30.72 -20.60
N ASN D 265 9.44 -31.64 -20.79
CA ASN D 265 9.69 -32.88 -21.50
C ASN D 265 9.40 -32.80 -23.00
N GLY D 266 8.94 -31.64 -23.46
CA GLY D 266 8.68 -31.45 -24.88
C GLY D 266 7.31 -31.96 -25.30
N ASP D 267 6.48 -32.33 -24.32
CA ASP D 267 5.13 -32.80 -24.58
C ASP D 267 4.16 -31.62 -24.57
N PHE D 268 4.31 -30.74 -25.57
CA PHE D 268 3.63 -29.45 -25.59
C PHE D 268 2.12 -29.62 -25.82
N PRO D 269 1.30 -29.17 -24.87
CA PRO D 269 -0.15 -29.32 -25.06
C PRO D 269 -0.70 -28.34 -26.08
N ILE D 270 -1.71 -28.78 -26.82
CA ILE D 270 -2.29 -27.98 -27.88
C ILE D 270 -3.81 -27.92 -27.71
N TRP D 271 -4.39 -26.78 -28.07
CA TRP D 271 -5.83 -26.63 -28.15
C TRP D 271 -6.21 -26.09 -29.51
N ASP D 272 -7.27 -26.64 -30.10
CA ASP D 272 -7.82 -26.07 -31.32
C ASP D 272 -8.73 -24.90 -30.97
N VAL D 273 -8.51 -23.78 -31.63
CA VAL D 273 -9.29 -22.56 -31.41
C VAL D 273 -10.44 -22.52 -32.38
N LYS D 274 -11.65 -22.52 -31.85
CA LYS D 274 -12.86 -22.50 -32.68
C LYS D 274 -13.84 -21.47 -32.15
N VAL D 275 -14.75 -21.04 -33.00
CA VAL D 275 -15.79 -20.12 -32.56
C VAL D 275 -17.16 -20.60 -32.99
N GLN D 276 -18.17 -20.26 -32.20
CA GLN D 276 -19.54 -20.26 -32.70
C GLN D 276 -19.84 -18.85 -33.20
N ILE D 277 -20.52 -18.75 -34.34
CA ILE D 277 -20.82 -17.44 -34.92
C ILE D 277 -22.31 -17.28 -35.14
N MET D 278 -22.91 -16.34 -34.43
CA MET D 278 -24.33 -16.07 -34.55
C MET D 278 -24.52 -14.75 -35.27
N PRO D 279 -25.14 -14.78 -36.45
CA PRO D 279 -25.42 -13.52 -37.15
C PRO D 279 -26.19 -12.56 -36.26
N PHE D 280 -25.91 -11.28 -36.42
CA PHE D 280 -26.51 -10.21 -35.65
C PHE D 280 -28.04 -10.31 -35.70
N GLU D 281 -28.56 -10.71 -36.87
CA GLU D 281 -30.01 -10.81 -37.07
C GLU D 281 -30.66 -12.06 -36.46
N ASP D 282 -29.86 -12.98 -35.94
CA ASP D 282 -30.38 -14.19 -35.31
C ASP D 282 -30.65 -14.02 -33.83
N ALA D 283 -30.07 -12.97 -33.24
CA ALA D 283 -30.02 -12.84 -31.78
C ALA D 283 -31.39 -12.75 -31.10
N GLU D 284 -32.25 -11.87 -31.59
CA GLU D 284 -33.53 -11.64 -30.92
C GLU D 284 -34.48 -12.81 -30.97
N ASN D 285 -34.30 -13.59 -31.89
CA ASN D 285 -35.21 -14.70 -32.11
C ASN D 285 -34.66 -16.08 -31.71
N TYR D 286 -33.49 -16.16 -31.19
CA TYR D 286 -32.96 -17.43 -30.70
C TYR D 286 -33.84 -17.94 -29.55
N ARG D 287 -33.96 -19.27 -29.43
CA ARG D 287 -34.80 -19.86 -28.39
C ARG D 287 -34.36 -19.48 -26.98
N TRP D 288 -33.07 -19.19 -26.81
CA TRP D 288 -32.55 -18.70 -25.54
C TRP D 288 -31.99 -17.30 -25.67
N ASN D 289 -31.95 -16.55 -24.58
CA ASN D 289 -31.31 -15.24 -24.62
C ASN D 289 -29.82 -15.43 -24.91
N PRO D 290 -29.32 -14.80 -25.99
CA PRO D 290 -27.96 -15.08 -26.44
C PRO D 290 -26.89 -14.37 -25.63
N PHE D 291 -27.29 -13.53 -24.69
CA PHE D 291 -26.38 -12.73 -23.88
C PHE D 291 -26.41 -13.12 -22.40
N ASP D 292 -27.24 -14.12 -22.07
CA ASP D 292 -27.34 -14.63 -20.71
C ASP D 292 -26.25 -15.67 -20.53
N LEU D 293 -25.27 -15.38 -19.68
CA LEU D 293 -24.14 -16.28 -19.46
C LEU D 293 -24.54 -17.70 -19.05
N THR D 294 -25.69 -17.82 -18.39
CA THR D 294 -26.16 -19.13 -17.93
C THR D 294 -26.79 -19.96 -19.05
N LYS D 295 -26.84 -19.40 -20.26
CA LYS D 295 -27.36 -20.09 -21.42
C LYS D 295 -26.25 -20.33 -22.44
N THR D 296 -26.00 -21.59 -22.77
CA THR D 296 -25.10 -21.91 -23.88
C THR D 296 -25.84 -21.84 -25.22
N TRP D 297 -25.11 -21.65 -26.30
CA TRP D 297 -25.69 -21.77 -27.64
C TRP D 297 -25.53 -23.21 -28.07
N SER D 298 -26.63 -23.85 -28.47
CA SER D 298 -26.52 -25.24 -28.89
C SER D 298 -25.62 -25.37 -30.11
N GLN D 299 -24.74 -26.37 -30.08
CA GLN D 299 -23.85 -26.61 -31.22
C GLN D 299 -24.58 -27.26 -32.39
N LYS D 300 -25.81 -27.68 -32.16
CA LYS D 300 -26.67 -28.12 -33.26
C LYS D 300 -27.12 -26.92 -34.07
N ASP D 301 -27.30 -25.78 -33.38
CA ASP D 301 -27.72 -24.55 -34.03
C ASP D 301 -26.51 -23.77 -34.55
N TYR D 302 -25.42 -23.75 -33.77
CA TYR D 302 -24.21 -23.01 -34.11
C TYR D 302 -23.00 -23.91 -33.94
N PRO D 303 -22.64 -24.64 -35.01
CA PRO D 303 -21.51 -25.56 -34.96
C PRO D 303 -20.19 -24.82 -34.77
N LEU D 304 -19.19 -25.51 -34.23
CA LEU D 304 -17.87 -24.91 -34.06
C LEU D 304 -17.22 -24.66 -35.41
N ILE D 305 -16.68 -23.46 -35.59
CA ILE D 305 -15.99 -23.07 -36.81
C ILE D 305 -14.50 -22.90 -36.49
N PRO D 306 -13.62 -23.60 -37.21
CA PRO D 306 -12.20 -23.56 -36.88
C PRO D 306 -11.52 -22.23 -37.21
N VAL D 307 -10.61 -21.81 -36.33
CA VAL D 307 -9.83 -20.59 -36.52
C VAL D 307 -8.34 -20.90 -36.61
N GLY D 308 -7.86 -21.71 -35.67
CA GLY D 308 -6.46 -22.08 -35.62
C GLY D 308 -6.18 -22.98 -34.42
N TYR D 309 -4.98 -22.91 -33.87
CA TYR D 309 -4.66 -23.67 -32.67
C TYR D 309 -3.68 -22.87 -31.85
N PHE D 310 -3.54 -23.22 -30.57
CA PHE D 310 -2.44 -22.69 -29.78
C PHE D 310 -1.70 -23.82 -29.08
N ILE D 311 -0.42 -23.56 -28.83
CA ILE D 311 0.49 -24.54 -28.27
C ILE D 311 1.24 -23.87 -27.12
N LEU D 312 1.42 -24.61 -26.03
CA LEU D 312 2.20 -24.12 -24.90
C LEU D 312 3.56 -24.78 -24.96
N ASN D 313 4.60 -23.98 -25.25
CA ASN D 313 5.92 -24.55 -25.45
C ASN D 313 7.03 -23.89 -24.63
N ARG D 314 6.64 -23.08 -23.64
CA ARG D 314 7.62 -22.37 -22.84
C ARG D 314 7.16 -22.25 -21.39
N ASN D 315 7.93 -22.81 -20.46
CA ASN D 315 7.66 -22.59 -19.03
C ASN D 315 8.11 -21.19 -18.65
N PRO D 316 7.51 -20.60 -17.60
CA PRO D 316 8.00 -19.29 -17.16
C PRO D 316 9.47 -19.34 -16.73
N ARG D 317 10.18 -18.22 -16.86
CA ARG D 317 11.53 -18.10 -16.32
C ARG D 317 11.46 -17.97 -14.80
N ASN D 318 10.45 -17.22 -14.32
CA ASN D 318 10.26 -16.96 -12.90
C ASN D 318 8.76 -16.89 -12.64
N PHE D 319 8.28 -17.82 -11.81
CA PHE D 319 6.86 -18.02 -11.55
C PHE D 319 6.19 -16.79 -10.93
N PHE D 320 6.77 -16.27 -9.86
CA PHE D 320 6.18 -15.11 -9.21
C PHE D 320 6.14 -13.92 -10.18
N ALA D 321 7.26 -13.65 -10.83
CA ALA D 321 7.40 -12.44 -11.61
C ALA D 321 6.50 -12.43 -12.84
N GLN D 322 6.29 -13.61 -13.43
CA GLN D 322 5.61 -13.72 -14.71
C GLN D 322 4.22 -14.33 -14.64
N ILE D 323 3.94 -15.09 -13.58
CA ILE D 323 2.63 -15.73 -13.42
C ILE D 323 1.85 -15.09 -12.28
N GLU D 324 2.43 -15.02 -11.08
CA GLU D 324 1.69 -14.39 -10.00
C GLU D 324 1.35 -12.94 -10.34
N GLN D 325 2.30 -12.26 -10.97
CA GLN D 325 2.14 -10.84 -11.32
C GLN D 325 1.48 -10.59 -12.68
N ILE D 326 1.15 -11.63 -13.45
CA ILE D 326 0.42 -11.35 -14.67
C ILE D 326 -0.94 -10.76 -14.28
N ALA D 327 -1.44 -9.82 -15.09
CA ALA D 327 -2.68 -9.14 -14.83
C ALA D 327 -3.61 -9.42 -16.00
N LEU D 328 -4.22 -10.59 -15.99
CA LEU D 328 -5.11 -10.98 -17.09
C LEU D 328 -6.47 -10.30 -16.90
N ASP D 329 -7.03 -9.78 -17.98
CA ASP D 329 -8.12 -8.81 -17.90
C ASP D 329 -8.99 -8.88 -19.15
N PRO D 330 -10.27 -9.27 -19.01
CA PRO D 330 -11.14 -9.31 -20.19
C PRO D 330 -11.35 -7.94 -20.86
N GLY D 331 -11.05 -6.85 -20.14
CA GLY D 331 -11.09 -5.51 -20.70
C GLY D 331 -9.95 -5.25 -21.67
N ASN D 332 -8.98 -6.15 -21.71
CA ASN D 332 -7.92 -6.07 -22.71
C ASN D 332 -8.42 -6.55 -24.07
N ILE D 333 -9.27 -5.72 -24.69
CA ILE D 333 -9.74 -5.99 -26.04
C ILE D 333 -8.94 -5.17 -27.05
N VAL D 334 -9.06 -5.55 -28.33
CA VAL D 334 -8.33 -4.94 -29.42
C VAL D 334 -9.30 -4.66 -30.57
N PRO D 335 -8.89 -3.84 -31.55
CA PRO D 335 -9.79 -3.59 -32.68
C PRO D 335 -10.23 -4.89 -33.35
N GLY D 336 -11.51 -4.97 -33.71
CA GLY D 336 -12.05 -6.19 -34.30
C GLY D 336 -12.79 -7.08 -33.31
N VAL D 337 -12.66 -6.75 -32.02
CA VAL D 337 -13.32 -7.49 -30.94
C VAL D 337 -14.11 -6.50 -30.09
N GLY D 338 -15.32 -6.90 -29.71
CA GLY D 338 -16.17 -6.08 -28.86
C GLY D 338 -16.88 -6.88 -27.80
N LEU D 339 -17.66 -6.18 -26.98
CA LEU D 339 -18.38 -6.80 -25.87
C LEU D 339 -19.80 -7.18 -26.28
N SER D 340 -20.71 -7.28 -25.32
CA SER D 340 -22.09 -7.65 -25.57
C SER D 340 -22.90 -7.23 -24.34
N PRO D 341 -24.25 -7.27 -24.42
CA PRO D 341 -25.10 -6.94 -23.26
C PRO D 341 -25.18 -8.06 -22.23
N ASP D 342 -24.09 -8.77 -22.01
CA ASP D 342 -23.97 -9.75 -20.93
C ASP D 342 -23.53 -8.96 -19.70
N ARG D 343 -24.39 -8.87 -18.68
CA ARG D 343 -24.10 -8.00 -17.53
C ARG D 343 -22.93 -8.49 -16.70
N MET D 344 -22.72 -9.79 -16.70
CA MET D 344 -21.55 -10.37 -16.04
C MET D 344 -20.28 -9.86 -16.72
N LEU D 345 -20.22 -10.00 -18.04
CA LEU D 345 -19.09 -9.49 -18.81
C LEU D 345 -18.86 -8.01 -18.54
N GLN D 346 -19.93 -7.22 -18.53
CA GLN D 346 -19.76 -5.78 -18.37
C GLN D 346 -19.20 -5.41 -16.98
N ALA D 347 -19.61 -6.14 -15.96
CA ALA D 347 -19.01 -5.94 -14.63
C ALA D 347 -17.53 -6.33 -14.62
N ARG D 348 -17.19 -7.43 -15.30
CA ARG D 348 -15.80 -7.88 -15.36
C ARG D 348 -14.90 -6.84 -16.02
N ILE D 349 -15.42 -6.16 -17.04
CA ILE D 349 -14.62 -5.17 -17.75
C ILE D 349 -14.11 -4.07 -16.80
N PHE D 350 -14.89 -3.75 -15.77
CA PHE D 350 -14.44 -2.88 -14.69
C PHE D 350 -13.53 -3.58 -13.67
N ALA D 351 -13.95 -4.76 -13.22
CA ALA D 351 -13.43 -5.36 -12.00
C ALA D 351 -11.96 -5.78 -11.98
N TYR D 352 -11.44 -6.25 -13.12
CA TYR D 352 -10.11 -6.88 -13.09
C TYR D 352 -9.02 -5.84 -12.92
N ALA D 353 -9.04 -4.80 -13.75
CA ALA D 353 -8.08 -3.72 -13.63
C ALA D 353 -8.19 -3.05 -12.27
N ASP D 354 -9.42 -2.91 -11.77
CA ASP D 354 -9.60 -2.36 -10.43
C ASP D 354 -8.84 -3.18 -9.37
N GLN D 355 -9.01 -4.51 -9.39
CA GLN D 355 -8.28 -5.34 -8.44
C GLN D 355 -6.76 -5.27 -8.67
N GLN D 356 -6.34 -5.28 -9.94
CA GLN D 356 -4.92 -5.29 -10.25
C GLN D 356 -4.20 -4.02 -9.79
N ARG D 357 -4.88 -2.87 -9.88
CA ARG D 357 -4.32 -1.62 -9.36
C ARG D 357 -3.96 -1.75 -7.88
N TYR D 358 -4.75 -2.52 -7.15
CA TYR D 358 -4.52 -2.76 -5.73
C TYR D 358 -3.56 -3.92 -5.47
N ARG D 359 -3.82 -5.05 -6.14
CA ARG D 359 -3.12 -6.30 -5.88
C ARG D 359 -1.64 -6.20 -6.27
N ILE D 360 -1.37 -5.50 -7.36
CA ILE D 360 -0.03 -5.34 -7.89
C ILE D 360 0.45 -3.91 -7.65
N GLY D 361 -0.28 -2.93 -8.15
CA GLY D 361 0.11 -1.54 -8.01
C GLY D 361 -0.39 -0.69 -9.15
N ALA D 362 -0.38 0.63 -8.95
CA ALA D 362 -0.88 1.54 -9.97
C ALA D 362 -0.19 1.34 -11.31
N ASN D 363 1.09 0.98 -11.28
CA ASN D 363 1.89 0.84 -12.49
C ASN D 363 2.10 -0.59 -12.96
N TYR D 364 1.18 -1.47 -12.57
CA TYR D 364 1.27 -2.88 -12.94
C TYR D 364 1.41 -3.12 -14.44
N ARG D 365 0.88 -2.21 -15.26
CA ARG D 365 0.91 -2.37 -16.70
C ARG D 365 2.32 -2.31 -17.25
N ASP D 366 3.25 -1.76 -16.45
CA ASP D 366 4.62 -1.58 -16.90
C ASP D 366 5.51 -2.79 -16.61
N LEU D 367 5.02 -3.73 -15.81
CA LEU D 367 5.81 -4.94 -15.53
C LEU D 367 6.03 -5.71 -16.83
N PRO D 368 7.22 -6.33 -16.98
CA PRO D 368 7.58 -7.05 -18.20
C PRO D 368 6.47 -7.92 -18.79
N VAL D 369 5.81 -8.74 -17.98
CA VAL D 369 4.80 -9.64 -18.52
C VAL D 369 3.50 -8.93 -18.94
N ASN D 370 3.28 -7.72 -18.43
CA ASN D 370 2.06 -6.98 -18.76
C ASN D 370 2.18 -5.95 -19.88
N ARG D 371 3.40 -5.65 -20.30
CA ARG D 371 3.61 -4.67 -21.37
C ARG D 371 3.30 -5.30 -22.71
N PRO D 372 2.64 -4.55 -23.60
CA PRO D 372 2.44 -5.09 -24.95
C PRO D 372 3.73 -5.06 -25.77
N ILE D 373 3.68 -5.58 -26.98
CA ILE D 373 4.85 -5.54 -27.84
C ILE D 373 5.04 -4.17 -28.50
N ASN D 374 3.93 -3.45 -28.69
CA ASN D 374 3.99 -2.11 -29.26
C ASN D 374 4.19 -1.05 -28.17
N GLU D 375 4.69 0.12 -28.54
CA GLU D 375 4.90 1.18 -27.55
C GLU D 375 3.55 1.73 -27.08
N VAL D 376 3.46 2.00 -25.78
CA VAL D 376 2.26 2.60 -25.22
C VAL D 376 2.40 4.11 -25.27
N ASN D 377 1.44 4.78 -25.91
CA ASN D 377 1.42 6.24 -25.99
C ASN D 377 0.30 6.77 -25.12
N THR D 378 0.63 7.16 -23.89
CA THR D 378 -0.36 7.54 -22.90
C THR D 378 0.00 8.85 -22.21
N TYR D 379 -1.03 9.58 -21.77
CA TYR D 379 -0.83 10.77 -20.94
C TYR D 379 -0.80 10.47 -19.44
N SER D 380 -1.05 9.21 -19.07
CA SER D 380 -0.91 8.79 -17.68
C SER D 380 0.55 8.95 -17.26
N ARG D 381 0.73 9.27 -15.98
CA ARG D 381 2.05 9.55 -15.46
C ARG D 381 2.13 9.22 -13.97
N GLU D 382 3.36 9.21 -13.47
CA GLU D 382 3.61 9.09 -12.02
C GLU D 382 3.02 7.82 -11.43
N GLY D 383 2.58 7.87 -10.18
CA GLY D 383 2.19 6.67 -9.47
C GLY D 383 3.37 5.93 -8.85
N SER D 384 3.08 5.11 -7.84
CA SER D 384 4.10 4.30 -7.16
CA SER D 384 4.10 4.32 -7.16
C SER D 384 4.92 3.47 -8.14
N MET D 385 6.22 3.39 -7.90
CA MET D 385 7.09 2.49 -8.66
C MET D 385 6.98 2.73 -10.16
N GLN D 386 7.08 3.99 -10.57
CA GLN D 386 7.10 4.30 -12.00
C GLN D 386 8.47 3.93 -12.59
N TYR D 387 8.50 2.85 -13.36
CA TYR D 387 9.71 2.37 -14.01
CA TYR D 387 9.75 2.44 -14.00
C TYR D 387 9.89 3.12 -15.35
N ILE D 388 8.82 3.14 -16.13
CA ILE D 388 8.86 3.67 -17.49
C ILE D 388 8.27 5.07 -17.53
N PHE D 389 8.95 5.98 -18.22
CA PHE D 389 8.45 7.34 -18.37
C PHE D 389 8.62 7.84 -19.80
N ASP D 390 7.82 8.83 -20.16
CA ASP D 390 7.84 9.36 -21.52
C ASP D 390 9.12 10.10 -21.85
N ALA D 391 9.39 10.24 -23.15
CA ALA D 391 10.50 11.05 -23.65
C ALA D 391 10.52 12.42 -22.97
N GLU D 392 11.74 12.88 -22.68
CA GLU D 392 11.96 14.12 -21.95
C GLU D 392 11.14 15.27 -22.51
N GLY D 393 10.35 15.90 -21.65
CA GLY D 393 9.63 17.12 -22.00
C GLY D 393 8.36 16.96 -22.81
N GLU D 394 7.96 15.72 -23.10
CA GLU D 394 6.72 15.50 -23.82
C GLU D 394 5.53 15.98 -22.99
N PRO D 395 4.45 16.41 -23.66
CA PRO D 395 3.35 17.03 -22.92
C PRO D 395 2.56 16.03 -22.07
N SER D 396 1.94 16.55 -21.02
CA SER D 396 1.21 15.74 -20.06
C SER D 396 -0.30 15.82 -20.27
N TYR D 397 -0.74 16.59 -21.27
CA TYR D 397 -2.15 16.90 -21.44
C TYR D 397 -2.46 16.92 -22.92
N SER D 398 -3.69 16.56 -23.30
CA SER D 398 -4.18 16.83 -24.65
C SER D 398 -5.56 17.47 -24.56
N PRO D 399 -5.92 18.32 -25.52
CA PRO D 399 -5.14 18.74 -26.70
C PRO D 399 -3.96 19.64 -26.34
N ASN D 400 -2.88 19.54 -27.12
CA ASN D 400 -1.70 20.35 -26.90
C ASN D 400 -1.12 20.81 -28.23
N ARG D 401 -0.17 21.73 -28.17
CA ARG D 401 0.44 22.29 -29.37
C ARG D 401 1.61 21.48 -29.95
N TYR D 402 1.86 20.32 -29.37
CA TYR D 402 2.95 19.46 -29.81
C TYR D 402 2.46 18.25 -30.63
N ASP D 403 3.18 17.13 -30.57
CA ASP D 403 3.00 16.04 -31.54
C ASP D 403 2.56 14.70 -30.97
N LYS D 404 2.52 14.60 -29.64
CA LYS D 404 2.24 13.32 -28.99
C LYS D 404 0.88 12.74 -29.41
N GLY D 405 -0.12 13.61 -29.59
CA GLY D 405 -1.37 13.20 -30.21
C GLY D 405 -2.53 12.99 -29.27
N ALA D 406 -3.64 12.54 -29.84
CA ALA D 406 -4.87 12.27 -29.09
C ALA D 406 -5.53 11.02 -29.66
N GLY D 407 -6.85 10.87 -29.46
CA GLY D 407 -7.53 9.67 -29.93
C GLY D 407 -7.70 9.66 -31.43
N TYR D 408 -7.94 8.48 -32.01
CA TYR D 408 -8.05 8.39 -33.47
C TYR D 408 -9.29 9.08 -34.01
N LEU D 409 -10.29 9.31 -33.15
CA LEU D 409 -11.48 10.07 -33.55
C LEU D 409 -11.26 11.56 -33.44
N ASP D 410 -10.28 11.97 -32.65
CA ASP D 410 -10.03 13.38 -32.36
C ASP D 410 -9.18 14.00 -33.47
N ASN D 411 -9.07 15.33 -33.50
CA ASN D 411 -8.26 16.00 -34.53
C ASN D 411 -6.82 16.29 -34.10
N GLY D 412 -6.52 16.06 -32.82
CA GLY D 412 -5.19 16.28 -32.28
C GLY D 412 -4.87 17.73 -31.97
N THR D 413 -5.82 18.63 -32.21
CA THR D 413 -5.55 20.05 -31.97
C THR D 413 -6.51 20.71 -30.97
N ASP D 414 -7.72 20.17 -30.83
CA ASP D 414 -8.66 20.77 -29.89
C ASP D 414 -9.48 19.73 -29.12
N SER D 415 -10.39 20.22 -28.30
CA SER D 415 -11.16 19.40 -27.37
C SER D 415 -12.44 18.81 -27.93
N SER D 416 -12.67 18.94 -29.25
CA SER D 416 -13.91 18.43 -29.88
C SER D 416 -15.16 19.11 -29.32
N SER D 417 -15.07 20.42 -29.09
CA SER D 417 -16.26 21.19 -28.71
C SER D 417 -17.01 21.57 -30.00
N ASN D 418 -17.81 22.64 -29.96
CA ASN D 418 -18.59 23.05 -31.14
C ASN D 418 -19.53 21.92 -31.59
N HIS D 419 -19.98 21.32 -30.81
CA HIS D 419 -20.88 20.18 -30.90
C HIS D 419 -20.43 19.11 -31.88
N THR D 420 -19.27 18.63 -31.67
CA THR D 420 -18.70 17.51 -32.41
C THR D 420 -19.28 16.19 -31.89
N SER D 421 -19.71 15.35 -32.81
CA SER D 421 -20.15 13.98 -32.49
C SER D 421 -19.37 12.95 -33.31
N TYR D 422 -19.15 11.78 -32.72
CA TYR D 422 -18.43 10.71 -33.40
C TYR D 422 -19.31 9.52 -33.77
N GLY D 423 -20.50 9.45 -33.18
CA GLY D 423 -21.42 8.36 -33.48
C GLY D 423 -21.20 7.09 -32.69
N GLN D 424 -21.65 5.97 -33.26
CA GLN D 424 -21.73 4.71 -32.54
C GLN D 424 -20.36 4.19 -32.09
N ALA D 425 -20.29 3.82 -30.81
CA ALA D 425 -19.05 3.36 -30.19
C ALA D 425 -18.82 1.89 -30.48
N ASP D 426 -18.57 1.57 -31.75
CA ASP D 426 -18.43 0.18 -32.19
C ASP D 426 -17.23 -0.53 -31.55
N ASP D 427 -16.23 0.24 -31.14
CA ASP D 427 -15.05 -0.31 -30.46
C ASP D 427 -15.41 -0.90 -29.10
N ILE D 428 -16.52 -0.47 -28.51
CA ILE D 428 -17.05 -1.08 -27.30
C ILE D 428 -17.89 -2.28 -27.74
N TYR D 429 -19.00 -2.02 -28.42
CA TYR D 429 -19.69 -3.01 -29.27
C TYR D 429 -20.77 -2.31 -30.07
N VAL D 430 -21.12 -2.89 -31.21
CA VAL D 430 -22.30 -2.45 -31.94
C VAL D 430 -23.47 -3.03 -31.16
N ASN D 431 -24.24 -2.17 -30.50
CA ASN D 431 -25.29 -2.65 -29.62
C ASN D 431 -26.54 -3.13 -30.35
N PRO D 432 -27.24 -4.12 -29.78
CA PRO D 432 -28.57 -4.49 -30.28
C PRO D 432 -29.58 -3.51 -29.69
N ASP D 433 -30.87 -3.74 -29.89
CA ASP D 433 -31.85 -2.86 -29.28
C ASP D 433 -31.77 -2.97 -27.75
N PRO D 434 -31.86 -1.84 -27.04
CA PRO D 434 -31.81 -1.90 -25.56
C PRO D 434 -33.15 -2.30 -24.94
N HIS D 435 -34.22 -2.33 -25.73
CA HIS D 435 -35.57 -2.71 -25.27
C HIS D 435 -36.15 -1.77 -24.22
N GLY D 436 -35.67 -0.52 -24.21
CA GLY D 436 -36.22 0.48 -23.32
C GLY D 436 -35.43 1.77 -23.40
N THR D 437 -35.99 2.84 -22.84
CA THR D 437 -35.38 4.17 -22.92
C THR D 437 -34.93 4.71 -21.56
N ASP D 438 -35.10 3.92 -20.50
CA ASP D 438 -34.82 4.41 -19.14
C ASP D 438 -33.74 3.61 -18.42
N LEU D 439 -33.08 4.27 -17.46
CA LEU D 439 -32.24 3.55 -16.49
C LEU D 439 -33.18 2.69 -15.66
N VAL D 440 -32.92 1.39 -15.66
CA VAL D 440 -33.80 0.42 -15.01
C VAL D 440 -32.99 -0.66 -14.30
N ARG D 441 -33.66 -1.38 -13.40
CA ARG D 441 -33.19 -2.67 -12.94
C ARG D 441 -34.22 -3.68 -13.44
N ALA D 442 -33.84 -4.47 -14.45
CA ALA D 442 -34.80 -5.27 -15.20
C ALA D 442 -34.29 -6.67 -15.45
N ALA D 443 -35.22 -7.59 -15.74
CA ALA D 443 -34.84 -8.91 -16.21
C ALA D 443 -34.19 -8.81 -17.59
N TYR D 444 -33.46 -9.85 -17.97
CA TYR D 444 -33.03 -9.97 -19.36
C TYR D 444 -34.28 -10.14 -20.22
N VAL D 445 -34.18 -9.76 -21.49
CA VAL D 445 -35.25 -10.01 -22.43
C VAL D 445 -35.58 -11.50 -22.41
N LYS D 446 -36.87 -11.83 -22.29
CA LYS D 446 -37.27 -13.22 -22.12
C LYS D 446 -37.50 -13.90 -23.47
N HIS D 447 -36.65 -14.87 -23.78
CA HIS D 447 -36.79 -15.68 -24.98
C HIS D 447 -37.63 -16.91 -24.66
N GLN D 448 -38.09 -17.60 -25.70
CA GLN D 448 -39.08 -18.66 -25.55
C GLN D 448 -38.76 -19.73 -24.51
N ASP D 449 -37.52 -20.20 -24.51
CA ASP D 449 -37.15 -21.32 -23.65
C ASP D 449 -36.29 -20.90 -22.46
N ASP D 450 -36.27 -19.62 -22.14
CA ASP D 450 -35.50 -19.12 -21.00
C ASP D 450 -36.12 -19.51 -19.65
N ASP D 451 -35.39 -20.32 -18.88
CA ASP D 451 -35.66 -20.53 -17.47
C ASP D 451 -34.34 -20.91 -16.83
N ASP D 452 -34.34 -21.24 -15.54
CA ASP D 452 -33.09 -21.55 -14.86
C ASP D 452 -32.67 -23.02 -14.94
N PHE D 453 -33.54 -23.87 -15.47
CA PHE D 453 -33.37 -25.32 -15.30
C PHE D 453 -33.33 -26.15 -16.58
N ILE D 454 -33.83 -25.62 -17.69
CA ILE D 454 -33.96 -26.43 -18.90
C ILE D 454 -32.62 -26.91 -19.46
N GLN D 455 -31.60 -26.05 -19.47
CA GLN D 455 -30.32 -26.48 -20.03
C GLN D 455 -29.61 -27.59 -19.24
N PRO D 456 -29.51 -27.48 -17.91
CA PRO D 456 -28.93 -28.64 -17.21
C PRO D 456 -29.82 -29.88 -17.29
N GLY D 457 -31.13 -29.68 -17.40
CA GLY D 457 -32.04 -30.79 -17.61
C GLY D 457 -31.76 -31.51 -18.92
N ILE D 458 -31.52 -30.75 -19.98
CA ILE D 458 -31.17 -31.30 -21.27
C ILE D 458 -29.84 -32.06 -21.21
N LEU D 459 -28.85 -31.47 -20.54
CA LEU D 459 -27.59 -32.16 -20.28
C LEU D 459 -27.84 -33.52 -19.65
N TYR D 460 -28.62 -33.54 -18.57
CA TYR D 460 -28.93 -34.77 -17.86
C TYR D 460 -29.70 -35.78 -18.73
N ARG D 461 -30.73 -35.30 -19.42
CA ARG D 461 -31.66 -36.19 -20.11
C ARG D 461 -31.21 -36.65 -21.49
N GLU D 462 -30.37 -35.87 -22.14
CA GLU D 462 -30.04 -36.12 -23.55
C GLU D 462 -28.56 -36.30 -23.84
N VAL D 463 -27.71 -35.95 -22.88
CA VAL D 463 -26.27 -35.94 -23.12
C VAL D 463 -25.48 -36.92 -22.24
N LEU D 464 -25.67 -36.85 -20.93
CA LEU D 464 -24.93 -37.72 -20.01
C LEU D 464 -25.26 -39.19 -20.23
N ASP D 465 -24.25 -40.06 -20.12
CA ASP D 465 -24.50 -41.50 -20.14
C ASP D 465 -24.89 -41.96 -18.74
N GLU D 466 -25.24 -43.24 -18.59
CA GLU D 466 -25.78 -43.72 -17.32
C GLU D 466 -24.75 -43.61 -16.17
N GLY D 467 -23.49 -43.91 -16.45
CA GLY D 467 -22.44 -43.77 -15.46
C GLY D 467 -22.26 -42.31 -15.04
N GLU D 468 -22.29 -41.41 -16.02
CA GLU D 468 -22.20 -39.97 -15.73
C GLU D 468 -23.36 -39.50 -14.87
N LYS D 469 -24.56 -39.96 -15.18
CA LYS D 469 -25.75 -39.58 -14.42
C LYS D 469 -25.65 -40.04 -12.97
N GLU D 470 -25.18 -41.27 -12.77
CA GLU D 470 -25.05 -41.82 -11.43
C GLU D 470 -23.94 -41.13 -10.62
N ARG D 471 -22.78 -40.91 -11.24
CA ARG D 471 -21.69 -40.23 -10.56
C ARG D 471 -22.09 -38.81 -10.19
N LEU D 472 -22.88 -38.17 -11.06
CA LEU D 472 -23.39 -36.83 -10.79
C LEU D 472 -24.22 -36.83 -9.50
N ALA D 473 -25.17 -37.75 -9.40
CA ALA D 473 -25.97 -37.86 -8.20
C ALA D 473 -25.11 -38.20 -6.98
N ASP D 474 -24.11 -39.06 -7.18
CA ASP D 474 -23.23 -39.44 -6.08
C ASP D 474 -22.39 -38.26 -5.62
N ASN D 475 -21.86 -37.47 -6.58
CA ASN D 475 -21.05 -36.31 -6.24
C ASN D 475 -21.87 -35.24 -5.50
N ILE D 476 -23.07 -34.97 -6.01
CA ILE D 476 -23.98 -34.01 -5.37
C ILE D 476 -24.26 -34.42 -3.94
N SER D 477 -24.63 -35.69 -3.75
CA SER D 477 -25.00 -36.14 -2.41
C SER D 477 -23.80 -36.10 -1.45
N ASN D 478 -22.59 -36.32 -1.97
CA ASN D 478 -21.39 -36.12 -1.17
C ASN D 478 -21.22 -34.67 -0.75
N ALA D 479 -21.40 -33.76 -1.71
CA ALA D 479 -21.22 -32.33 -1.47
C ALA D 479 -22.29 -31.77 -0.53
N MET D 480 -23.40 -32.49 -0.38
CA MET D 480 -24.47 -32.07 0.50
C MET D 480 -24.20 -32.40 1.95
N GLN D 481 -23.24 -33.29 2.22
CA GLN D 481 -23.00 -33.70 3.60
C GLN D 481 -22.62 -32.49 4.45
N GLY D 482 -23.37 -32.25 5.52
CA GLY D 482 -23.10 -31.11 6.36
C GLY D 482 -24.11 -29.98 6.28
N ILE D 483 -24.98 -30.01 5.28
CA ILE D 483 -26.02 -28.99 5.21
C ILE D 483 -27.00 -29.16 6.37
N SER D 484 -27.64 -28.07 6.75
CA SER D 484 -28.57 -28.07 7.87
CA SER D 484 -28.59 -28.04 7.86
C SER D 484 -29.92 -28.67 7.46
N GLU D 485 -30.71 -29.04 8.46
CA GLU D 485 -32.06 -29.55 8.18
C GLU D 485 -32.90 -28.47 7.51
N ALA D 486 -32.53 -27.21 7.74
CA ALA D 486 -33.25 -26.08 7.14
C ALA D 486 -33.05 -26.02 5.62
N THR D 487 -31.93 -26.61 5.17
CA THR D 487 -31.49 -26.50 3.78
C THR D 487 -31.84 -27.73 2.96
N GLU D 488 -31.96 -28.88 3.63
CA GLU D 488 -32.25 -30.13 2.94
C GLU D 488 -33.42 -30.06 1.96
N PRO D 489 -34.62 -29.63 2.41
CA PRO D 489 -35.70 -29.68 1.42
C PRO D 489 -35.53 -28.70 0.27
N ARG D 490 -34.84 -27.59 0.49
CA ARG D 490 -34.55 -26.64 -0.59
C ARG D 490 -33.65 -27.29 -1.66
N VAL D 491 -32.68 -28.08 -1.21
CA VAL D 491 -31.80 -28.77 -2.15
C VAL D 491 -32.55 -29.88 -2.90
N TYR D 492 -33.41 -30.63 -2.21
CA TYR D 492 -34.18 -31.67 -2.90
C TYR D 492 -34.98 -31.04 -4.05
N ASP D 493 -35.57 -29.87 -3.78
CA ASP D 493 -36.44 -29.22 -4.75
C ASP D 493 -35.65 -28.68 -5.95
N TYR D 494 -34.51 -28.07 -5.67
CA TYR D 494 -33.60 -27.56 -6.69
C TYR D 494 -33.26 -28.66 -7.70
N TRP D 495 -32.88 -29.84 -7.21
CA TRP D 495 -32.50 -30.91 -8.11
C TRP D 495 -33.70 -31.48 -8.87
N ASN D 496 -34.87 -31.51 -8.23
CA ASN D 496 -36.08 -31.89 -8.95
C ASN D 496 -36.39 -30.95 -10.10
N ASN D 497 -36.11 -29.66 -9.91
CA ASN D 497 -36.31 -28.68 -10.96
C ASN D 497 -35.41 -28.95 -12.17
N VAL D 498 -34.19 -29.43 -11.92
CA VAL D 498 -33.31 -29.82 -13.01
C VAL D 498 -33.90 -31.02 -13.74
N ASP D 499 -34.20 -32.07 -12.99
CA ASP D 499 -34.80 -33.28 -13.54
C ASP D 499 -35.36 -34.13 -12.40
N GLU D 500 -36.58 -34.63 -12.57
CA GLU D 500 -37.25 -35.38 -11.51
C GLU D 500 -36.49 -36.66 -11.11
N ASN D 501 -35.91 -37.34 -12.08
CA ASN D 501 -35.17 -38.57 -11.78
C ASN D 501 -33.82 -38.30 -11.11
N LEU D 502 -33.12 -37.26 -11.58
CA LEU D 502 -31.91 -36.81 -10.90
C LEU D 502 -32.23 -36.44 -9.46
N GLY D 503 -33.29 -35.64 -9.28
CA GLY D 503 -33.69 -35.21 -7.94
C GLY D 503 -34.00 -36.38 -7.02
N ALA D 504 -34.71 -37.37 -7.54
CA ALA D 504 -35.05 -38.53 -6.72
C ALA D 504 -33.79 -39.30 -6.29
N ARG D 505 -32.85 -39.45 -7.21
CA ARG D 505 -31.64 -40.18 -6.92
C ARG D 505 -30.75 -39.41 -5.94
N VAL D 506 -30.68 -38.10 -6.10
CA VAL D 506 -29.90 -37.28 -5.18
C VAL D 506 -30.41 -37.44 -3.75
N LYS D 507 -31.73 -37.33 -3.56
CA LYS D 507 -32.30 -37.48 -2.24
C LYS D 507 -32.03 -38.88 -1.66
N GLU D 508 -32.21 -39.91 -2.49
CA GLU D 508 -31.99 -41.29 -2.08
C GLU D 508 -30.54 -41.50 -1.59
N LEU D 509 -29.57 -41.07 -2.39
CA LEU D 509 -28.16 -41.24 -2.01
C LEU D 509 -27.78 -40.38 -0.80
N TYR D 510 -28.29 -39.16 -0.76
CA TYR D 510 -28.04 -38.27 0.38
C TYR D 510 -28.50 -38.90 1.68
N LEU D 511 -29.72 -39.41 1.69
CA LEU D 511 -30.26 -40.03 2.90
C LEU D 511 -29.53 -41.32 3.30
N GLN D 512 -29.03 -42.06 2.31
CA GLN D 512 -28.23 -43.26 2.57
C GLN D 512 -26.94 -42.90 3.28
N LYS D 513 -26.32 -41.81 2.84
CA LYS D 513 -25.01 -41.41 3.36
C LYS D 513 -25.10 -40.68 4.69
N LYS D 514 -26.18 -39.93 4.87
CA LYS D 514 -26.39 -39.22 6.12
C LYS D 514 -26.81 -40.23 7.17
N ALA D 515 -26.21 -40.13 8.35
CA ALA D 515 -26.66 -40.86 9.53
C ALA D 515 -27.00 -42.33 9.25
CHA HEM E . -11.36 16.51 -5.10
CHB HEM E . -12.28 14.03 -9.17
CHC HEM E . -14.64 17.89 -10.90
CHD HEM E . -14.96 19.55 -6.40
C1A HEM E . -11.39 15.52 -6.05
C2A HEM E . -10.80 14.20 -5.92
C3A HEM E . -11.08 13.51 -7.04
C4A HEM E . -11.83 14.38 -7.92
CMA HEM E . -10.70 12.07 -7.39
CAA HEM E . -10.03 13.69 -4.67
CBA HEM E . -11.01 13.11 -3.67
CGA HEM E . -10.33 12.43 -2.52
O1A HEM E . -10.87 12.55 -1.38
O2A HEM E . -9.28 11.76 -2.69
C1B HEM E . -12.97 14.86 -10.02
C2B HEM E . -13.37 14.55 -11.38
C3B HEM E . -14.01 15.64 -11.86
C4B HEM E . -14.04 16.63 -10.81
CMB HEM E . -13.06 13.22 -12.08
CAB HEM E . -14.66 15.88 -13.24
CBB HEM E . -15.15 14.88 -13.97
C1C HEM E . -15.09 18.59 -9.81
C2C HEM E . -16.21 19.53 -9.74
C3C HEM E . -16.28 19.97 -8.48
C4C HEM E . -15.23 19.33 -7.72
CMC HEM E . -17.10 19.92 -10.94
CAC HEM E . -17.28 20.95 -7.82
CBC HEM E . -18.55 21.08 -8.26
C1D HEM E . -13.97 18.93 -5.68
C2D HEM E . -13.67 19.28 -4.33
C3D HEM E . -12.56 18.35 -3.91
C4D HEM E . -12.30 17.51 -5.05
CMD HEM E . -14.32 20.38 -3.49
CAD HEM E . -11.91 18.33 -2.54
CBD HEM E . -12.85 17.61 -1.58
CGD HEM E . -12.19 17.71 -0.23
O1D HEM E . -11.79 16.66 0.34
O2D HEM E . -12.05 18.85 0.28
NA HEM E . -12.01 15.60 -7.29
NB HEM E . -13.40 16.13 -9.71
NC HEM E . -14.53 18.49 -8.54
ND HEM E . -13.14 17.88 -6.08
FE HEM E . -13.24 17.07 -7.92
N NO F . -11.98 18.05 -8.51
O NO F . -11.54 18.79 -9.22
CL CL G . 6.40 -0.89 4.88
PA NDP H . -27.86 37.64 -12.39
O1A NDP H . -27.69 39.12 -12.48
O2A NDP H . -29.17 37.24 -11.84
O5B NDP H . -26.67 37.06 -11.48
C5B NDP H . -25.35 37.46 -11.70
C4B NDP H . -24.49 36.68 -10.71
O4B NDP H . -23.13 37.01 -10.92
C3B NDP H . -24.85 37.03 -9.26
O3B NDP H . -24.90 35.85 -8.48
C2B NDP H . -23.71 37.94 -8.87
O2B NDP H . -23.45 38.02 -7.47
C1B NDP H . -22.57 37.31 -9.66
N9A NDP H . -21.35 38.16 -9.70
C8A NDP H . -21.24 39.48 -9.36
N7A NDP H . -19.95 39.86 -9.50
C5A NDP H . -19.23 38.80 -9.93
C6A NDP H . -17.88 38.64 -10.24
N6A NDP H . -16.99 39.53 -9.82
N1A NDP H . -17.45 37.41 -10.68
C2A NDP H . -18.31 36.35 -10.79
N3A NDP H . -19.66 36.52 -10.48
C4A NDP H . -20.11 37.72 -10.06
O3 NDP H . -27.59 37.02 -13.87
PN NDP H . -27.65 35.45 -14.25
O1N NDP H . -28.01 34.63 -13.05
O2N NDP H . -28.46 35.36 -15.48
O5D NDP H . -26.14 35.12 -14.65
C5D NDP H . -25.38 36.03 -15.42
C4D NDP H . -23.91 35.65 -15.36
O4D NDP H . -23.48 35.74 -14.01
C3D NDP H . -23.70 34.21 -15.80
O3D NDP H . -23.42 34.13 -17.19
C2D NDP H . -22.54 33.76 -14.93
O2D NDP H . -21.34 34.00 -15.59
C1D NDP H . -22.58 34.68 -13.71
N1N NDP H . -23.03 33.97 -12.50
C2N NDP H . -24.15 33.19 -12.57
C3N NDP H . -24.64 32.49 -11.47
C7N NDP H . -25.87 31.65 -11.66
O7N NDP H . -26.02 30.52 -10.86
N7N NDP H . -26.76 31.97 -12.59
C4N NDP H . -23.98 32.55 -10.12
C5N NDP H . -22.76 33.43 -10.14
C6N NDP H . -22.35 34.09 -11.31
P2B NDP H . -24.10 39.20 -6.57
O1X NDP H . -23.70 40.52 -7.20
O2X NDP H . -25.60 39.02 -6.57
O3X NDP H . -23.53 39.04 -5.18
CHA HEM I . 5.98 -15.69 12.15
CHB HEM I . 10.43 -13.86 11.62
CHC HEM I . 12.21 -17.64 14.01
CHD HEM I . 7.81 -18.49 15.71
C1A HEM I . 7.00 -14.85 11.78
C2A HEM I . 6.88 -13.59 11.07
C3A HEM I . 8.12 -13.09 10.94
C4A HEM I . 9.06 -14.01 11.54
CMA HEM I . 8.53 -11.77 10.27
CAA HEM I . 5.55 -12.98 10.58
CBA HEM I . 4.97 -12.10 11.68
CGA HEM I . 3.74 -11.36 11.21
O1A HEM I . 2.78 -11.24 12.03
O2A HEM I . 3.68 -10.90 10.04
C1B HEM I . 11.32 -14.73 12.19
C2B HEM I . 12.76 -14.60 12.18
C3B HEM I . 13.27 -15.67 12.82
C4B HEM I . 12.14 -16.48 13.28
CMB HEM I . 13.52 -13.44 11.50
CAB HEM I . 14.73 -16.04 13.13
CBB HEM I . 15.70 -15.12 13.21
C1C HEM I . 11.20 -18.11 14.82
C2C HEM I . 11.34 -18.89 16.02
C3C HEM I . 10.09 -19.13 16.48
C4C HEM I . 9.17 -18.47 15.59
CMC HEM I . 12.69 -19.38 16.60
CAC HEM I . 9.63 -19.86 17.76
CBC HEM I . 10.39 -19.91 18.86
C1D HEM I . 6.92 -17.88 14.86
C2D HEM I . 5.49 -18.04 14.98
C3D HEM I . 4.91 -17.16 13.88
C4D HEM I . 6.03 -16.56 13.21
CMD HEM I . 4.70 -18.88 15.98
CAD HEM I . 3.42 -16.99 13.61
CBD HEM I . 2.85 -16.06 14.68
CGD HEM I . 1.37 -15.99 14.43
O1D HEM I . 0.90 -14.90 14.02
O2D HEM I . 0.69 -17.03 14.60
NA HEM I . 8.34 -15.08 12.07
NB HEM I . 10.97 -15.88 12.87
NC HEM I . 9.86 -17.85 14.59
ND HEM I . 7.21 -17.01 13.81
FE HEM I . 9.09 -16.49 13.32
PA NDP J . 14.72 -35.87 29.14
O1A NDP J . 14.61 -37.35 29.15
O2A NDP J . 14.55 -35.26 30.49
O5B NDP J . 13.62 -35.27 28.14
C5B NDP J . 13.42 -35.82 26.86
C4B NDP J . 12.33 -35.01 26.18
O4B NDP J . 12.10 -35.53 24.87
C3B NDP J . 11.02 -35.06 26.95
O3B NDP J . 10.46 -33.77 27.04
C2B NDP J . 10.18 -35.99 26.07
O2B NDP J . 8.80 -35.84 26.21
C1B NDP J . 10.71 -35.65 24.68
N9A NDP J . 10.31 -36.64 23.66
C8A NDP J . 9.83 -37.92 23.85
N7A NDP J . 9.59 -38.46 22.63
C5A NDP J . 9.92 -37.56 21.67
C6A NDP J . 9.88 -37.60 20.29
N6A NDP J . 9.28 -38.61 19.65
N1A NDP J . 10.29 -36.50 19.57
C2A NDP J . 10.73 -35.36 20.22
N3A NDP J . 10.78 -35.33 21.61
C4A NDP J . 10.37 -36.41 22.32
O3 NDP J . 16.16 -35.50 28.47
PN NDP J . 16.72 -34.01 28.20
O1N NDP J . 15.79 -32.98 28.73
O2N NDP J . 18.14 -34.05 28.65
O5D NDP J . 16.77 -33.92 26.59
C5D NDP J . 17.11 -35.06 25.82
C4D NDP J . 16.71 -34.86 24.37
O4D NDP J . 15.30 -34.76 24.25
C3D NDP J . 17.29 -33.57 23.82
O3D NDP J . 18.54 -33.79 23.17
C2D NDP J . 16.21 -33.06 22.87
O2D NDP J . 16.51 -33.48 21.56
C1D NDP J . 14.94 -33.75 23.31
N1N NDP J . 14.01 -32.79 23.93
C2N NDP J . 14.48 -31.92 24.87
C3N NDP J . 13.66 -31.03 25.54
C7N NDP J . 14.30 -30.13 26.55
O7N NDP J . 13.75 -28.86 26.79
N7N NDP J . 15.39 -30.55 27.21
C4N NDP J . 12.17 -30.95 25.26
C5N NDP J . 11.76 -31.94 24.20
C6N NDP J . 12.68 -32.80 23.59
P2B NDP J . 7.99 -36.81 27.22
O1X NDP J . 6.51 -36.53 27.01
O2X NDP J . 8.31 -38.25 26.93
O3X NDP J . 8.37 -36.46 28.64
CL CL K . -6.30 0.82 -4.91
C1 BTB L . -8.69 4.46 23.26
O1 BTB L . -7.95 5.53 23.78
C2 BTB L . -10.05 4.96 22.90
C3 BTB L . -10.81 5.45 24.10
O3 BTB L . -10.22 5.02 25.28
C4 BTB L . -9.93 6.10 21.94
O4 BTB L . -11.22 6.61 21.72
N BTB L . -10.85 3.89 22.29
C5 BTB L . -10.29 3.42 21.04
C6 BTB L . -11.37 3.47 20.00
O6 BTB L . -10.85 3.08 18.76
C7 BTB L . -11.07 2.78 23.21
C8 BTB L . -12.36 2.08 22.89
O8 BTB L . -13.42 3.00 22.96
C1 BTB M . -20.30 0.34 15.00
O1 BTB M . -21.12 -0.71 14.59
C2 BTB M . -19.63 -0.03 16.30
C3 BTB M . -20.62 -0.22 17.41
O3 BTB M . -21.92 0.01 16.99
C4 BTB M . -18.86 -1.30 16.12
O4 BTB M . -18.28 -1.65 17.33
N BTB M . -18.72 1.05 16.72
C5 BTB M . -19.45 2.28 16.97
C6 BTB M . -18.77 3.05 18.07
O6 BTB M . -18.62 2.24 19.20
C7 BTB M . -17.64 1.25 15.78
C8 BTB M . -16.35 0.99 16.49
O8 BTB M . -15.25 1.24 15.65
N NO N . 9.04 -17.69 12.12
O NO N . 9.55 -18.54 11.64
CHA HEM O . 15.76 12.71 4.52
CHB HEM O . 15.95 10.25 8.68
CHC HEM O . 19.35 13.30 10.26
CHD HEM O . 20.10 14.67 5.71
C1A HEM O . 15.51 11.78 5.50
C2A HEM O . 14.58 10.68 5.41
C3A HEM O . 14.65 10.00 6.57
C4A HEM O . 15.61 10.65 7.41
CMA HEM O . 13.87 8.74 6.95
CAA HEM O . 13.68 10.38 4.19
CBA HEM O . 14.46 9.49 3.22
CGA HEM O . 13.60 9.00 2.08
O1A HEM O . 14.13 8.88 0.95
O2A HEM O . 12.39 8.71 2.29
C1B HEM O . 16.86 10.87 9.49
C2B HEM O . 17.18 10.50 10.86
C3B HEM O . 18.11 11.36 11.31
C4B HEM O . 18.42 12.28 10.22
CMB HEM O . 16.51 9.34 11.62
CAB HEM O . 18.81 11.42 12.67
CBB HEM O . 19.04 10.32 13.41
C1C HEM O . 19.96 13.82 9.16
C2C HEM O . 21.29 14.39 9.07
C3C HEM O . 21.51 14.77 7.80
C4C HEM O . 20.31 14.43 7.05
CMC HEM O . 22.23 14.54 10.29
CAC HEM O . 22.76 15.40 7.16
CBC HEM O . 24.00 15.10 7.62
C1D HEM O . 18.97 14.33 5.01
C2D HEM O . 18.76 14.69 3.63
C3D HEM O . 17.43 14.09 3.27
C4D HEM O . 16.95 13.40 4.43
CMD HEM O . 19.65 15.53 2.72
CAD HEM O . 16.77 14.19 1.90
CBD HEM O . 17.48 13.23 0.94
CGD HEM O . 16.86 13.46 -0.42
O1D HEM O . 16.14 12.55 -0.92
O2D HEM O . 17.09 14.57 -0.97
NA HEM O . 16.13 11.74 6.74
NB HEM O . 17.64 11.95 9.12
NC HEM O . 19.40 13.85 7.90
ND HEM O . 17.88 13.57 5.45
FE HEM O . 17.73 12.80 7.30
C1 BTB P . 17.73 -7.16 -16.15
O1 BTB P . 17.10 -7.37 -17.37
C2 BTB P . 18.80 -6.12 -16.32
C3 BTB P . 19.52 -5.92 -15.01
O3 BTB P . 19.98 -7.14 -14.50
C4 BTB P . 19.73 -6.50 -17.42
O4 BTB P . 20.88 -7.14 -16.97
N BTB P . 18.19 -4.84 -16.72
C5 BTB P . 19.23 -3.84 -16.89
C6 BTB P . 19.03 -3.09 -18.18
O6 BTB P . 18.34 -3.91 -19.09
C7 BTB P . 17.23 -4.38 -15.75
C8 BTB P . 15.89 -4.30 -16.42
O8 BTB P . 14.96 -3.65 -15.59
PA NDP Q . 37.58 28.63 11.02
O1A NDP Q . 37.87 30.09 11.03
O2A NDP Q . 38.76 27.86 10.52
O5B NDP Q . 36.29 28.41 10.10
C5B NDP Q . 35.08 29.07 10.40
C4B NDP Q . 34.02 28.59 9.42
O4B NDP Q . 32.81 29.32 9.60
C3B NDP Q . 34.48 28.80 7.99
O3B NDP Q . 34.27 27.63 7.22
C2B NDP Q . 33.61 29.94 7.51
O2B NDP Q . 33.39 29.99 6.12
C1B NDP Q . 32.36 29.70 8.32
N9A NDP Q . 31.44 30.86 8.31
C8A NDP Q . 31.71 32.14 7.93
N7A NDP Q . 30.57 32.87 8.07
C5A NDP Q . 29.60 32.05 8.55
C6A NDP Q . 28.25 32.28 8.88
N6A NDP Q . 27.69 33.44 8.60
N1A NDP Q . 27.50 31.22 9.36
C2A NDP Q . 28.06 29.97 9.49
N3A NDP Q . 29.38 29.75 9.17
C4A NDP Q . 30.13 30.78 8.70
O3 NDP Q . 37.09 28.21 12.51
PN NDP Q . 36.76 26.69 12.98
O1N NDP Q . 37.55 26.45 14.21
O2N NDP Q . 36.87 25.74 11.84
O5D NDP Q . 35.22 26.76 13.45
C5D NDP Q . 34.80 27.89 14.18
C4D NDP Q . 33.28 27.97 14.09
O4D NDP Q . 32.86 28.06 12.74
C3D NDP Q . 32.69 26.70 14.67
O3D NDP Q . 32.42 26.87 16.05
C2D NDP Q . 31.46 26.47 13.80
O2D NDP Q . 30.33 27.01 14.41
C1D NDP Q . 31.70 27.26 12.53
N1N NDP Q . 31.88 26.38 11.36
C2N NDP Q . 32.74 25.32 11.46
C3N NDP Q . 33.03 24.51 10.38
C7N NDP Q . 33.99 23.39 10.62
O7N NDP Q . 33.88 22.21 9.87
N7N NDP Q . 34.92 23.51 11.56
C4N NDP Q . 32.42 24.73 9.02
C5N NDP Q . 31.50 25.92 9.03
C6N NDP Q . 31.26 26.67 10.18
P2B NDP Q . 34.32 30.92 5.18
O1X NDP Q . 34.31 32.34 5.73
O2X NDP Q . 35.73 30.37 5.15
O3X NDP Q . 33.76 30.93 3.78
N NO R . 16.89 14.10 7.73
O NO R . 16.48 14.86 8.39
CHA HEM S . -10.13 -13.78 -11.68
CHB HEM S . -13.86 -10.70 -11.24
CHC HEM S . -16.68 -13.90 -13.54
CHD HEM S . -12.71 -16.05 -15.15
C1A HEM S . -10.89 -12.68 -11.34
C2A HEM S . -10.41 -11.48 -10.67
C3A HEM S . -11.46 -10.65 -10.57
C4A HEM S . -12.61 -11.27 -11.16
CMA HEM S . -11.47 -9.24 -9.95
CAA HEM S . -8.98 -11.26 -10.18
CBA HEM S . -8.17 -10.65 -11.32
CGA HEM S . -6.78 -10.23 -10.87
O1A HEM S . -5.85 -10.39 -11.69
O2A HEM S . -6.59 -9.75 -9.73
C1B HEM S . -14.98 -11.30 -11.79
C2B HEM S . -16.32 -10.77 -11.80
C3B HEM S . -17.11 -11.68 -12.41
C4B HEM S . -16.27 -12.77 -12.85
CMB HEM S . -16.72 -9.42 -11.15
CAB HEM S . -18.62 -11.62 -12.72
CBB HEM S . -19.28 -10.47 -12.87
C1C HEM S . -15.85 -14.67 -14.30
C2C HEM S . -16.20 -15.42 -15.50
C3C HEM S . -15.08 -16.01 -15.94
C4C HEM S . -14.00 -15.63 -15.05
CMC HEM S . -17.65 -15.49 -16.08
CAC HEM S . -14.85 -16.91 -17.19
CBC HEM S . -15.58 -16.77 -18.29
C1D HEM S . -11.66 -15.68 -14.32
C2D HEM S . -10.35 -16.26 -14.40
C3D HEM S . -9.54 -15.57 -13.33
C4D HEM S . -10.46 -14.64 -12.71
CMD HEM S . -9.85 -17.34 -15.36
CAD HEM S . -8.06 -15.82 -13.04
CBD HEM S . -7.26 -15.10 -14.13
CGD HEM S . -5.83 -15.46 -13.88
O1D HEM S . -5.04 -14.57 -13.50
O2D HEM S . -5.49 -16.65 -14.03
NA HEM S . -12.23 -12.52 -11.63
NB HEM S . -14.98 -12.52 -12.44
NC HEM S . -14.50 -14.81 -14.06
ND HEM S . -11.70 -14.73 -13.31
FE HEM S . -13.35 -13.68 -12.83
PA NDP T . -24.27 -31.19 -28.06
O1A NDP T . -24.57 -32.64 -28.00
O2A NDP T . -23.96 -30.74 -29.44
O5B NDP T . -23.04 -30.89 -27.07
C5B NDP T . -23.02 -31.44 -25.77
C4B NDP T . -21.75 -30.94 -25.11
O4B NDP T . -21.68 -31.41 -23.77
C3B NDP T . -20.51 -31.42 -25.85
O3B NDP T . -19.60 -30.35 -26.01
C2B NDP T . -19.96 -32.47 -24.92
O2B NDP T . -18.57 -32.71 -25.03
C1B NDP T . -20.38 -31.94 -23.56
N9A NDP T . -20.32 -32.95 -22.49
C8A NDP T . -20.25 -34.33 -22.64
N7A NDP T . -20.20 -34.88 -21.40
C5A NDP T . -20.24 -33.88 -20.48
C6A NDP T . -20.23 -33.90 -19.09
N6A NDP T . -19.86 -35.01 -18.45
N1A NDP T . -20.29 -32.71 -18.39
C2A NDP T . -20.36 -31.51 -19.09
N3A NDP T . -20.37 -31.50 -20.46
C4A NDP T . -20.32 -32.68 -21.14
O3 NDP T . -25.54 -30.41 -27.40
PN NDP T . -25.66 -28.81 -27.21
O1N NDP T . -24.46 -28.14 -27.78
O2N NDP T . -27.03 -28.42 -27.63
O5D NDP T . -25.66 -28.63 -25.61
C5D NDP T . -26.36 -29.57 -24.81
C4D NDP T . -25.88 -29.49 -23.37
O4D NDP T . -24.49 -29.76 -23.29
C3D NDP T . -26.10 -28.09 -22.83
O3D NDP T . -27.35 -28.00 -22.16
C2D NDP T . -24.90 -27.85 -21.92
O2D NDP T . -25.27 -28.13 -20.60
C1D NDP T . -23.87 -28.88 -22.35
N1N NDP T . -22.70 -28.19 -22.95
C2N NDP T . -22.92 -27.26 -23.91
C3N NDP T . -21.88 -26.68 -24.64
C7N NDP T . -22.23 -25.67 -25.67
O7N NDP T . -21.29 -24.69 -26.01
N7N NDP T . -23.43 -25.69 -26.24
C4N NDP T . -20.42 -27.05 -24.37
C5N NDP T . -20.30 -28.08 -23.29
C6N NDP T . -21.42 -28.59 -22.63
P2B NDP T . -18.05 -33.86 -26.03
O1X NDP T . -18.66 -35.19 -25.63
O2X NDP T . -18.40 -33.49 -27.45
O3X NDP T . -16.54 -33.92 -25.89
C1 BTB U . 11.84 0.90 -24.28
O1 BTB U . 11.40 1.97 -25.05
C2 BTB U . 11.09 0.84 -22.98
C3 BTB U . 11.36 2.04 -22.14
O3 BTB U . 12.73 2.35 -22.21
C4 BTB U . 9.62 0.68 -23.23
O4 BTB U . 9.06 1.90 -23.64
N BTB U . 11.56 -0.37 -22.27
C5 BTB U . 11.43 -1.50 -23.17
C6 BTB U . 12.58 -2.46 -22.96
O6 BTB U . 13.77 -1.74 -22.89
C7 BTB U . 10.72 -0.59 -21.11
C8 BTB U . 11.54 -0.62 -19.84
O8 BTB U . 12.87 -0.29 -20.12
N NO V . -13.71 -14.74 -11.49
O NO V . -14.43 -15.53 -11.14
#